data_1D5D
# 
_entry.id   1D5D 
# 
_audit_conform.dict_name       mmcif_pdbx.dic 
_audit_conform.dict_version    5.403 
_audit_conform.dict_location   http://mmcif.pdb.org/dictionaries/ascii/mmcif_pdbx.dic 
# 
loop_
_database_2.database_id 
_database_2.database_code 
_database_2.pdbx_database_accession 
_database_2.pdbx_DOI 
PDB   1D5D         pdb_00001d5d 10.2210/pdb1d5d/pdb 
RCSB  RCSB009803   ?            ?                   
WWPDB D_1000009803 ?            ?                   
# 
loop_
_pdbx_audit_revision_history.ordinal 
_pdbx_audit_revision_history.data_content_type 
_pdbx_audit_revision_history.major_revision 
_pdbx_audit_revision_history.minor_revision 
_pdbx_audit_revision_history.revision_date 
_pdbx_audit_revision_history.part_number 
1 'Structure model' 1 0 1999-10-20 ? 
2 'Structure model' 1 1 2008-04-27 ? 
3 'Structure model' 1 2 2011-07-13 ? 
4 'Structure model' 1 3 2017-10-04 ? 
5 'Structure model' 1 4 2018-01-24 ? 
6 'Structure model' 1 5 2018-01-31 ? 
7 'Structure model' 1 6 2018-03-14 ? 
8 'Structure model' 1 7 2025-03-26 ? 
# 
_pdbx_audit_revision_details.ordinal             1 
_pdbx_audit_revision_details.revision_ordinal    1 
_pdbx_audit_revision_details.data_content_type   'Structure model' 
_pdbx_audit_revision_details.provider            repository 
_pdbx_audit_revision_details.type                'Initial release' 
_pdbx_audit_revision_details.description         ? 
_pdbx_audit_revision_details.details             ? 
# 
loop_
_pdbx_audit_revision_group.ordinal 
_pdbx_audit_revision_group.revision_ordinal 
_pdbx_audit_revision_group.data_content_type 
_pdbx_audit_revision_group.group 
1  2 'Structure model' 'Version format compliance' 
2  3 'Structure model' 'Version format compliance' 
3  4 'Structure model' 'Refinement description'    
4  5 'Structure model' 'Database references'       
5  6 'Structure model' 'Experimental preparation'  
6  7 'Structure model' 'Database references'       
7  8 'Structure model' 'Data collection'           
8  8 'Structure model' 'Database references'       
9  8 'Structure model' 'Derived calculations'      
10 8 'Structure model' 'Structure summary'         
# 
loop_
_pdbx_audit_revision_category.ordinal 
_pdbx_audit_revision_category.revision_ordinal 
_pdbx_audit_revision_category.data_content_type 
_pdbx_audit_revision_category.category 
1  4 'Structure model' software                  
2  5 'Structure model' citation_author           
3  6 'Structure model' exptl_crystal_grow        
4  7 'Structure model' struct_ref_seq_dif        
5  8 'Structure model' chem_comp_atom            
6  8 'Structure model' chem_comp_bond            
7  8 'Structure model' database_2                
8  8 'Structure model' pdbx_entry_details        
9  8 'Structure model' pdbx_modification_feature 
10 8 'Structure model' struct_conn               
11 8 'Structure model' struct_ref_seq_dif        
12 8 'Structure model' struct_site               
# 
loop_
_pdbx_audit_revision_item.ordinal 
_pdbx_audit_revision_item.revision_ordinal 
_pdbx_audit_revision_item.data_content_type 
_pdbx_audit_revision_item.item 
1  5 'Structure model' '_citation_author.name'               
2  6 'Structure model' '_exptl_crystal_grow.temp'            
3  7 'Structure model' '_struct_ref_seq_dif.details'         
4  8 'Structure model' '_database_2.pdbx_DOI'                
5  8 'Structure model' '_database_2.pdbx_database_accession' 
6  8 'Structure model' '_struct_conn.pdbx_leaving_atom_flag' 
7  8 'Structure model' '_struct_ref_seq_dif.details'         
8  8 'Structure model' '_struct_site.pdbx_auth_asym_id'      
9  8 'Structure model' '_struct_site.pdbx_auth_comp_id'      
10 8 'Structure model' '_struct_site.pdbx_auth_seq_id'       
# 
_pdbx_database_status.status_code                     REL 
_pdbx_database_status.entry_id                        1D5D 
_pdbx_database_status.recvd_initial_deposition_date   1999-10-07 
_pdbx_database_status.deposit_site                    RCSB 
_pdbx_database_status.process_site                    RCSB 
_pdbx_database_status.status_code_sf                  REL 
_pdbx_database_status.status_code_mr                  ? 
_pdbx_database_status.SG_entry                        ? 
_pdbx_database_status.pdb_format_compatible           Y 
_pdbx_database_status.status_code_cs                  ? 
_pdbx_database_status.methods_development_category    ? 
_pdbx_database_status.status_code_nmr_data            ? 
# 
loop_
_pdbx_database_related.db_name 
_pdbx_database_related.db_id 
_pdbx_database_related.details 
_pdbx_database_related.content_type 
PDB 1RBH 'CONTROL STRUCTURE, RNASE S15 (M13L)' unspecified 
PDB 1D5E 'RELATED STUDY'                       unspecified 
PDB 1D5H 'RELATED STUDY'                       unspecified 
# 
loop_
_audit_author.name 
_audit_author.pdbx_ordinal 
'Ratnaparkhi, G.S.' 1 
'Varadarajan, R.'   2 
# 
loop_
_citation.id 
_citation.title 
_citation.journal_abbrev 
_citation.journal_volume 
_citation.page_first 
_citation.page_last 
_citation.year 
_citation.journal_id_ASTM 
_citation.country 
_citation.journal_id_ISSN 
_citation.journal_id_CSD 
_citation.book_publisher 
_citation.pdbx_database_id_PubMed 
_citation.pdbx_database_id_DOI 
primary 
;Thermodynamic and structural studies of cavity formation in proteins suggest that loss of packing interactions rather than the hydrophobic effect dominates the observed energetics.
;
Biochemistry                      39 12365 12374 2000 BICHAW US 0006-2960 0033 ? 11015216 10.1021/bi000775k 
1       'X-ray crystallographic studies of the denaturation of ribonuclease S' 'Proteins: Struct.,Funct.,Genet.' 36 282   294   
1999 PSFGEY US 0887-3585 0867 ? ?        '10.1002/(SICI)1097-0134(19990815)36:3<282::AID-PROT3>3.3.CO;2-6' 
2       'Crystallographic structures of ribonuclease S variants with nonpolar substitution at position 13: packing and cavities' 
Biochemistry                      31 12315 12327 1992 BICHAW US 0006-2960 0033 ? ?        ? 
3       
'Thermodynamic and structural consequences of changing a sulfur atom to a methylene group in the M13Nle mutation in ribonuclease-S' 
Biochemistry                      33 8587  8593  1994 BICHAW US 0006-2960 0033 ? ?        ? 
# 
loop_
_citation_author.citation_id 
_citation_author.name 
_citation_author.ordinal 
_citation_author.identifier_ORCID 
primary 'Ratnaparkhi, G.S.' 1  ? 
primary 'Varadarajan, R.'   2  ? 
1       'Ratnaparkhi, G.S.' 3  ? 
1       'Varadarajan, R.'   4  ? 
2       'Varadarajan, R.'   5  ? 
2       'Richards, F.M.'    6  ? 
3       'Thomson, J.'       7  ? 
3       'Ratnaparkhi, G.S.' 8  ? 
3       'Varadarajan, R.'   9  ? 
3       'Sturtevant, J.M.'  10 ? 
3       'Richards, F.M.'    11 ? 
# 
loop_
_entity.id 
_entity.type 
_entity.src_method 
_entity.pdbx_description 
_entity.formula_weight 
_entity.pdbx_number_of_molecules 
_entity.pdbx_ec 
_entity.pdbx_mutation 
_entity.pdbx_fragment 
_entity.details 
1 polymer     syn 'S PEPTIDE'   1717.943  1  ? F8M 'RESIDUES 1-15'   SYNTHETIC 
2 polymer     nat 'RNASE S'     11294.749 1  ? ?   'RESIDUES 21-124' ?         
3 non-polymer syn 'SULFATE ION' 96.063    1  ? ?   ?                 ?         
4 water       nat water         18.015    46 ? ?   ?                 ?         
# 
loop_
_entity_poly.entity_id 
_entity_poly.type 
_entity_poly.nstd_linkage 
_entity_poly.nstd_monomer 
_entity_poly.pdbx_seq_one_letter_code 
_entity_poly.pdbx_seq_one_letter_code_can 
_entity_poly.pdbx_strand_id 
_entity_poly.pdbx_target_identifier 
1 'polypeptide(L)' no yes 'KETAAAKMERQHLD(SET)'                                                                                    
KETAAAKMERQHLDS                                                                                          A ? 
2 'polypeptide(L)' no no  
;NYCNQMMKSRNLTKDRCKPVNTFVHESLADVQAVCSQKNVACKNGQTNCYQSYSTMSITDCRETGSSKYPNCAYKTTQAN
KHIIVACEGNPYVPVHFDASV
;
;NYCNQMMKSRNLTKDRCKPVNTFVHESLADVQAVCSQKNVACKNGQTNCYQSYSTMSITDCRETGSSKYPNCAYKTTQAN
KHIIVACEGNPYVPVHFDASV
;
B ? 
# 
loop_
_pdbx_entity_nonpoly.entity_id 
_pdbx_entity_nonpoly.name 
_pdbx_entity_nonpoly.comp_id 
3 'SULFATE ION' SO4 
4 water         HOH 
# 
loop_
_entity_poly_seq.entity_id 
_entity_poly_seq.num 
_entity_poly_seq.mon_id 
_entity_poly_seq.hetero 
1 1   LYS n 
1 2   GLU n 
1 3   THR n 
1 4   ALA n 
1 5   ALA n 
1 6   ALA n 
1 7   LYS n 
1 8   MET n 
1 9   GLU n 
1 10  ARG n 
1 11  GLN n 
1 12  HIS n 
1 13  LEU n 
1 14  ASP n 
1 15  SET n 
2 1   ASN n 
2 2   TYR n 
2 3   CYS n 
2 4   ASN n 
2 5   GLN n 
2 6   MET n 
2 7   MET n 
2 8   LYS n 
2 9   SER n 
2 10  ARG n 
2 11  ASN n 
2 12  LEU n 
2 13  THR n 
2 14  LYS n 
2 15  ASP n 
2 16  ARG n 
2 17  CYS n 
2 18  LYS n 
2 19  PRO n 
2 20  VAL n 
2 21  ASN n 
2 22  THR n 
2 23  PHE n 
2 24  VAL n 
2 25  HIS n 
2 26  GLU n 
2 27  SER n 
2 28  LEU n 
2 29  ALA n 
2 30  ASP n 
2 31  VAL n 
2 32  GLN n 
2 33  ALA n 
2 34  VAL n 
2 35  CYS n 
2 36  SER n 
2 37  GLN n 
2 38  LYS n 
2 39  ASN n 
2 40  VAL n 
2 41  ALA n 
2 42  CYS n 
2 43  LYS n 
2 44  ASN n 
2 45  GLY n 
2 46  GLN n 
2 47  THR n 
2 48  ASN n 
2 49  CYS n 
2 50  TYR n 
2 51  GLN n 
2 52  SER n 
2 53  TYR n 
2 54  SER n 
2 55  THR n 
2 56  MET n 
2 57  SER n 
2 58  ILE n 
2 59  THR n 
2 60  ASP n 
2 61  CYS n 
2 62  ARG n 
2 63  GLU n 
2 64  THR n 
2 65  GLY n 
2 66  SER n 
2 67  SER n 
2 68  LYS n 
2 69  TYR n 
2 70  PRO n 
2 71  ASN n 
2 72  CYS n 
2 73  ALA n 
2 74  TYR n 
2 75  LYS n 
2 76  THR n 
2 77  THR n 
2 78  GLN n 
2 79  ALA n 
2 80  ASN n 
2 81  LYS n 
2 82  HIS n 
2 83  ILE n 
2 84  ILE n 
2 85  VAL n 
2 86  ALA n 
2 87  CYS n 
2 88  GLU n 
2 89  GLY n 
2 90  ASN n 
2 91  PRO n 
2 92  TYR n 
2 93  VAL n 
2 94  PRO n 
2 95  VAL n 
2 96  HIS n 
2 97  PHE n 
2 98  ASP n 
2 99  ALA n 
2 100 SER n 
2 101 VAL n 
# 
_entity_src_nat.entity_id                  2 
_entity_src_nat.pdbx_src_id                1 
_entity_src_nat.pdbx_alt_source_flag       sample 
_entity_src_nat.pdbx_beg_seq_num           ? 
_entity_src_nat.pdbx_end_seq_num           ? 
_entity_src_nat.common_name                cattle 
_entity_src_nat.pdbx_organism_scientific   'Bos taurus' 
_entity_src_nat.pdbx_ncbi_taxonomy_id      9913 
_entity_src_nat.genus                      Bos 
_entity_src_nat.species                    ? 
_entity_src_nat.strain                     ? 
_entity_src_nat.tissue                     ? 
_entity_src_nat.tissue_fraction            ? 
_entity_src_nat.pdbx_secretion             ? 
_entity_src_nat.pdbx_fragment              ? 
_entity_src_nat.pdbx_variant               ? 
_entity_src_nat.pdbx_cell_line             ? 
_entity_src_nat.pdbx_atcc                  ? 
_entity_src_nat.pdbx_cellular_location     ? 
_entity_src_nat.pdbx_organ                 ? 
_entity_src_nat.pdbx_organelle             ? 
_entity_src_nat.pdbx_cell                  ? 
_entity_src_nat.pdbx_plasmid_name          ? 
_entity_src_nat.pdbx_plasmid_details       ? 
_entity_src_nat.details                    'DERIEVED FROM A LIMIT DIGEST OF BOVINE PANCREATIC RNASE A' 
# 
_pdbx_entity_src_syn.entity_id              1 
_pdbx_entity_src_syn.pdbx_src_id            1 
_pdbx_entity_src_syn.pdbx_alt_source_flag   sample 
_pdbx_entity_src_syn.pdbx_beg_seq_num       ? 
_pdbx_entity_src_syn.pdbx_end_seq_num       ? 
_pdbx_entity_src_syn.organism_scientific    ? 
_pdbx_entity_src_syn.organism_common_name   ? 
_pdbx_entity_src_syn.ncbi_taxonomy_id       ? 
_pdbx_entity_src_syn.details                'S15 PEPTIDE SYNTHESIZED BY SOLID PHASE PEPTIDE SYNTHESIS' 
# 
loop_
_chem_comp.id 
_chem_comp.type 
_chem_comp.mon_nstd_flag 
_chem_comp.name 
_chem_comp.pdbx_synonyms 
_chem_comp.formula 
_chem_comp.formula_weight 
ALA 'L-peptide linking' y ALANINE         ? 'C3 H7 N O2'     89.093  
ARG 'L-peptide linking' y ARGININE        ? 'C6 H15 N4 O2 1' 175.209 
ASN 'L-peptide linking' y ASPARAGINE      ? 'C4 H8 N2 O3'    132.118 
ASP 'L-peptide linking' y 'ASPARTIC ACID' ? 'C4 H7 N O4'     133.103 
CYS 'L-peptide linking' y CYSTEINE        ? 'C3 H7 N O2 S'   121.158 
GLN 'L-peptide linking' y GLUTAMINE       ? 'C5 H10 N2 O3'   146.144 
GLU 'L-peptide linking' y 'GLUTAMIC ACID' ? 'C5 H9 N O4'     147.129 
GLY 'peptide linking'   y GLYCINE         ? 'C2 H5 N O2'     75.067  
HIS 'L-peptide linking' y HISTIDINE       ? 'C6 H10 N3 O2 1' 156.162 
HOH non-polymer         . WATER           ? 'H2 O'           18.015  
ILE 'L-peptide linking' y ISOLEUCINE      ? 'C6 H13 N O2'    131.173 
LEU 'L-peptide linking' y LEUCINE         ? 'C6 H13 N O2'    131.173 
LYS 'L-peptide linking' y LYSINE          ? 'C6 H15 N2 O2 1' 147.195 
MET 'L-peptide linking' y METHIONINE      ? 'C5 H11 N O2 S'  149.211 
PHE 'L-peptide linking' y PHENYLALANINE   ? 'C9 H11 N O2'    165.189 
PRO 'L-peptide linking' y PROLINE         ? 'C5 H9 N O2'     115.130 
SER 'L-peptide linking' y SERINE          ? 'C3 H7 N O3'     105.093 
SET 'L-peptide linking' n AMINOSERINE     ? 'C3 H8 N2 O2'    104.108 
SO4 non-polymer         . 'SULFATE ION'   ? 'O4 S -2'        96.063  
THR 'L-peptide linking' y THREONINE       ? 'C4 H9 N O3'     119.119 
TYR 'L-peptide linking' y TYROSINE        ? 'C9 H11 N O3'    181.189 
VAL 'L-peptide linking' y VALINE          ? 'C5 H11 N O2'    117.146 
# 
loop_
_pdbx_poly_seq_scheme.asym_id 
_pdbx_poly_seq_scheme.entity_id 
_pdbx_poly_seq_scheme.seq_id 
_pdbx_poly_seq_scheme.mon_id 
_pdbx_poly_seq_scheme.ndb_seq_num 
_pdbx_poly_seq_scheme.pdb_seq_num 
_pdbx_poly_seq_scheme.auth_seq_num 
_pdbx_poly_seq_scheme.pdb_mon_id 
_pdbx_poly_seq_scheme.auth_mon_id 
_pdbx_poly_seq_scheme.pdb_strand_id 
_pdbx_poly_seq_scheme.pdb_ins_code 
_pdbx_poly_seq_scheme.hetero 
A 1 1   LYS 1   1   1   LYS LYS A . n 
A 1 2   GLU 2   2   2   GLU GLU A . n 
A 1 3   THR 3   3   3   THR THR A . n 
A 1 4   ALA 4   4   4   ALA ALA A . n 
A 1 5   ALA 5   5   5   ALA ALA A . n 
A 1 6   ALA 6   6   6   ALA ALA A . n 
A 1 7   LYS 7   7   7   LYS LYS A . n 
A 1 8   MET 8   8   8   MET MET A . n 
A 1 9   GLU 9   9   9   GLU GLU A . n 
A 1 10  ARG 10  10  10  ARG ARG A . n 
A 1 11  GLN 11  11  11  GLN GLN A . n 
A 1 12  HIS 12  12  12  HIS HIS A . n 
A 1 13  LEU 13  13  13  LEU LEU A . n 
A 1 14  ASP 14  14  14  ASP ASP A . n 
A 1 15  SET 15  15  15  SET SET A . n 
B 2 1   ASN 1   24  24  ASN ASN B . n 
B 2 2   TYR 2   25  25  TYR TYR B . n 
B 2 3   CYS 3   26  26  CYS CYS B . n 
B 2 4   ASN 4   27  27  ASN ASN B . n 
B 2 5   GLN 5   28  28  GLN GLN B . n 
B 2 6   MET 6   29  29  MET MET B . n 
B 2 7   MET 7   30  30  MET MET B . n 
B 2 8   LYS 8   31  31  LYS LYS B . n 
B 2 9   SER 9   32  32  SER SER B . n 
B 2 10  ARG 10  33  33  ARG ARG B . n 
B 2 11  ASN 11  34  34  ASN ASN B . n 
B 2 12  LEU 12  35  35  LEU LEU B . n 
B 2 13  THR 13  36  36  THR THR B . n 
B 2 14  LYS 14  37  37  LYS LYS B . n 
B 2 15  ASP 15  38  38  ASP ASP B . n 
B 2 16  ARG 16  39  39  ARG ARG B . n 
B 2 17  CYS 17  40  40  CYS CYS B . n 
B 2 18  LYS 18  41  41  LYS LYS B . n 
B 2 19  PRO 19  42  42  PRO PRO B . n 
B 2 20  VAL 20  43  43  VAL VAL B . n 
B 2 21  ASN 21  44  44  ASN ASN B . n 
B 2 22  THR 22  45  45  THR THR B . n 
B 2 23  PHE 23  46  46  PHE PHE B . n 
B 2 24  VAL 24  47  47  VAL VAL B . n 
B 2 25  HIS 25  48  48  HIS HIS B . n 
B 2 26  GLU 26  49  49  GLU GLU B . n 
B 2 27  SER 27  50  50  SER SER B . n 
B 2 28  LEU 28  51  51  LEU LEU B . n 
B 2 29  ALA 29  52  52  ALA ALA B . n 
B 2 30  ASP 30  53  53  ASP ASP B . n 
B 2 31  VAL 31  54  54  VAL VAL B . n 
B 2 32  GLN 32  55  55  GLN GLN B . n 
B 2 33  ALA 33  56  56  ALA ALA B . n 
B 2 34  VAL 34  57  57  VAL VAL B . n 
B 2 35  CYS 35  58  58  CYS CYS B . n 
B 2 36  SER 36  59  59  SER SER B . n 
B 2 37  GLN 37  60  60  GLN GLN B . n 
B 2 38  LYS 38  61  61  LYS LYS B . n 
B 2 39  ASN 39  62  62  ASN ASN B . n 
B 2 40  VAL 40  63  63  VAL VAL B . n 
B 2 41  ALA 41  64  64  ALA ALA B . n 
B 2 42  CYS 42  65  65  CYS CYS B . n 
B 2 43  LYS 43  66  66  LYS LYS B . n 
B 2 44  ASN 44  67  67  ASN ASN B . n 
B 2 45  GLY 45  68  68  GLY GLY B . n 
B 2 46  GLN 46  69  69  GLN GLN B . n 
B 2 47  THR 47  70  70  THR THR B . n 
B 2 48  ASN 48  71  71  ASN ASN B . n 
B 2 49  CYS 49  72  72  CYS CYS B . n 
B 2 50  TYR 50  73  73  TYR TYR B . n 
B 2 51  GLN 51  74  74  GLN GLN B . n 
B 2 52  SER 52  75  75  SER SER B . n 
B 2 53  TYR 53  76  76  TYR TYR B . n 
B 2 54  SER 54  77  77  SER SER B . n 
B 2 55  THR 55  78  78  THR THR B . n 
B 2 56  MET 56  79  79  MET MET B . n 
B 2 57  SER 57  80  80  SER SER B . n 
B 2 58  ILE 58  81  81  ILE ILE B . n 
B 2 59  THR 59  82  82  THR THR B . n 
B 2 60  ASP 60  83  83  ASP ASP B . n 
B 2 61  CYS 61  84  84  CYS CYS B . n 
B 2 62  ARG 62  85  85  ARG ARG B . n 
B 2 63  GLU 63  86  86  GLU GLU B . n 
B 2 64  THR 64  87  87  THR THR B . n 
B 2 65  GLY 65  88  88  GLY GLY B . n 
B 2 66  SER 66  89  89  SER SER B . n 
B 2 67  SER 67  90  90  SER SER B . n 
B 2 68  LYS 68  91  91  LYS LYS B . n 
B 2 69  TYR 69  92  92  TYR TYR B . n 
B 2 70  PRO 70  93  93  PRO PRO B . n 
B 2 71  ASN 71  94  94  ASN ASN B . n 
B 2 72  CYS 72  95  95  CYS CYS B . n 
B 2 73  ALA 73  96  96  ALA ALA B . n 
B 2 74  TYR 74  97  97  TYR TYR B . n 
B 2 75  LYS 75  98  98  LYS LYS B . n 
B 2 76  THR 76  99  99  THR THR B . n 
B 2 77  THR 77  100 100 THR THR B . n 
B 2 78  GLN 78  101 101 GLN GLN B . n 
B 2 79  ALA 79  102 102 ALA ALA B . n 
B 2 80  ASN 80  103 103 ASN ASN B . n 
B 2 81  LYS 81  104 104 LYS LYS B . n 
B 2 82  HIS 82  105 105 HIS HIS B . n 
B 2 83  ILE 83  106 106 ILE ILE B . n 
B 2 84  ILE 84  107 107 ILE ILE B . n 
B 2 85  VAL 85  108 108 VAL VAL B . n 
B 2 86  ALA 86  109 109 ALA ALA B . n 
B 2 87  CYS 87  110 110 CYS CYS B . n 
B 2 88  GLU 88  111 111 GLU GLU B . n 
B 2 89  GLY 89  112 112 GLY GLY B . n 
B 2 90  ASN 90  113 113 ASN ASN B . n 
B 2 91  PRO 91  114 114 PRO PRO B . n 
B 2 92  TYR 92  115 115 TYR TYR B . n 
B 2 93  VAL 93  116 116 VAL VAL B . n 
B 2 94  PRO 94  117 117 PRO PRO B . n 
B 2 95  VAL 95  118 118 VAL VAL B . n 
B 2 96  HIS 96  119 119 HIS HIS B . n 
B 2 97  PHE 97  120 120 PHE PHE B . n 
B 2 98  ASP 98  121 121 ASP ASP B . n 
B 2 99  ALA 99  122 122 ALA ALA B . n 
B 2 100 SER 100 123 123 SER SER B . n 
B 2 101 VAL 101 124 124 VAL VAL B . n 
# 
loop_
_pdbx_nonpoly_scheme.asym_id 
_pdbx_nonpoly_scheme.entity_id 
_pdbx_nonpoly_scheme.mon_id 
_pdbx_nonpoly_scheme.ndb_seq_num 
_pdbx_nonpoly_scheme.pdb_seq_num 
_pdbx_nonpoly_scheme.auth_seq_num 
_pdbx_nonpoly_scheme.pdb_mon_id 
_pdbx_nonpoly_scheme.auth_mon_id 
_pdbx_nonpoly_scheme.pdb_strand_id 
_pdbx_nonpoly_scheme.pdb_ins_code 
C 3 SO4 1  125 125 SO4 SO4 B . 
D 4 HOH 1  202 202 HOH HOH A . 
D 4 HOH 2  218 218 HOH HOH A . 
D 4 HOH 3  222 222 HOH HOH A . 
D 4 HOH 4  223 223 HOH HOH A . 
D 4 HOH 5  227 227 HOH HOH A . 
D 4 HOH 6  230 230 HOH HOH A . 
D 4 HOH 7  236 236 HOH HOH A . 
D 4 HOH 8  247 247 HOH HOH A . 
D 4 HOH 9  259 259 HOH HOH A . 
E 4 HOH 1  201 201 HOH HOH B . 
E 4 HOH 2  203 203 HOH HOH B . 
E 4 HOH 3  205 205 HOH HOH B . 
E 4 HOH 4  206 206 HOH HOH B . 
E 4 HOH 5  207 207 HOH HOH B . 
E 4 HOH 6  209 209 HOH HOH B . 
E 4 HOH 7  210 210 HOH HOH B . 
E 4 HOH 8  211 211 HOH HOH B . 
E 4 HOH 9  212 212 HOH HOH B . 
E 4 HOH 10 213 213 HOH HOH B . 
E 4 HOH 11 214 214 HOH HOH B . 
E 4 HOH 12 215 215 HOH HOH B . 
E 4 HOH 13 216 216 HOH HOH B . 
E 4 HOH 14 217 217 HOH HOH B . 
E 4 HOH 15 220 220 HOH HOH B . 
E 4 HOH 16 221 221 HOH HOH B . 
E 4 HOH 17 225 225 HOH HOH B . 
E 4 HOH 18 226 226 HOH HOH B . 
E 4 HOH 19 228 228 HOH HOH B . 
E 4 HOH 20 231 231 HOH HOH B . 
E 4 HOH 21 232 232 HOH HOH B . 
E 4 HOH 22 233 233 HOH HOH B . 
E 4 HOH 23 235 235 HOH HOH B . 
E 4 HOH 24 237 237 HOH HOH B . 
E 4 HOH 25 239 239 HOH HOH B . 
E 4 HOH 26 240 240 HOH HOH B . 
E 4 HOH 27 241 241 HOH HOH B . 
E 4 HOH 28 243 243 HOH HOH B . 
E 4 HOH 29 245 245 HOH HOH B . 
E 4 HOH 30 250 250 HOH HOH B . 
E 4 HOH 31 252 252 HOH HOH B . 
E 4 HOH 32 255 255 HOH HOH B . 
E 4 HOH 33 257 257 HOH HOH B . 
E 4 HOH 34 260 260 HOH HOH B . 
E 4 HOH 35 262 262 HOH HOH B . 
E 4 HOH 36 263 263 HOH HOH B . 
E 4 HOH 37 304 304 HOH HOH B . 
# 
loop_
_software.name 
_software.classification 
_software.version 
_software.citation_id 
_software.pdbx_ordinal 
XDS     'data scaling'   .     ? 1 
AUTOMAR 'data reduction' .     ? 2 
X-PLOR  'model building' .     ? 3 
X-PLOR  refinement       3.851 ? 4 
XDS     'data reduction' .     ? 5 
X-PLOR  phasing          .     ? 6 
# 
_cell.entry_id           1D5D 
_cell.length_a           44.840 
_cell.length_b           44.840 
_cell.length_c           98.000 
_cell.angle_alpha        90.00 
_cell.angle_beta         90.00 
_cell.angle_gamma        120.00 
_cell.Z_PDB              6 
_cell.pdbx_unique_axis   ? 
_cell.length_a_esd       ? 
_cell.length_b_esd       ? 
_cell.length_c_esd       ? 
_cell.angle_alpha_esd    ? 
_cell.angle_beta_esd     ? 
_cell.angle_gamma_esd    ? 
# 
_symmetry.entry_id                         1D5D 
_symmetry.space_group_name_H-M             'P 31 2 1' 
_symmetry.pdbx_full_space_group_name_H-M   ? 
_symmetry.cell_setting                     ? 
_symmetry.Int_Tables_number                152 
_symmetry.space_group_name_Hall            ? 
# 
_exptl.entry_id          1D5D 
_exptl.method            'X-RAY DIFFRACTION' 
_exptl.crystals_number   1 
# 
_exptl_crystal.id                    1 
_exptl_crystal.density_meas          ? 
_exptl_crystal.density_Matthews      2.19 
_exptl_crystal.density_percent_sol   43.72 
_exptl_crystal.description           ? 
_exptl_crystal.F_000                 ? 
_exptl_crystal.preparation           ? 
# 
_exptl_crystal_grow.crystal_id      1 
_exptl_crystal_grow.method          'VAPOR DIFFUSION, SITTING DROP' 
_exptl_crystal_grow.temp            293.0 
_exptl_crystal_grow.temp_details    ? 
_exptl_crystal_grow.pH              5.75 
_exptl_crystal_grow.pdbx_details    
'3M CSCL, 35% AMMONIUM SULFATE. 0.1 M SODIUM ACETATE, pH 5.75, VAPOR DIFFUSION, SITTING DROP, temperature 20K' 
_exptl_crystal_grow.pdbx_pH_range   . 
# 
_diffrn.id                     1 
_diffrn.ambient_temp           293 
_diffrn.ambient_temp_details   ? 
_diffrn.crystal_id             1 
# 
_diffrn_detector.diffrn_id              1 
_diffrn_detector.detector               'IMAGE PLATE' 
_diffrn_detector.type                   MARRESEARCH 
_diffrn_detector.pdbx_collection_date   1999-08-26 
_diffrn_detector.details                ? 
# 
_diffrn_radiation.diffrn_id                        1 
_diffrn_radiation.wavelength_id                    1 
_diffrn_radiation.pdbx_monochromatic_or_laue_m_l   M 
_diffrn_radiation.monochromator                    ? 
_diffrn_radiation.pdbx_diffrn_protocol             'SINGLE WAVELENGTH' 
_diffrn_radiation.pdbx_scattering_type             x-ray 
# 
_diffrn_radiation_wavelength.id           1 
_diffrn_radiation_wavelength.wavelength   1.5418 
_diffrn_radiation_wavelength.wt           1.0 
# 
_diffrn_source.diffrn_id                   1 
_diffrn_source.source                      'ROTATING ANODE' 
_diffrn_source.type                        'RIGAKU RU200' 
_diffrn_source.pdbx_synchrotron_site       ? 
_diffrn_source.pdbx_synchrotron_beamline   ? 
_diffrn_source.pdbx_wavelength             1.5418 
_diffrn_source.pdbx_wavelength_list        ? 
# 
_reflns.entry_id                     1D5D 
_reflns.observed_criterion_sigma_I   1 
_reflns.observed_criterion_sigma_F   1 
_reflns.d_resolution_low             10 
_reflns.d_resolution_high            2.19 
_reflns.number_obs                   4958 
_reflns.number_all                   5293 
_reflns.percent_possible_obs         100 
_reflns.pdbx_Rmerge_I_obs            0.117 
_reflns.pdbx_Rsym_value              ? 
_reflns.pdbx_netI_over_sigmaI        20.18 
_reflns.B_iso_Wilson_estimate        26.9 
_reflns.pdbx_redundancy              11 
_reflns.R_free_details               ? 
_reflns.limit_h_max                  ? 
_reflns.limit_h_min                  ? 
_reflns.limit_k_max                  ? 
_reflns.limit_k_min                  ? 
_reflns.limit_l_max                  ? 
_reflns.limit_l_min                  ? 
_reflns.observed_criterion_F_max     ? 
_reflns.observed_criterion_F_min     ? 
_reflns.pdbx_chi_squared             ? 
_reflns.pdbx_scaling_rejects         ? 
_reflns.pdbx_diffrn_id               1 
_reflns.pdbx_ordinal                 1 
# 
_reflns_shell.d_res_high             2.19 
_reflns_shell.d_res_low              2.4 
_reflns_shell.percent_possible_all   100 
_reflns_shell.Rmerge_I_obs           0.42 
_reflns_shell.pdbx_Rsym_value        ? 
_reflns_shell.meanI_over_sigI_obs    ? 
_reflns_shell.pdbx_redundancy        11 
_reflns_shell.percent_possible_obs   ? 
_reflns_shell.number_unique_all      ? 
_reflns_shell.number_measured_all    ? 
_reflns_shell.number_measured_obs    ? 
_reflns_shell.number_unique_obs      ? 
_reflns_shell.pdbx_chi_squared       ? 
_reflns_shell.pdbx_diffrn_id         ? 
_reflns_shell.pdbx_ordinal           1 
# 
_refine.entry_id                                 1D5D 
_refine.ls_number_reflns_obs                     4492 
_refine.ls_number_reflns_all                     ? 
_refine.pdbx_ls_sigma_I                          ? 
_refine.pdbx_ls_sigma_F                          1.0 
_refine.pdbx_data_cutoff_high_absF               10000000.00 
_refine.pdbx_data_cutoff_low_absF                0.00 
_refine.pdbx_data_cutoff_high_rms_absF           ? 
_refine.ls_d_res_low                             10.00 
_refine.ls_d_res_high                            2.25 
_refine.ls_percent_reflns_obs                    78.7 
_refine.ls_R_factor_obs                          0.189 
_refine.ls_R_factor_all                          ? 
_refine.ls_R_factor_R_work                       0.189 
_refine.ls_R_factor_R_free                       0.218 
_refine.ls_R_factor_R_free_error                 0.010 
_refine.ls_R_factor_R_free_error_details         ? 
_refine.ls_percent_reflns_R_free                 10.6 
_refine.ls_number_reflns_R_free                  474 
_refine.ls_number_parameters                     ? 
_refine.ls_number_restraints                     ? 
_refine.occupancy_min                            ? 
_refine.occupancy_max                            ? 
_refine.B_iso_mean                               19.3 
_refine.aniso_B[1][1]                            .00 
_refine.aniso_B[2][2]                            .00 
_refine.aniso_B[3][3]                            .00 
_refine.aniso_B[1][2]                            .00 
_refine.aniso_B[1][3]                            .00 
_refine.aniso_B[2][3]                            .00 
_refine.solvent_model_details                    ? 
_refine.solvent_model_param_ksol                 ? 
_refine.solvent_model_param_bsol                 ? 
_refine.pdbx_ls_cross_valid_method               THROUGHOUT 
_refine.details                                  ? 
_refine.pdbx_starting_model                      ? 
_refine.pdbx_method_to_determine_struct          ? 
_refine.pdbx_isotropic_thermal_model             RESTRAINED 
_refine.pdbx_stereochemistry_target_values       ? 
_refine.pdbx_stereochem_target_val_spec_case     ? 
_refine.pdbx_R_Free_selection_details            RANDOM 
_refine.pdbx_overall_ESU_R                       ? 
_refine.pdbx_overall_ESU_R_Free                  ? 
_refine.overall_SU_ML                            ? 
_refine.overall_SU_B                             ? 
_refine.ls_redundancy_reflns_obs                 ? 
_refine.B_iso_min                                ? 
_refine.B_iso_max                                ? 
_refine.correlation_coeff_Fo_to_Fc               ? 
_refine.correlation_coeff_Fo_to_Fc_free          ? 
_refine.pdbx_solvent_vdw_probe_radii             ? 
_refine.pdbx_solvent_ion_probe_radii             ? 
_refine.pdbx_solvent_shrinkage_radii             ? 
_refine.overall_SU_R_Cruickshank_DPI             ? 
_refine.overall_SU_R_free                        ? 
_refine.ls_wR_factor_R_free                      ? 
_refine.ls_wR_factor_R_work                      ? 
_refine.overall_FOM_free_R_set                   ? 
_refine.overall_FOM_work_R_set                   ? 
_refine.pdbx_overall_phase_error                 ? 
_refine.pdbx_refine_id                           'X-RAY DIFFRACTION' 
_refine.pdbx_diffrn_id                           1 
_refine.pdbx_TLS_residual_ADP_flag               ? 
_refine.pdbx_overall_SU_R_free_Cruickshank_DPI   ? 
_refine.pdbx_overall_SU_R_Blow_DPI               ? 
_refine.pdbx_overall_SU_R_free_Blow_DPI          ? 
# 
_refine_analyze.entry_id                        1D5D 
_refine_analyze.Luzzati_coordinate_error_obs    .28 
_refine_analyze.Luzzati_sigma_a_obs             .28 
_refine_analyze.Luzzati_d_res_low_obs           3.80 
_refine_analyze.Luzzati_coordinate_error_free   .32 
_refine_analyze.Luzzati_sigma_a_free            .17 
_refine_analyze.Luzzati_d_res_low_free          ? 
_refine_analyze.number_disordered_residues      ? 
_refine_analyze.occupancy_sum_hydrogen          ? 
_refine_analyze.occupancy_sum_non_hydrogen      ? 
_refine_analyze.pdbx_Luzzati_d_res_high_obs     ? 
_refine_analyze.pdbx_refine_id                  'X-RAY DIFFRACTION' 
# 
_refine_hist.pdbx_refine_id                   'X-RAY DIFFRACTION' 
_refine_hist.cycle_id                         LAST 
_refine_hist.pdbx_number_atoms_protein        1136 
_refine_hist.pdbx_number_atoms_nucleic_acid   0 
_refine_hist.pdbx_number_atoms_ligand         5 
_refine_hist.number_atoms_solvent             138 
_refine_hist.number_atoms_total               1279 
_refine_hist.d_res_high                       2.25 
_refine_hist.d_res_low                        10.00 
# 
loop_
_refine_ls_restr.type 
_refine_ls_restr.dev_ideal 
_refine_ls_restr.dev_ideal_target 
_refine_ls_restr.weight 
_refine_ls_restr.number 
_refine_ls_restr.pdbx_refine_id 
_refine_ls_restr.pdbx_restraint_function 
x_bond_d                .005 ?    ? ? 'X-RAY DIFFRACTION' ? 
x_bond_d_na             ?    ?    ? ? 'X-RAY DIFFRACTION' ? 
x_bond_d_prot           ?    ?    ? ? 'X-RAY DIFFRACTION' ? 
x_angle_d               ?    ?    ? ? 'X-RAY DIFFRACTION' ? 
x_angle_d_na            ?    ?    ? ? 'X-RAY DIFFRACTION' ? 
x_angle_d_prot          ?    ?    ? ? 'X-RAY DIFFRACTION' ? 
x_angle_deg             1.3  ?    ? ? 'X-RAY DIFFRACTION' ? 
x_angle_deg_na          ?    ?    ? ? 'X-RAY DIFFRACTION' ? 
x_angle_deg_prot        ?    ?    ? ? 'X-RAY DIFFRACTION' ? 
x_dihedral_angle_d      25.5 ?    ? ? 'X-RAY DIFFRACTION' ? 
x_dihedral_angle_d_na   ?    ?    ? ? 'X-RAY DIFFRACTION' ? 
x_dihedral_angle_d_prot ?    ?    ? ? 'X-RAY DIFFRACTION' ? 
x_improper_angle_d      .54  ?    ? ? 'X-RAY DIFFRACTION' ? 
x_improper_angle_d_na   ?    ?    ? ? 'X-RAY DIFFRACTION' ? 
x_improper_angle_d_prot ?    ?    ? ? 'X-RAY DIFFRACTION' ? 
x_mcbond_it             2.26 1.50 ? ? 'X-RAY DIFFRACTION' ? 
x_mcangle_it            3.57 2.00 ? ? 'X-RAY DIFFRACTION' ? 
x_scbond_it             3.93 2.00 ? ? 'X-RAY DIFFRACTION' ? 
x_scangle_it            5.87 2.50 ? ? 'X-RAY DIFFRACTION' ? 
# 
_refine_ls_shell.pdbx_total_number_of_bins_used   7 
_refine_ls_shell.d_res_high                       2.25 
_refine_ls_shell.d_res_low                        2.37 
_refine_ls_shell.number_reflns_R_work             453 
_refine_ls_shell.R_factor_R_work                  0.3 
_refine_ls_shell.percent_reflns_obs               63.6 
_refine_ls_shell.R_factor_R_free                  0.328 
_refine_ls_shell.R_factor_R_free_error            .040 
_refine_ls_shell.percent_reflns_R_free            9.6 
_refine_ls_shell.number_reflns_R_free             48 
_refine_ls_shell.redundancy_reflns_obs            ? 
_refine_ls_shell.number_reflns_all                ? 
_refine_ls_shell.number_reflns_obs                ? 
_refine_ls_shell.R_factor_all                     ? 
_refine_ls_shell.pdbx_refine_id                   'X-RAY DIFFRACTION' 
# 
loop_
_pdbx_xplor_file.serial_no 
_pdbx_xplor_file.param_file 
_pdbx_xplor_file.topol_file 
_pdbx_xplor_file.pdbx_refine_id 
1 PARHCSDX_RV.PRO TOPHCSDX.PRO    'X-RAY DIFFRACTION' 
2 PARAM19.SOL     TOPH.SO4        'X-RAY DIFFRACTION' 
3 ?               TOPH19X_WAT.PRO 'X-RAY DIFFRACTION' 
# 
_struct.entry_id                  1D5D 
_struct.title                     
'The role of phenylalanine 8 in the stabilization of the s protein-s peptide interaction: packing and cavities' 
_struct.pdbx_model_details        ? 
_struct.pdbx_CASP_flag            ? 
_struct.pdbx_model_type_details   ? 
# 
_struct_keywords.entry_id        1D5D 
_struct_keywords.pdbx_keywords   HYDROLASE 
_struct_keywords.text            'RNASE S MUTANT(F8M), CAVITY S PROTEIN, S PEPTIDE, HYDROLASE' 
# 
loop_
_struct_asym.id 
_struct_asym.pdbx_blank_PDB_chainid_flag 
_struct_asym.pdbx_modified 
_struct_asym.entity_id 
_struct_asym.details 
A N N 1 ? 
B N N 2 ? 
C N N 3 ? 
D N N 4 ? 
E N N 4 ? 
# 
loop_
_struct_ref.id 
_struct_ref.db_name 
_struct_ref.db_code 
_struct_ref.entity_id 
_struct_ref.pdbx_db_accession 
_struct_ref.pdbx_align_begin 
_struct_ref.pdbx_seq_one_letter_code 
_struct_ref.pdbx_db_isoform 
1 UNP RNAS1_BOVIN 1 P61823 ? ? ? 
2 UNP RNP_BOVIN   2 P00656 ? ? ? 
# 
loop_
_struct_ref_seq.align_id 
_struct_ref_seq.ref_id 
_struct_ref_seq.pdbx_PDB_id_code 
_struct_ref_seq.pdbx_strand_id 
_struct_ref_seq.seq_align_beg 
_struct_ref_seq.pdbx_seq_align_beg_ins_code 
_struct_ref_seq.seq_align_end 
_struct_ref_seq.pdbx_seq_align_end_ins_code 
_struct_ref_seq.pdbx_db_accession 
_struct_ref_seq.db_align_beg 
_struct_ref_seq.pdbx_db_align_beg_ins_code 
_struct_ref_seq.db_align_end 
_struct_ref_seq.pdbx_db_align_end_ins_code 
_struct_ref_seq.pdbx_auth_seq_align_beg 
_struct_ref_seq.pdbx_auth_seq_align_end 
1 1 1D5D A 1 ? 15  ? P61823 1  ? 15  ? 1  15  
2 2 1D5D B 1 ? 101 ? P00656 50 ? 150 ? 24 124 
# 
loop_
_struct_ref_seq_dif.align_id 
_struct_ref_seq_dif.pdbx_pdb_id_code 
_struct_ref_seq_dif.mon_id 
_struct_ref_seq_dif.pdbx_pdb_strand_id 
_struct_ref_seq_dif.seq_num 
_struct_ref_seq_dif.pdbx_pdb_ins_code 
_struct_ref_seq_dif.pdbx_seq_db_name 
_struct_ref_seq_dif.pdbx_seq_db_accession_code 
_struct_ref_seq_dif.db_mon_id 
_struct_ref_seq_dif.pdbx_seq_db_seq_num 
_struct_ref_seq_dif.details 
_struct_ref_seq_dif.pdbx_auth_seq_num 
_struct_ref_seq_dif.pdbx_ordinal 
1 1D5D MET A 8  ? UNP P61823 PHE 8  'engineered mutation' 8  1 
1 1D5D LEU A 13 ? UNP P61823 MET 13 conflict              13 2 
# 
_pdbx_struct_assembly.id                   1 
_pdbx_struct_assembly.details              author_and_software_defined_assembly 
_pdbx_struct_assembly.method_details       PISA 
_pdbx_struct_assembly.oligomeric_details   dimeric 
_pdbx_struct_assembly.oligomeric_count     2 
# 
loop_
_pdbx_struct_assembly_prop.biol_id 
_pdbx_struct_assembly_prop.type 
_pdbx_struct_assembly_prop.value 
_pdbx_struct_assembly_prop.details 
1 'ABSA (A^2)' 1760 ? 
1 MORE         -23  ? 
1 'SSA (A^2)'  6600 ? 
# 
_pdbx_struct_assembly_gen.assembly_id       1 
_pdbx_struct_assembly_gen.oper_expression   1 
_pdbx_struct_assembly_gen.asym_id_list      A,B,C,D,E 
# 
_pdbx_struct_oper_list.id                   1 
_pdbx_struct_oper_list.type                 'identity operation' 
_pdbx_struct_oper_list.name                 1_555 
_pdbx_struct_oper_list.symmetry_operation   x,y,z 
_pdbx_struct_oper_list.matrix[1][1]         1.0000000000 
_pdbx_struct_oper_list.matrix[1][2]         0.0000000000 
_pdbx_struct_oper_list.matrix[1][3]         0.0000000000 
_pdbx_struct_oper_list.vector[1]            0.0000000000 
_pdbx_struct_oper_list.matrix[2][1]         0.0000000000 
_pdbx_struct_oper_list.matrix[2][2]         1.0000000000 
_pdbx_struct_oper_list.matrix[2][3]         0.0000000000 
_pdbx_struct_oper_list.vector[2]            0.0000000000 
_pdbx_struct_oper_list.matrix[3][1]         0.0000000000 
_pdbx_struct_oper_list.matrix[3][2]         0.0000000000 
_pdbx_struct_oper_list.matrix[3][3]         1.0000000000 
_pdbx_struct_oper_list.vector[3]            0.0000000000 
# 
_struct_biol.id        1 
_struct_biol.details   ? 
# 
loop_
_struct_conf.conf_type_id 
_struct_conf.id 
_struct_conf.pdbx_PDB_helix_id 
_struct_conf.beg_label_comp_id 
_struct_conf.beg_label_asym_id 
_struct_conf.beg_label_seq_id 
_struct_conf.pdbx_beg_PDB_ins_code 
_struct_conf.end_label_comp_id 
_struct_conf.end_label_asym_id 
_struct_conf.end_label_seq_id 
_struct_conf.pdbx_end_PDB_ins_code 
_struct_conf.beg_auth_comp_id 
_struct_conf.beg_auth_asym_id 
_struct_conf.beg_auth_seq_id 
_struct_conf.end_auth_comp_id 
_struct_conf.end_auth_asym_id 
_struct_conf.end_auth_seq_id 
_struct_conf.pdbx_PDB_helix_class 
_struct_conf.details 
_struct_conf.pdbx_PDB_helix_length 
HELX_P HELX_P1 1 THR A 3  ? LEU A 13 ? THR A 3  LEU A 13 1 ? 11 
HELX_P HELX_P2 2 ASN B 1  ? ARG B 10 ? ASN B 24 ARG B 33 1 ? 10 
HELX_P HELX_P3 3 SER B 27 ? ALA B 33 ? SER B 50 ALA B 56 1 ? 7  
HELX_P HELX_P4 4 VAL B 34 ? GLN B 37 ? VAL B 57 GLN B 60 5 ? 4  
# 
_struct_conf_type.id          HELX_P 
_struct_conf_type.criteria    ? 
_struct_conf_type.reference   ? 
# 
loop_
_struct_conn.id 
_struct_conn.conn_type_id 
_struct_conn.pdbx_leaving_atom_flag 
_struct_conn.pdbx_PDB_id 
_struct_conn.ptnr1_label_asym_id 
_struct_conn.ptnr1_label_comp_id 
_struct_conn.ptnr1_label_seq_id 
_struct_conn.ptnr1_label_atom_id 
_struct_conn.pdbx_ptnr1_label_alt_id 
_struct_conn.pdbx_ptnr1_PDB_ins_code 
_struct_conn.pdbx_ptnr1_standard_comp_id 
_struct_conn.ptnr1_symmetry 
_struct_conn.ptnr2_label_asym_id 
_struct_conn.ptnr2_label_comp_id 
_struct_conn.ptnr2_label_seq_id 
_struct_conn.ptnr2_label_atom_id 
_struct_conn.pdbx_ptnr2_label_alt_id 
_struct_conn.pdbx_ptnr2_PDB_ins_code 
_struct_conn.ptnr1_auth_asym_id 
_struct_conn.ptnr1_auth_comp_id 
_struct_conn.ptnr1_auth_seq_id 
_struct_conn.ptnr2_auth_asym_id 
_struct_conn.ptnr2_auth_comp_id 
_struct_conn.ptnr2_auth_seq_id 
_struct_conn.ptnr2_symmetry 
_struct_conn.pdbx_ptnr3_label_atom_id 
_struct_conn.pdbx_ptnr3_label_seq_id 
_struct_conn.pdbx_ptnr3_label_comp_id 
_struct_conn.pdbx_ptnr3_label_asym_id 
_struct_conn.pdbx_ptnr3_label_alt_id 
_struct_conn.pdbx_ptnr3_PDB_ins_code 
_struct_conn.details 
_struct_conn.pdbx_dist_value 
_struct_conn.pdbx_value_order 
_struct_conn.pdbx_role 
disulf1 disulf ?    ? B CYS 3  SG ? ? ? 1_555 B CYS 61 SG ? ? B CYS 26 B CYS 84  1_555 ? ? ? ? ? ? ? 2.028 ? ? 
disulf2 disulf ?    ? B CYS 17 SG ? ? ? 1_555 B CYS 72 SG ? ? B CYS 40 B CYS 95  1_555 ? ? ? ? ? ? ? 2.023 ? ? 
disulf3 disulf ?    ? B CYS 35 SG ? ? ? 1_555 B CYS 87 SG ? ? B CYS 58 B CYS 110 1_555 ? ? ? ? ? ? ? 2.028 ? ? 
disulf4 disulf ?    ? B CYS 42 SG ? ? ? 1_555 B CYS 49 SG ? ? B CYS 65 B CYS 72  1_555 ? ? ? ? ? ? ? 2.026 ? ? 
covale1 covale both ? A ASP 14 C  ? ? ? 1_555 A SET 15 N  ? ? A ASP 14 A SET 15  1_555 ? ? ? ? ? ? ? 1.329 ? ? 
# 
loop_
_struct_conn_type.id 
_struct_conn_type.criteria 
_struct_conn_type.reference 
disulf ? ? 
covale ? ? 
# 
loop_
_struct_mon_prot_cis.pdbx_id 
_struct_mon_prot_cis.label_comp_id 
_struct_mon_prot_cis.label_seq_id 
_struct_mon_prot_cis.label_asym_id 
_struct_mon_prot_cis.label_alt_id 
_struct_mon_prot_cis.pdbx_PDB_ins_code 
_struct_mon_prot_cis.auth_comp_id 
_struct_mon_prot_cis.auth_seq_id 
_struct_mon_prot_cis.auth_asym_id 
_struct_mon_prot_cis.pdbx_label_comp_id_2 
_struct_mon_prot_cis.pdbx_label_seq_id_2 
_struct_mon_prot_cis.pdbx_label_asym_id_2 
_struct_mon_prot_cis.pdbx_PDB_ins_code_2 
_struct_mon_prot_cis.pdbx_auth_comp_id_2 
_struct_mon_prot_cis.pdbx_auth_seq_id_2 
_struct_mon_prot_cis.pdbx_auth_asym_id_2 
_struct_mon_prot_cis.pdbx_PDB_model_num 
_struct_mon_prot_cis.pdbx_omega_angle 
1 TYR 69 B . ? TYR 92  B PRO 70 B ? PRO 93  B 1 0.39 
2 ASN 90 B . ? ASN 113 B PRO 91 B ? PRO 114 B 1 0.24 
# 
loop_
_struct_sheet.id 
_struct_sheet.type 
_struct_sheet.number_strands 
_struct_sheet.details 
A  ? 4 ? 
A1 ? 4 ? 
# 
loop_
_struct_sheet_order.sheet_id 
_struct_sheet_order.range_id_1 
_struct_sheet_order.range_id_2 
_struct_sheet_order.offset 
_struct_sheet_order.sense 
A  1 2 ? anti-parallel 
A  2 3 ? anti-parallel 
A  3 4 ? anti-parallel 
A1 1 2 ? anti-parallel 
A1 2 3 ? anti-parallel 
A1 3 4 ? anti-parallel 
# 
loop_
_struct_sheet_range.sheet_id 
_struct_sheet_range.id 
_struct_sheet_range.beg_label_comp_id 
_struct_sheet_range.beg_label_asym_id 
_struct_sheet_range.beg_label_seq_id 
_struct_sheet_range.pdbx_beg_PDB_ins_code 
_struct_sheet_range.end_label_comp_id 
_struct_sheet_range.end_label_asym_id 
_struct_sheet_range.end_label_seq_id 
_struct_sheet_range.pdbx_end_PDB_ins_code 
_struct_sheet_range.beg_auth_comp_id 
_struct_sheet_range.beg_auth_asym_id 
_struct_sheet_range.beg_auth_seq_id 
_struct_sheet_range.end_auth_comp_id 
_struct_sheet_range.end_auth_asym_id 
_struct_sheet_range.end_auth_seq_id 
A  1 VAL B 93 ? VAL B 101 ? VAL B 116 VAL B 124 
A  2 TYR B 74 ? GLU B 88  ? TYR B 97  GLU B 111 
A  3 CYS B 49 ? GLN B 51  ? CYS B 72  GLN B 74  
A  4 LYS B 38 ? VAL B 40  ? LYS B 61  VAL B 63  
A1 1 VAL B 93 ? VAL B 101 ? VAL B 116 VAL B 124 
A1 2 TYR B 74 ? GLU B 88  ? TYR B 97  GLU B 111 
A1 3 MET B 56 ? GLU B 63  ? MET B 79  GLU B 86  
A1 4 VAL B 20 ? VAL B 24  ? VAL B 43  VAL B 47  
# 
loop_
_pdbx_struct_sheet_hbond.sheet_id 
_pdbx_struct_sheet_hbond.range_id_1 
_pdbx_struct_sheet_hbond.range_id_2 
_pdbx_struct_sheet_hbond.range_1_label_atom_id 
_pdbx_struct_sheet_hbond.range_1_label_comp_id 
_pdbx_struct_sheet_hbond.range_1_label_asym_id 
_pdbx_struct_sheet_hbond.range_1_label_seq_id 
_pdbx_struct_sheet_hbond.range_1_PDB_ins_code 
_pdbx_struct_sheet_hbond.range_1_auth_atom_id 
_pdbx_struct_sheet_hbond.range_1_auth_comp_id 
_pdbx_struct_sheet_hbond.range_1_auth_asym_id 
_pdbx_struct_sheet_hbond.range_1_auth_seq_id 
_pdbx_struct_sheet_hbond.range_2_label_atom_id 
_pdbx_struct_sheet_hbond.range_2_label_comp_id 
_pdbx_struct_sheet_hbond.range_2_label_asym_id 
_pdbx_struct_sheet_hbond.range_2_label_seq_id 
_pdbx_struct_sheet_hbond.range_2_PDB_ins_code 
_pdbx_struct_sheet_hbond.range_2_auth_atom_id 
_pdbx_struct_sheet_hbond.range_2_auth_comp_id 
_pdbx_struct_sheet_hbond.range_2_auth_asym_id 
_pdbx_struct_sheet_hbond.range_2_auth_seq_id 
A  1 2 O VAL B 101 ? O VAL B 124 N HIS B 82 ? N HIS B 105 
A  2 3 O VAL B 85  ? O VAL B 108 N TYR B 50 ? N TYR B 73  
A  3 4 N GLN B 51  ? N GLN B 74  O LYS B 38 ? O LYS B 61  
A1 1 2 O VAL B 101 ? O VAL B 124 N HIS B 82 ? N HIS B 105 
A1 2 3 O LYS B 81  ? O LYS B 104 N MET B 56 ? N MET B 79  
A1 3 4 N CYS B 61  ? N CYS B 84  O ASN B 21 ? O ASN B 44  
# 
_struct_site.id                   AC1 
_struct_site.pdbx_evidence_code   Software 
_struct_site.pdbx_auth_asym_id    B 
_struct_site.pdbx_auth_comp_id    SO4 
_struct_site.pdbx_auth_seq_id     125 
_struct_site.pdbx_auth_ins_code   ? 
_struct_site.pdbx_num_residues    4 
_struct_site.details              'BINDING SITE FOR RESIDUE SO4 B 125' 
# 
loop_
_struct_site_gen.id 
_struct_site_gen.site_id 
_struct_site_gen.pdbx_num_res 
_struct_site_gen.label_comp_id 
_struct_site_gen.label_asym_id 
_struct_site_gen.label_seq_id 
_struct_site_gen.pdbx_auth_ins_code 
_struct_site_gen.auth_comp_id 
_struct_site_gen.auth_asym_id 
_struct_site_gen.auth_seq_id 
_struct_site_gen.label_atom_id 
_struct_site_gen.label_alt_id 
_struct_site_gen.symmetry 
_struct_site_gen.details 
1 AC1 4 HIS A 12 ? HIS A 12  . ? 1_555 ? 
2 AC1 4 HIS B 96 ? HIS B 119 . ? 1_555 ? 
3 AC1 4 PHE B 97 ? PHE B 120 . ? 1_555 ? 
4 AC1 4 HOH E .  ? HOH B 215 . ? 1_555 ? 
# 
_pdbx_entry_details.entry_id                   1D5D 
_pdbx_entry_details.compound_details           ? 
_pdbx_entry_details.source_details             ? 
_pdbx_entry_details.nonpolymer_details         ? 
_pdbx_entry_details.sequence_details           ? 
_pdbx_entry_details.has_ligand_of_interest     ? 
_pdbx_entry_details.has_protein_modification   Y 
# 
loop_
_pdbx_validate_torsion.id 
_pdbx_validate_torsion.PDB_model_num 
_pdbx_validate_torsion.auth_comp_id 
_pdbx_validate_torsion.auth_asym_id 
_pdbx_validate_torsion.auth_seq_id 
_pdbx_validate_torsion.PDB_ins_code 
_pdbx_validate_torsion.label_alt_id 
_pdbx_validate_torsion.phi 
_pdbx_validate_torsion.psi 
1 1 ARG B 39  ? ? 175.96  171.43  
2 1 HIS B 48  ? ? -99.46  58.95   
3 1 GLN B 60  ? ? -100.25 -130.56 
4 1 ASN B 71  ? ? -98.37  34.19   
5 1 ASN B 94  ? ? -106.52 74.55   
6 1 ALA B 122 ? ? 171.29  -179.68 
# 
_pdbx_struct_mod_residue.id               1 
_pdbx_struct_mod_residue.label_asym_id    A 
_pdbx_struct_mod_residue.label_comp_id    SET 
_pdbx_struct_mod_residue.label_seq_id     15 
_pdbx_struct_mod_residue.auth_asym_id     A 
_pdbx_struct_mod_residue.auth_comp_id     SET 
_pdbx_struct_mod_residue.auth_seq_id      15 
_pdbx_struct_mod_residue.PDB_ins_code     ? 
_pdbx_struct_mod_residue.parent_comp_id   SER 
_pdbx_struct_mod_residue.details          AMINOSERINE 
# 
loop_
_chem_comp_atom.comp_id 
_chem_comp_atom.atom_id 
_chem_comp_atom.type_symbol 
_chem_comp_atom.pdbx_aromatic_flag 
_chem_comp_atom.pdbx_stereo_config 
_chem_comp_atom.pdbx_ordinal 
ALA N    N N N 1   
ALA CA   C N S 2   
ALA C    C N N 3   
ALA O    O N N 4   
ALA CB   C N N 5   
ALA OXT  O N N 6   
ALA H    H N N 7   
ALA H2   H N N 8   
ALA HA   H N N 9   
ALA HB1  H N N 10  
ALA HB2  H N N 11  
ALA HB3  H N N 12  
ALA HXT  H N N 13  
ARG N    N N N 14  
ARG CA   C N S 15  
ARG C    C N N 16  
ARG O    O N N 17  
ARG CB   C N N 18  
ARG CG   C N N 19  
ARG CD   C N N 20  
ARG NE   N N N 21  
ARG CZ   C N N 22  
ARG NH1  N N N 23  
ARG NH2  N N N 24  
ARG OXT  O N N 25  
ARG H    H N N 26  
ARG H2   H N N 27  
ARG HA   H N N 28  
ARG HB2  H N N 29  
ARG HB3  H N N 30  
ARG HG2  H N N 31  
ARG HG3  H N N 32  
ARG HD2  H N N 33  
ARG HD3  H N N 34  
ARG HE   H N N 35  
ARG HH11 H N N 36  
ARG HH12 H N N 37  
ARG HH21 H N N 38  
ARG HH22 H N N 39  
ARG HXT  H N N 40  
ASN N    N N N 41  
ASN CA   C N S 42  
ASN C    C N N 43  
ASN O    O N N 44  
ASN CB   C N N 45  
ASN CG   C N N 46  
ASN OD1  O N N 47  
ASN ND2  N N N 48  
ASN OXT  O N N 49  
ASN H    H N N 50  
ASN H2   H N N 51  
ASN HA   H N N 52  
ASN HB2  H N N 53  
ASN HB3  H N N 54  
ASN HD21 H N N 55  
ASN HD22 H N N 56  
ASN HXT  H N N 57  
ASP N    N N N 58  
ASP CA   C N S 59  
ASP C    C N N 60  
ASP O    O N N 61  
ASP CB   C N N 62  
ASP CG   C N N 63  
ASP OD1  O N N 64  
ASP OD2  O N N 65  
ASP OXT  O N N 66  
ASP H    H N N 67  
ASP H2   H N N 68  
ASP HA   H N N 69  
ASP HB2  H N N 70  
ASP HB3  H N N 71  
ASP HD2  H N N 72  
ASP HXT  H N N 73  
CYS N    N N N 74  
CYS CA   C N R 75  
CYS C    C N N 76  
CYS O    O N N 77  
CYS CB   C N N 78  
CYS SG   S N N 79  
CYS OXT  O N N 80  
CYS H    H N N 81  
CYS H2   H N N 82  
CYS HA   H N N 83  
CYS HB2  H N N 84  
CYS HB3  H N N 85  
CYS HG   H N N 86  
CYS HXT  H N N 87  
GLN N    N N N 88  
GLN CA   C N S 89  
GLN C    C N N 90  
GLN O    O N N 91  
GLN CB   C N N 92  
GLN CG   C N N 93  
GLN CD   C N N 94  
GLN OE1  O N N 95  
GLN NE2  N N N 96  
GLN OXT  O N N 97  
GLN H    H N N 98  
GLN H2   H N N 99  
GLN HA   H N N 100 
GLN HB2  H N N 101 
GLN HB3  H N N 102 
GLN HG2  H N N 103 
GLN HG3  H N N 104 
GLN HE21 H N N 105 
GLN HE22 H N N 106 
GLN HXT  H N N 107 
GLU N    N N N 108 
GLU CA   C N S 109 
GLU C    C N N 110 
GLU O    O N N 111 
GLU CB   C N N 112 
GLU CG   C N N 113 
GLU CD   C N N 114 
GLU OE1  O N N 115 
GLU OE2  O N N 116 
GLU OXT  O N N 117 
GLU H    H N N 118 
GLU H2   H N N 119 
GLU HA   H N N 120 
GLU HB2  H N N 121 
GLU HB3  H N N 122 
GLU HG2  H N N 123 
GLU HG3  H N N 124 
GLU HE2  H N N 125 
GLU HXT  H N N 126 
GLY N    N N N 127 
GLY CA   C N N 128 
GLY C    C N N 129 
GLY O    O N N 130 
GLY OXT  O N N 131 
GLY H    H N N 132 
GLY H2   H N N 133 
GLY HA2  H N N 134 
GLY HA3  H N N 135 
GLY HXT  H N N 136 
HIS N    N N N 137 
HIS CA   C N S 138 
HIS C    C N N 139 
HIS O    O N N 140 
HIS CB   C N N 141 
HIS CG   C Y N 142 
HIS ND1  N Y N 143 
HIS CD2  C Y N 144 
HIS CE1  C Y N 145 
HIS NE2  N Y N 146 
HIS OXT  O N N 147 
HIS H    H N N 148 
HIS H2   H N N 149 
HIS HA   H N N 150 
HIS HB2  H N N 151 
HIS HB3  H N N 152 
HIS HD1  H N N 153 
HIS HD2  H N N 154 
HIS HE1  H N N 155 
HIS HE2  H N N 156 
HIS HXT  H N N 157 
HOH O    O N N 158 
HOH H1   H N N 159 
HOH H2   H N N 160 
ILE N    N N N 161 
ILE CA   C N S 162 
ILE C    C N N 163 
ILE O    O N N 164 
ILE CB   C N S 165 
ILE CG1  C N N 166 
ILE CG2  C N N 167 
ILE CD1  C N N 168 
ILE OXT  O N N 169 
ILE H    H N N 170 
ILE H2   H N N 171 
ILE HA   H N N 172 
ILE HB   H N N 173 
ILE HG12 H N N 174 
ILE HG13 H N N 175 
ILE HG21 H N N 176 
ILE HG22 H N N 177 
ILE HG23 H N N 178 
ILE HD11 H N N 179 
ILE HD12 H N N 180 
ILE HD13 H N N 181 
ILE HXT  H N N 182 
LEU N    N N N 183 
LEU CA   C N S 184 
LEU C    C N N 185 
LEU O    O N N 186 
LEU CB   C N N 187 
LEU CG   C N N 188 
LEU CD1  C N N 189 
LEU CD2  C N N 190 
LEU OXT  O N N 191 
LEU H    H N N 192 
LEU H2   H N N 193 
LEU HA   H N N 194 
LEU HB2  H N N 195 
LEU HB3  H N N 196 
LEU HG   H N N 197 
LEU HD11 H N N 198 
LEU HD12 H N N 199 
LEU HD13 H N N 200 
LEU HD21 H N N 201 
LEU HD22 H N N 202 
LEU HD23 H N N 203 
LEU HXT  H N N 204 
LYS N    N N N 205 
LYS CA   C N S 206 
LYS C    C N N 207 
LYS O    O N N 208 
LYS CB   C N N 209 
LYS CG   C N N 210 
LYS CD   C N N 211 
LYS CE   C N N 212 
LYS NZ   N N N 213 
LYS OXT  O N N 214 
LYS H    H N N 215 
LYS H2   H N N 216 
LYS HA   H N N 217 
LYS HB2  H N N 218 
LYS HB3  H N N 219 
LYS HG2  H N N 220 
LYS HG3  H N N 221 
LYS HD2  H N N 222 
LYS HD3  H N N 223 
LYS HE2  H N N 224 
LYS HE3  H N N 225 
LYS HZ1  H N N 226 
LYS HZ2  H N N 227 
LYS HZ3  H N N 228 
LYS HXT  H N N 229 
MET N    N N N 230 
MET CA   C N S 231 
MET C    C N N 232 
MET O    O N N 233 
MET CB   C N N 234 
MET CG   C N N 235 
MET SD   S N N 236 
MET CE   C N N 237 
MET OXT  O N N 238 
MET H    H N N 239 
MET H2   H N N 240 
MET HA   H N N 241 
MET HB2  H N N 242 
MET HB3  H N N 243 
MET HG2  H N N 244 
MET HG3  H N N 245 
MET HE1  H N N 246 
MET HE2  H N N 247 
MET HE3  H N N 248 
MET HXT  H N N 249 
PHE N    N N N 250 
PHE CA   C N S 251 
PHE C    C N N 252 
PHE O    O N N 253 
PHE CB   C N N 254 
PHE CG   C Y N 255 
PHE CD1  C Y N 256 
PHE CD2  C Y N 257 
PHE CE1  C Y N 258 
PHE CE2  C Y N 259 
PHE CZ   C Y N 260 
PHE OXT  O N N 261 
PHE H    H N N 262 
PHE H2   H N N 263 
PHE HA   H N N 264 
PHE HB2  H N N 265 
PHE HB3  H N N 266 
PHE HD1  H N N 267 
PHE HD2  H N N 268 
PHE HE1  H N N 269 
PHE HE2  H N N 270 
PHE HZ   H N N 271 
PHE HXT  H N N 272 
PRO N    N N N 273 
PRO CA   C N S 274 
PRO C    C N N 275 
PRO O    O N N 276 
PRO CB   C N N 277 
PRO CG   C N N 278 
PRO CD   C N N 279 
PRO OXT  O N N 280 
PRO H    H N N 281 
PRO HA   H N N 282 
PRO HB2  H N N 283 
PRO HB3  H N N 284 
PRO HG2  H N N 285 
PRO HG3  H N N 286 
PRO HD2  H N N 287 
PRO HD3  H N N 288 
PRO HXT  H N N 289 
SER N    N N N 290 
SER CA   C N S 291 
SER C    C N N 292 
SER O    O N N 293 
SER CB   C N N 294 
SER OG   O N N 295 
SER OXT  O N N 296 
SER H    H N N 297 
SER H2   H N N 298 
SER HA   H N N 299 
SER HB2  H N N 300 
SER HB3  H N N 301 
SER HG   H N N 302 
SER HXT  H N N 303 
SET N    N N N 304 
SET CA   C N S 305 
SET CB   C N N 306 
SET OG   O N N 307 
SET NT   N N N 308 
SET C    C N N 309 
SET O    O N N 310 
SET H    H N N 311 
SET H2   H N N 312 
SET HA   H N N 313 
SET HB2  H N N 314 
SET HB3  H N N 315 
SET HG   H N N 316 
SET HNT1 H N N 317 
SET HNT2 H N N 318 
SO4 S    S N N 319 
SO4 O1   O N N 320 
SO4 O2   O N N 321 
SO4 O3   O N N 322 
SO4 O4   O N N 323 
THR N    N N N 324 
THR CA   C N S 325 
THR C    C N N 326 
THR O    O N N 327 
THR CB   C N R 328 
THR OG1  O N N 329 
THR CG2  C N N 330 
THR OXT  O N N 331 
THR H    H N N 332 
THR H2   H N N 333 
THR HA   H N N 334 
THR HB   H N N 335 
THR HG1  H N N 336 
THR HG21 H N N 337 
THR HG22 H N N 338 
THR HG23 H N N 339 
THR HXT  H N N 340 
TYR N    N N N 341 
TYR CA   C N S 342 
TYR C    C N N 343 
TYR O    O N N 344 
TYR CB   C N N 345 
TYR CG   C Y N 346 
TYR CD1  C Y N 347 
TYR CD2  C Y N 348 
TYR CE1  C Y N 349 
TYR CE2  C Y N 350 
TYR CZ   C Y N 351 
TYR OH   O N N 352 
TYR OXT  O N N 353 
TYR H    H N N 354 
TYR H2   H N N 355 
TYR HA   H N N 356 
TYR HB2  H N N 357 
TYR HB3  H N N 358 
TYR HD1  H N N 359 
TYR HD2  H N N 360 
TYR HE1  H N N 361 
TYR HE2  H N N 362 
TYR HH   H N N 363 
TYR HXT  H N N 364 
VAL N    N N N 365 
VAL CA   C N S 366 
VAL C    C N N 367 
VAL O    O N N 368 
VAL CB   C N N 369 
VAL CG1  C N N 370 
VAL CG2  C N N 371 
VAL OXT  O N N 372 
VAL H    H N N 373 
VAL H2   H N N 374 
VAL HA   H N N 375 
VAL HB   H N N 376 
VAL HG11 H N N 377 
VAL HG12 H N N 378 
VAL HG13 H N N 379 
VAL HG21 H N N 380 
VAL HG22 H N N 381 
VAL HG23 H N N 382 
VAL HXT  H N N 383 
# 
loop_
_chem_comp_bond.comp_id 
_chem_comp_bond.atom_id_1 
_chem_comp_bond.atom_id_2 
_chem_comp_bond.value_order 
_chem_comp_bond.pdbx_aromatic_flag 
_chem_comp_bond.pdbx_stereo_config 
_chem_comp_bond.pdbx_ordinal 
ALA N   CA   sing N N 1   
ALA N   H    sing N N 2   
ALA N   H2   sing N N 3   
ALA CA  C    sing N N 4   
ALA CA  CB   sing N N 5   
ALA CA  HA   sing N N 6   
ALA C   O    doub N N 7   
ALA C   OXT  sing N N 8   
ALA CB  HB1  sing N N 9   
ALA CB  HB2  sing N N 10  
ALA CB  HB3  sing N N 11  
ALA OXT HXT  sing N N 12  
ARG N   CA   sing N N 13  
ARG N   H    sing N N 14  
ARG N   H2   sing N N 15  
ARG CA  C    sing N N 16  
ARG CA  CB   sing N N 17  
ARG CA  HA   sing N N 18  
ARG C   O    doub N N 19  
ARG C   OXT  sing N N 20  
ARG CB  CG   sing N N 21  
ARG CB  HB2  sing N N 22  
ARG CB  HB3  sing N N 23  
ARG CG  CD   sing N N 24  
ARG CG  HG2  sing N N 25  
ARG CG  HG3  sing N N 26  
ARG CD  NE   sing N N 27  
ARG CD  HD2  sing N N 28  
ARG CD  HD3  sing N N 29  
ARG NE  CZ   sing N N 30  
ARG NE  HE   sing N N 31  
ARG CZ  NH1  sing N N 32  
ARG CZ  NH2  doub N N 33  
ARG NH1 HH11 sing N N 34  
ARG NH1 HH12 sing N N 35  
ARG NH2 HH21 sing N N 36  
ARG NH2 HH22 sing N N 37  
ARG OXT HXT  sing N N 38  
ASN N   CA   sing N N 39  
ASN N   H    sing N N 40  
ASN N   H2   sing N N 41  
ASN CA  C    sing N N 42  
ASN CA  CB   sing N N 43  
ASN CA  HA   sing N N 44  
ASN C   O    doub N N 45  
ASN C   OXT  sing N N 46  
ASN CB  CG   sing N N 47  
ASN CB  HB2  sing N N 48  
ASN CB  HB3  sing N N 49  
ASN CG  OD1  doub N N 50  
ASN CG  ND2  sing N N 51  
ASN ND2 HD21 sing N N 52  
ASN ND2 HD22 sing N N 53  
ASN OXT HXT  sing N N 54  
ASP N   CA   sing N N 55  
ASP N   H    sing N N 56  
ASP N   H2   sing N N 57  
ASP CA  C    sing N N 58  
ASP CA  CB   sing N N 59  
ASP CA  HA   sing N N 60  
ASP C   O    doub N N 61  
ASP C   OXT  sing N N 62  
ASP CB  CG   sing N N 63  
ASP CB  HB2  sing N N 64  
ASP CB  HB3  sing N N 65  
ASP CG  OD1  doub N N 66  
ASP CG  OD2  sing N N 67  
ASP OD2 HD2  sing N N 68  
ASP OXT HXT  sing N N 69  
CYS N   CA   sing N N 70  
CYS N   H    sing N N 71  
CYS N   H2   sing N N 72  
CYS CA  C    sing N N 73  
CYS CA  CB   sing N N 74  
CYS CA  HA   sing N N 75  
CYS C   O    doub N N 76  
CYS C   OXT  sing N N 77  
CYS CB  SG   sing N N 78  
CYS CB  HB2  sing N N 79  
CYS CB  HB3  sing N N 80  
CYS SG  HG   sing N N 81  
CYS OXT HXT  sing N N 82  
GLN N   CA   sing N N 83  
GLN N   H    sing N N 84  
GLN N   H2   sing N N 85  
GLN CA  C    sing N N 86  
GLN CA  CB   sing N N 87  
GLN CA  HA   sing N N 88  
GLN C   O    doub N N 89  
GLN C   OXT  sing N N 90  
GLN CB  CG   sing N N 91  
GLN CB  HB2  sing N N 92  
GLN CB  HB3  sing N N 93  
GLN CG  CD   sing N N 94  
GLN CG  HG2  sing N N 95  
GLN CG  HG3  sing N N 96  
GLN CD  OE1  doub N N 97  
GLN CD  NE2  sing N N 98  
GLN NE2 HE21 sing N N 99  
GLN NE2 HE22 sing N N 100 
GLN OXT HXT  sing N N 101 
GLU N   CA   sing N N 102 
GLU N   H    sing N N 103 
GLU N   H2   sing N N 104 
GLU CA  C    sing N N 105 
GLU CA  CB   sing N N 106 
GLU CA  HA   sing N N 107 
GLU C   O    doub N N 108 
GLU C   OXT  sing N N 109 
GLU CB  CG   sing N N 110 
GLU CB  HB2  sing N N 111 
GLU CB  HB3  sing N N 112 
GLU CG  CD   sing N N 113 
GLU CG  HG2  sing N N 114 
GLU CG  HG3  sing N N 115 
GLU CD  OE1  doub N N 116 
GLU CD  OE2  sing N N 117 
GLU OE2 HE2  sing N N 118 
GLU OXT HXT  sing N N 119 
GLY N   CA   sing N N 120 
GLY N   H    sing N N 121 
GLY N   H2   sing N N 122 
GLY CA  C    sing N N 123 
GLY CA  HA2  sing N N 124 
GLY CA  HA3  sing N N 125 
GLY C   O    doub N N 126 
GLY C   OXT  sing N N 127 
GLY OXT HXT  sing N N 128 
HIS N   CA   sing N N 129 
HIS N   H    sing N N 130 
HIS N   H2   sing N N 131 
HIS CA  C    sing N N 132 
HIS CA  CB   sing N N 133 
HIS CA  HA   sing N N 134 
HIS C   O    doub N N 135 
HIS C   OXT  sing N N 136 
HIS CB  CG   sing N N 137 
HIS CB  HB2  sing N N 138 
HIS CB  HB3  sing N N 139 
HIS CG  ND1  sing Y N 140 
HIS CG  CD2  doub Y N 141 
HIS ND1 CE1  doub Y N 142 
HIS ND1 HD1  sing N N 143 
HIS CD2 NE2  sing Y N 144 
HIS CD2 HD2  sing N N 145 
HIS CE1 NE2  sing Y N 146 
HIS CE1 HE1  sing N N 147 
HIS NE2 HE2  sing N N 148 
HIS OXT HXT  sing N N 149 
HOH O   H1   sing N N 150 
HOH O   H2   sing N N 151 
ILE N   CA   sing N N 152 
ILE N   H    sing N N 153 
ILE N   H2   sing N N 154 
ILE CA  C    sing N N 155 
ILE CA  CB   sing N N 156 
ILE CA  HA   sing N N 157 
ILE C   O    doub N N 158 
ILE C   OXT  sing N N 159 
ILE CB  CG1  sing N N 160 
ILE CB  CG2  sing N N 161 
ILE CB  HB   sing N N 162 
ILE CG1 CD1  sing N N 163 
ILE CG1 HG12 sing N N 164 
ILE CG1 HG13 sing N N 165 
ILE CG2 HG21 sing N N 166 
ILE CG2 HG22 sing N N 167 
ILE CG2 HG23 sing N N 168 
ILE CD1 HD11 sing N N 169 
ILE CD1 HD12 sing N N 170 
ILE CD1 HD13 sing N N 171 
ILE OXT HXT  sing N N 172 
LEU N   CA   sing N N 173 
LEU N   H    sing N N 174 
LEU N   H2   sing N N 175 
LEU CA  C    sing N N 176 
LEU CA  CB   sing N N 177 
LEU CA  HA   sing N N 178 
LEU C   O    doub N N 179 
LEU C   OXT  sing N N 180 
LEU CB  CG   sing N N 181 
LEU CB  HB2  sing N N 182 
LEU CB  HB3  sing N N 183 
LEU CG  CD1  sing N N 184 
LEU CG  CD2  sing N N 185 
LEU CG  HG   sing N N 186 
LEU CD1 HD11 sing N N 187 
LEU CD1 HD12 sing N N 188 
LEU CD1 HD13 sing N N 189 
LEU CD2 HD21 sing N N 190 
LEU CD2 HD22 sing N N 191 
LEU CD2 HD23 sing N N 192 
LEU OXT HXT  sing N N 193 
LYS N   CA   sing N N 194 
LYS N   H    sing N N 195 
LYS N   H2   sing N N 196 
LYS CA  C    sing N N 197 
LYS CA  CB   sing N N 198 
LYS CA  HA   sing N N 199 
LYS C   O    doub N N 200 
LYS C   OXT  sing N N 201 
LYS CB  CG   sing N N 202 
LYS CB  HB2  sing N N 203 
LYS CB  HB3  sing N N 204 
LYS CG  CD   sing N N 205 
LYS CG  HG2  sing N N 206 
LYS CG  HG3  sing N N 207 
LYS CD  CE   sing N N 208 
LYS CD  HD2  sing N N 209 
LYS CD  HD3  sing N N 210 
LYS CE  NZ   sing N N 211 
LYS CE  HE2  sing N N 212 
LYS CE  HE3  sing N N 213 
LYS NZ  HZ1  sing N N 214 
LYS NZ  HZ2  sing N N 215 
LYS NZ  HZ3  sing N N 216 
LYS OXT HXT  sing N N 217 
MET N   CA   sing N N 218 
MET N   H    sing N N 219 
MET N   H2   sing N N 220 
MET CA  C    sing N N 221 
MET CA  CB   sing N N 222 
MET CA  HA   sing N N 223 
MET C   O    doub N N 224 
MET C   OXT  sing N N 225 
MET CB  CG   sing N N 226 
MET CB  HB2  sing N N 227 
MET CB  HB3  sing N N 228 
MET CG  SD   sing N N 229 
MET CG  HG2  sing N N 230 
MET CG  HG3  sing N N 231 
MET SD  CE   sing N N 232 
MET CE  HE1  sing N N 233 
MET CE  HE2  sing N N 234 
MET CE  HE3  sing N N 235 
MET OXT HXT  sing N N 236 
PHE N   CA   sing N N 237 
PHE N   H    sing N N 238 
PHE N   H2   sing N N 239 
PHE CA  C    sing N N 240 
PHE CA  CB   sing N N 241 
PHE CA  HA   sing N N 242 
PHE C   O    doub N N 243 
PHE C   OXT  sing N N 244 
PHE CB  CG   sing N N 245 
PHE CB  HB2  sing N N 246 
PHE CB  HB3  sing N N 247 
PHE CG  CD1  doub Y N 248 
PHE CG  CD2  sing Y N 249 
PHE CD1 CE1  sing Y N 250 
PHE CD1 HD1  sing N N 251 
PHE CD2 CE2  doub Y N 252 
PHE CD2 HD2  sing N N 253 
PHE CE1 CZ   doub Y N 254 
PHE CE1 HE1  sing N N 255 
PHE CE2 CZ   sing Y N 256 
PHE CE2 HE2  sing N N 257 
PHE CZ  HZ   sing N N 258 
PHE OXT HXT  sing N N 259 
PRO N   CA   sing N N 260 
PRO N   CD   sing N N 261 
PRO N   H    sing N N 262 
PRO CA  C    sing N N 263 
PRO CA  CB   sing N N 264 
PRO CA  HA   sing N N 265 
PRO C   O    doub N N 266 
PRO C   OXT  sing N N 267 
PRO CB  CG   sing N N 268 
PRO CB  HB2  sing N N 269 
PRO CB  HB3  sing N N 270 
PRO CG  CD   sing N N 271 
PRO CG  HG2  sing N N 272 
PRO CG  HG3  sing N N 273 
PRO CD  HD2  sing N N 274 
PRO CD  HD3  sing N N 275 
PRO OXT HXT  sing N N 276 
SER N   CA   sing N N 277 
SER N   H    sing N N 278 
SER N   H2   sing N N 279 
SER CA  C    sing N N 280 
SER CA  CB   sing N N 281 
SER CA  HA   sing N N 282 
SER C   O    doub N N 283 
SER C   OXT  sing N N 284 
SER CB  OG   sing N N 285 
SER CB  HB2  sing N N 286 
SER CB  HB3  sing N N 287 
SER OG  HG   sing N N 288 
SER OXT HXT  sing N N 289 
SET N   CA   sing N N 290 
SET N   H    sing N N 291 
SET N   H2   sing N N 292 
SET CA  CB   sing N N 293 
SET CA  C    sing N N 294 
SET CA  HA   sing N N 295 
SET CB  OG   sing N N 296 
SET CB  HB2  sing N N 297 
SET CB  HB3  sing N N 298 
SET OG  HG   sing N N 299 
SET NT  C    sing N N 300 
SET NT  HNT1 sing N N 301 
SET NT  HNT2 sing N N 302 
SET C   O    doub N N 303 
SO4 S   O1   doub N N 304 
SO4 S   O2   doub N N 305 
SO4 S   O3   sing N N 306 
SO4 S   O4   sing N N 307 
THR N   CA   sing N N 308 
THR N   H    sing N N 309 
THR N   H2   sing N N 310 
THR CA  C    sing N N 311 
THR CA  CB   sing N N 312 
THR CA  HA   sing N N 313 
THR C   O    doub N N 314 
THR C   OXT  sing N N 315 
THR CB  OG1  sing N N 316 
THR CB  CG2  sing N N 317 
THR CB  HB   sing N N 318 
THR OG1 HG1  sing N N 319 
THR CG2 HG21 sing N N 320 
THR CG2 HG22 sing N N 321 
THR CG2 HG23 sing N N 322 
THR OXT HXT  sing N N 323 
TYR N   CA   sing N N 324 
TYR N   H    sing N N 325 
TYR N   H2   sing N N 326 
TYR CA  C    sing N N 327 
TYR CA  CB   sing N N 328 
TYR CA  HA   sing N N 329 
TYR C   O    doub N N 330 
TYR C   OXT  sing N N 331 
TYR CB  CG   sing N N 332 
TYR CB  HB2  sing N N 333 
TYR CB  HB3  sing N N 334 
TYR CG  CD1  doub Y N 335 
TYR CG  CD2  sing Y N 336 
TYR CD1 CE1  sing Y N 337 
TYR CD1 HD1  sing N N 338 
TYR CD2 CE2  doub Y N 339 
TYR CD2 HD2  sing N N 340 
TYR CE1 CZ   doub Y N 341 
TYR CE1 HE1  sing N N 342 
TYR CE2 CZ   sing Y N 343 
TYR CE2 HE2  sing N N 344 
TYR CZ  OH   sing N N 345 
TYR OH  HH   sing N N 346 
TYR OXT HXT  sing N N 347 
VAL N   CA   sing N N 348 
VAL N   H    sing N N 349 
VAL N   H2   sing N N 350 
VAL CA  C    sing N N 351 
VAL CA  CB   sing N N 352 
VAL CA  HA   sing N N 353 
VAL C   O    doub N N 354 
VAL C   OXT  sing N N 355 
VAL CB  CG1  sing N N 356 
VAL CB  CG2  sing N N 357 
VAL CB  HB   sing N N 358 
VAL CG1 HG11 sing N N 359 
VAL CG1 HG12 sing N N 360 
VAL CG1 HG13 sing N N 361 
VAL CG2 HG21 sing N N 362 
VAL CG2 HG22 sing N N 363 
VAL CG2 HG23 sing N N 364 
VAL OXT HXT  sing N N 365 
# 
_atom_sites.entry_id                    1D5D 
_atom_sites.fract_transf_matrix[1][1]   0.02056578 
_atom_sites.fract_transf_matrix[1][2]   -0.01511695 
_atom_sites.fract_transf_matrix[1][3]   0.00342011 
_atom_sites.fract_transf_matrix[2][1]   0.01847955 
_atom_sites.fract_transf_matrix[2][2]   0.00694690 
_atom_sites.fract_transf_matrix[2][3]   0.01653518 
_atom_sites.fract_transf_matrix[3][1]   -0.00486321 
_atom_sites.fract_transf_matrix[3][2]   -0.00491893 
_atom_sites.fract_transf_matrix[3][3]   0.00750166 
_atom_sites.fract_transf_vector[1]      -0.409129 
_atom_sites.fract_transf_vector[2]      -0.217423 
_atom_sites.fract_transf_vector[3]      0.079531 
# 
loop_
_atom_type.symbol 
C 
H 
N 
O 
S 
# 
loop_
_atom_site.group_PDB 
_atom_site.id 
_atom_site.type_symbol 
_atom_site.label_atom_id 
_atom_site.label_alt_id 
_atom_site.label_comp_id 
_atom_site.label_asym_id 
_atom_site.label_entity_id 
_atom_site.label_seq_id 
_atom_site.pdbx_PDB_ins_code 
_atom_site.Cartn_x 
_atom_site.Cartn_y 
_atom_site.Cartn_z 
_atom_site.occupancy 
_atom_site.B_iso_or_equiv 
_atom_site.pdbx_formal_charge 
_atom_site.auth_seq_id 
_atom_site.auth_comp_id 
_atom_site.auth_asym_id 
_atom_site.auth_atom_id 
_atom_site.pdbx_PDB_model_num 
ATOM   1    N N    . LYS A 1 1   ? 6.851   -1.664  19.425  1.00 57.49  ? 1   LYS A N    1 
ATOM   2    C CA   . LYS A 1 1   ? 5.993   -0.448  19.280  1.00 56.96  ? 1   LYS A CA   1 
ATOM   3    C C    . LYS A 1 1   ? 4.816   -0.718  18.333  1.00 52.61  ? 1   LYS A C    1 
ATOM   4    O O    . LYS A 1 1   ? 3.738   -1.140  18.763  1.00 52.75  ? 1   LYS A O    1 
ATOM   5    C CB   . LYS A 1 1   ? 6.836   0.723   18.749  1.00 60.91  ? 1   LYS A CB   1 
ATOM   6    C CG   . LYS A 1 1   ? 6.384   2.104   19.224  1.00 62.61  ? 1   LYS A CG   1 
ATOM   7    C CD   . LYS A 1 1   ? 7.409   3.178   18.868  1.00 64.06  ? 1   LYS A CD   1 
ATOM   8    C CE   . LYS A 1 1   ? 7.228   3.677   17.436  1.00 63.02  ? 1   LYS A CE   1 
ATOM   9    N NZ   . LYS A 1 1   ? 7.804   2.746   16.425  1.00 61.77  ? 1   LYS A NZ   1 
ATOM   10   H H1   . LYS A 1 1   ? 7.221   -1.927  18.489  1.00 0.00   ? 1   LYS A H1   1 
ATOM   11   H H2   . LYS A 1 1   ? 6.293   -2.451  19.814  1.00 0.00   ? 1   LYS A H2   1 
ATOM   12   H H3   . LYS A 1 1   ? 7.651   -1.457  20.059  1.00 0.00   ? 1   LYS A H3   1 
ATOM   13   H HZ1  . LYS A 1 1   ? 7.808   3.209   15.493  1.00 0.00   ? 1   LYS A HZ1  1 
ATOM   14   H HZ2  . LYS A 1 1   ? 7.236   1.875   16.379  1.00 0.00   ? 1   LYS A HZ2  1 
ATOM   15   H HZ3  . LYS A 1 1   ? 8.780   2.513   16.696  1.00 0.00   ? 1   LYS A HZ3  1 
ATOM   16   N N    . GLU A 1 2   ? 5.042   -0.476  17.045  1.00 45.53  ? 2   GLU A N    1 
ATOM   17   C CA   . GLU A 1 2   ? 4.030   -0.676  16.015  1.00 38.55  ? 2   GLU A CA   1 
ATOM   18   C C    . GLU A 1 2   ? 4.254   -2.021  15.324  1.00 33.31  ? 2   GLU A C    1 
ATOM   19   O O    . GLU A 1 2   ? 5.374   -2.345  14.930  1.00 35.26  ? 2   GLU A O    1 
ATOM   20   C CB   . GLU A 1 2   ? 4.120   0.463   14.993  1.00 37.02  ? 2   GLU A CB   1 
ATOM   21   C CG   . GLU A 1 2   ? 2.846   0.746   14.223  1.00 33.16  ? 2   GLU A CG   1 
ATOM   22   C CD   . GLU A 1 2   ? 3.093   1.585   12.976  1.00 30.73  ? 2   GLU A CD   1 
ATOM   23   O OE1  . GLU A 1 2   ? 4.266   1.740   12.566  1.00 32.46  ? 2   GLU A OE1  1 
ATOM   24   O OE2  . GLU A 1 2   ? 2.106   2.091   12.406  1.00 27.89  ? 2   GLU A OE2  1 
ATOM   25   H H    . GLU A 1 2   ? 5.925   -0.149  16.769  1.00 0.00   ? 2   GLU A H    1 
ATOM   26   N N    . THR A 1 3   ? 3.192   -2.805  15.185  1.00 26.99  ? 3   THR A N    1 
ATOM   27   C CA   . THR A 1 3   ? 3.291   -4.104  14.527  1.00 25.37  ? 3   THR A CA   1 
ATOM   28   C C    . THR A 1 3   ? 3.324   -3.942  13.009  1.00 20.89  ? 3   THR A C    1 
ATOM   29   O O    . THR A 1 3   ? 2.940   -2.903  12.485  1.00 22.62  ? 3   THR A O    1 
ATOM   30   C CB   . THR A 1 3   ? 2.098   -5.004  14.870  1.00 25.52  ? 3   THR A CB   1 
ATOM   31   O OG1  . THR A 1 3   ? 0.947   -4.566  14.140  1.00 29.76  ? 3   THR A OG1  1 
ATOM   32   C CG2  . THR A 1 3   ? 1.808   -4.956  16.356  1.00 22.63  ? 3   THR A CG2  1 
ATOM   33   H H    . THR A 1 3   ? 2.326   -2.506  15.532  1.00 0.00   ? 3   THR A H    1 
ATOM   34   H HG1  . THR A 1 3   ? 0.216   -5.166  14.313  1.00 0.00   ? 3   THR A HG1  1 
ATOM   35   N N    . ALA A 1 4   ? 3.768   -4.984  12.314  1.00 18.60  ? 4   ALA A N    1 
ATOM   36   C CA   . ALA A 1 4   ? 3.864   -4.968  10.860  1.00 19.58  ? 4   ALA A CA   1 
ATOM   37   C C    . ALA A 1 4   ? 2.497   -4.855  10.227  1.00 18.68  ? 4   ALA A C    1 
ATOM   38   O O    . ALA A 1 4   ? 2.349   -4.295  9.146   1.00 24.31  ? 4   ALA A O    1 
ATOM   39   C CB   . ALA A 1 4   ? 4.547   -6.221  10.377  1.00 21.15  ? 4   ALA A CB   1 
ATOM   40   H H    . ALA A 1 4   ? 4.037   -5.792  12.801  1.00 0.00   ? 4   ALA A H    1 
ATOM   41   N N    . ALA A 1 5   ? 1.497   -5.396  10.907  1.00 17.58  ? 5   ALA A N    1 
ATOM   42   C CA   . ALA A 1 5   ? 0.133   -5.348  10.409  1.00 17.57  ? 5   ALA A CA   1 
ATOM   43   C C    . ALA A 1 5   ? -0.436  -3.940  10.584  1.00 16.15  ? 5   ALA A C    1 
ATOM   44   O O    . ALA A 1 5   ? -1.226  -3.490  9.768   1.00 18.56  ? 5   ALA A O    1 
ATOM   45   C CB   . ALA A 1 5   ? -0.727  -6.370  11.144  1.00 19.11  ? 5   ALA A CB   1 
ATOM   46   H H    . ALA A 1 5   ? 1.675   -5.837  11.763  1.00 0.00   ? 5   ALA A H    1 
ATOM   47   N N    . ALA A 1 6   ? -0.032  -3.252  11.649  1.00 15.56  ? 6   ALA A N    1 
ATOM   48   C CA   . ALA A 1 6   ? -0.494  -1.893  11.909  1.00 13.63  ? 6   ALA A CA   1 
ATOM   49   C C    . ALA A 1 6   ? 0.160   -0.924  10.929  1.00 15.49  ? 6   ALA A C    1 
ATOM   50   O O    . ALA A 1 6   ? -0.493  -0.025  10.402  1.00 16.82  ? 6   ALA A O    1 
ATOM   51   C CB   . ALA A 1 6   ? -0.149  -1.488  13.335  1.00 12.02  ? 6   ALA A CB   1 
ATOM   52   H H    . ALA A 1 6   ? 0.591   -3.674  12.272  1.00 0.00   ? 6   ALA A H    1 
ATOM   53   N N    . LYS A 1 7   ? 1.457   -1.114  10.699  1.00 16.44  ? 7   LYS A N    1 
ATOM   54   C CA   . LYS A 1 7   ? 2.233   -0.272  9.788   1.00 15.66  ? 7   LYS A CA   1 
ATOM   55   C C    . LYS A 1 7   ? 1.614   -0.308  8.400   1.00 17.89  ? 7   LYS A C    1 
ATOM   56   O O    . LYS A 1 7   ? 1.406   0.729   7.765   1.00 16.43  ? 7   LYS A O    1 
ATOM   57   C CB   . LYS A 1 7   ? 3.669   -0.781  9.729   1.00 16.92  ? 7   LYS A CB   1 
ATOM   58   C CG   . LYS A 1 7   ? 4.661   0.194   9.162   1.00 19.43  ? 7   LYS A CG   1 
ATOM   59   C CD   . LYS A 1 7   ? 6.027   -0.458  9.061   1.00 23.29  ? 7   LYS A CD   1 
ATOM   60   C CE   . LYS A 1 7   ? 6.940   0.303   8.113   1.00 32.02  ? 7   LYS A CE   1 
ATOM   61   N NZ   . LYS A 1 7   ? 7.893   -0.588  7.374   1.00 41.68  ? 7   LYS A NZ   1 
ATOM   62   H H    . LYS A 1 7   ? 1.910   -1.847  11.159  1.00 0.00   ? 7   LYS A H    1 
ATOM   63   H HZ1  . LYS A 1 7   ? 8.458   -0.023  6.706   1.00 0.00   ? 7   LYS A HZ1  1 
ATOM   64   H HZ2  . LYS A 1 7   ? 7.349   -1.300  6.848   1.00 0.00   ? 7   LYS A HZ2  1 
ATOM   65   H HZ3  . LYS A 1 7   ? 8.531   -1.071  8.037   1.00 0.00   ? 7   LYS A HZ3  1 
ATOM   66   N N    . MET A 1 8   ? 1.320   -1.519  7.941   1.00 18.86  ? 8   MET A N    1 
ATOM   67   C CA   . MET A 1 8   ? 0.700   -1.720  6.644   1.00 18.81  ? 8   MET A CA   1 
ATOM   68   C C    . MET A 1 8   ? -0.572  -0.880  6.500   1.00 19.45  ? 8   MET A C    1 
ATOM   69   O O    . MET A 1 8   ? -0.748  -0.204  5.498   1.00 22.08  ? 8   MET A O    1 
ATOM   70   C CB   . MET A 1 8   ? 0.377   -3.202  6.459   1.00 18.78  ? 8   MET A CB   1 
ATOM   71   C CG   . MET A 1 8   ? -0.603  -3.497  5.352   1.00 23.24  ? 8   MET A CG   1 
ATOM   72   S SD   . MET A 1 8   ? 0.213   -3.643  3.772   1.00 29.77  ? 8   MET A SD   1 
ATOM   73   C CE   . MET A 1 8   ? -1.207  -3.677  2.672   1.00 25.62  ? 8   MET A CE   1 
ATOM   74   H H    . MET A 1 8   ? 1.530   -2.295  8.499   1.00 0.00   ? 8   MET A H    1 
ATOM   75   N N    . GLU A 1 9   ? -1.446  -0.903  7.507   1.00 20.70  ? 9   GLU A N    1 
ATOM   76   C CA   . GLU A 1 9   ? -2.702  -0.144  7.451   1.00 18.50  ? 9   GLU A CA   1 
ATOM   77   C C    . GLU A 1 9   ? -2.482  1.363   7.458   1.00 17.00  ? 9   GLU A C    1 
ATOM   78   O O    . GLU A 1 9   ? -3.162  2.107   6.753   1.00 20.97  ? 9   GLU A O    1 
ATOM   79   C CB   . GLU A 1 9   ? -3.611  -0.512  8.632   1.00 20.77  ? 9   GLU A CB   1 
ATOM   80   C CG   . GLU A 1 9   ? -3.914  -1.997  8.783   1.00 26.82  ? 9   GLU A CG   1 
ATOM   81   C CD   . GLU A 1 9   ? -4.677  -2.319  10.067  1.00 29.53  ? 9   GLU A CD   1 
ATOM   82   O OE1  . GLU A 1 9   ? -4.247  -1.864  11.153  1.00 26.19  ? 9   GLU A OE1  1 
ATOM   83   O OE2  . GLU A 1 9   ? -5.708  -3.027  9.989   1.00 31.60  ? 9   GLU A OE2  1 
ATOM   84   H H    . GLU A 1 9   ? -1.241  -1.438  8.300   1.00 0.00   ? 9   GLU A H    1 
ATOM   85   N N    . ARG A 1 10  ? -1.542  1.817   8.272   1.00 17.84  ? 10  ARG A N    1 
ATOM   86   C CA   . ARG A 1 10  ? -1.262  3.237   8.362   1.00 16.01  ? 10  ARG A CA   1 
ATOM   87   C C    . ARG A 1 10  ? -0.633  3.773   7.075   1.00 15.43  ? 10  ARG A C    1 
ATOM   88   O O    . ARG A 1 10  ? -0.858  4.909   6.689   1.00 15.59  ? 10  ARG A O    1 
ATOM   89   C CB   . ARG A 1 10  ? -0.327  3.507   9.535   1.00 13.47  ? 10  ARG A CB   1 
ATOM   90   C CG   . ARG A 1 10  ? 0.256   4.899   9.523   1.00 13.62  ? 10  ARG A CG   1 
ATOM   91   C CD   . ARG A 1 10  ? 1.162   5.141   10.727  1.00 11.42  ? 10  ARG A CD   1 
ATOM   92   N NE   . ARG A 1 10  ? 2.326   4.259   10.733  1.00 16.44  ? 10  ARG A NE   1 
ATOM   93   C CZ   . ARG A 1 10  ? 3.448   4.487   10.054  1.00 22.59  ? 10  ARG A CZ   1 
ATOM   94   N NH1  . ARG A 1 10  ? 4.458   3.623   10.124  1.00 21.12  ? 10  ARG A NH1  1 
ATOM   95   N NH2  . ARG A 1 10  ? 3.562   5.572   9.296   1.00 24.75  ? 10  ARG A NH2  1 
ATOM   96   H H    . ARG A 1 10  ? -1.025  1.188   8.821   1.00 0.00   ? 10  ARG A H    1 
ATOM   97   H HE   . ARG A 1 10  ? 2.282   3.447   11.264  1.00 0.00   ? 10  ARG A HE   1 
ATOM   98   H HH11 . ARG A 1 10  ? 4.357   2.786   10.658  1.00 0.00   ? 10  ARG A HH11 1 
ATOM   99   H HH12 . ARG A 1 10  ? 5.285   3.774   9.582   1.00 0.00   ? 10  ARG A HH12 1 
ATOM   100  H HH21 . ARG A 1 10  ? 4.401   5.734   8.776   1.00 0.00   ? 10  ARG A HH21 1 
ATOM   101  H HH22 . ARG A 1 10  ? 2.780   6.184   9.184   1.00 0.00   ? 10  ARG A HH22 1 
ATOM   102  N N    . GLN A 1 11  ? 0.144   2.939   6.403   1.00 16.29  ? 11  GLN A N    1 
ATOM   103  C CA   . GLN A 1 11  ? 0.818   3.356   5.184   1.00 14.89  ? 11  GLN A CA   1 
ATOM   104  C C    . GLN A 1 11  ? 0.021   3.205   3.904   1.00 12.91  ? 11  GLN A C    1 
ATOM   105  O O    . GLN A 1 11  ? 0.189   3.997   2.987   1.00 13.82  ? 11  GLN A O    1 
ATOM   106  C CB   . GLN A 1 11  ? 2.104   2.557   5.012   1.00 20.87  ? 11  GLN A CB   1 
ATOM   107  C CG   . GLN A 1 11  ? 3.286   3.048   5.794   1.00 26.77  ? 11  GLN A CG   1 
ATOM   108  C CD   . GLN A 1 11  ? 4.546   2.299   5.419   1.00 30.40  ? 11  GLN A CD   1 
ATOM   109  O OE1  . GLN A 1 11  ? 4.538   1.078   5.275   1.00 32.31  ? 11  GLN A OE1  1 
ATOM   110  N NE2  . GLN A 1 11  ? 5.637   3.030   5.253   1.00 35.73  ? 11  GLN A NE2  1 
ATOM   111  H H    . GLN A 1 11  ? 0.260   2.026   6.735   1.00 0.00   ? 11  GLN A H    1 
ATOM   112  H HE21 . GLN A 1 11  ? 5.564   3.998   5.374   1.00 0.00   ? 11  GLN A HE21 1 
ATOM   113  H HE22 . GLN A 1 11  ? 6.468   2.569   5.013   1.00 0.00   ? 11  GLN A HE22 1 
ATOM   114  N N    . HIS A 1 12  ? -0.830  2.183   3.834   1.00 13.75  ? 12  HIS A N    1 
ATOM   115  C CA   . HIS A 1 12  ? -1.595  1.902   2.621   1.00 12.74  ? 12  HIS A CA   1 
ATOM   116  C C    . HIS A 1 12  ? -3.115  1.891   2.669   1.00 12.62  ? 12  HIS A C    1 
ATOM   117  O O    . HIS A 1 12  ? -3.741  1.715   1.630   1.00 16.27  ? 12  HIS A O    1 
ATOM   118  C CB   . HIS A 1 12  ? -1.181  0.548   2.044   1.00 7.35   ? 12  HIS A CB   1 
ATOM   119  C CG   . HIS A 1 12  ? 0.293   0.369   1.906   1.00 13.31  ? 12  HIS A CG   1 
ATOM   120  N ND1  . HIS A 1 12  ? 1.036   1.030   0.953   1.00 13.20  ? 12  HIS A ND1  1 
ATOM   121  C CD2  . HIS A 1 12  ? 1.167   -0.405  2.595   1.00 10.29  ? 12  HIS A CD2  1 
ATOM   122  C CE1  . HIS A 1 12  ? 2.303   0.673   1.058   1.00 12.74  ? 12  HIS A CE1  1 
ATOM   123  N NE2  . HIS A 1 12  ? 2.410   -0.197  2.048   1.00 12.21  ? 12  HIS A NE2  1 
ATOM   124  H H    . HIS A 1 12  ? -0.945  1.605   4.614   1.00 0.00   ? 12  HIS A H    1 
ATOM   125  H HD1  . HIS A 1 12  ? 0.695   1.667   0.295   1.00 0.00   ? 12  HIS A HD1  1 
ATOM   126  H HE2  . HIS A 1 12  ? 3.246   -0.613  2.332   1.00 0.00   ? 12  HIS A HE2  1 
ATOM   127  N N    . LEU A 1 13  ? -3.729  2.059   3.830   1.00 12.26  ? 13  LEU A N    1 
ATOM   128  C CA   . LEU A 1 13  ? -5.185  2.006   3.865   1.00 15.30  ? 13  LEU A CA   1 
ATOM   129  C C    . LEU A 1 13  ? -5.847  3.369   4.027   1.00 17.05  ? 13  LEU A C    1 
ATOM   130  O O    . LEU A 1 13  ? -5.475  4.156   4.893   1.00 19.52  ? 13  LEU A O    1 
ATOM   131  C CB   . LEU A 1 13  ? -5.648  1.060   4.988   1.00 17.24  ? 13  LEU A CB   1 
ATOM   132  C CG   . LEU A 1 13  ? -6.851  0.106   4.856   1.00 22.35  ? 13  LEU A CG   1 
ATOM   133  C CD1  . LEU A 1 13  ? -7.990  0.622   5.714   1.00 22.18  ? 13  LEU A CD1  1 
ATOM   134  C CD2  . LEU A 1 13  ? -7.318  -0.029  3.421   1.00 22.21  ? 13  LEU A CD2  1 
ATOM   135  H H    . LEU A 1 13  ? -3.215  2.219   4.647   1.00 0.00   ? 13  LEU A H    1 
ATOM   136  N N    . ASP A 1 14  ? -6.820  3.643   3.168   1.00 18.06  ? 14  ASP A N    1 
ATOM   137  C CA   . ASP A 1 14  ? -7.571  4.881   3.227   1.00 18.79  ? 14  ASP A CA   1 
ATOM   138  C C    . ASP A 1 14  ? -9.003  4.551   2.845   1.00 22.62  ? 14  ASP A C    1 
ATOM   139  O O    . ASP A 1 14  ? -9.508  5.004   1.817   1.00 24.02  ? 14  ASP A O    1 
ATOM   140  C CB   . ASP A 1 14  ? -7.023  5.926   2.266   1.00 15.09  ? 14  ASP A CB   1 
ATOM   141  C CG   . ASP A 1 14  ? -7.763  7.252   2.374   1.00 19.97  ? 14  ASP A CG   1 
ATOM   142  O OD1  . ASP A 1 14  ? -8.463  7.460   3.385   1.00 21.62  ? 14  ASP A OD1  1 
ATOM   143  O OD2  . ASP A 1 14  ? -7.649  8.093   1.451   1.00 22.38  ? 14  ASP A OD2  1 
ATOM   144  H H    . ASP A 1 14  ? -7.034  2.983   2.476   1.00 0.00   ? 14  ASP A H    1 
HETATM 145  N N    . SET A 1 15  ? -9.648  3.746   3.684   1.00 23.94  ? 15  SET A N    1 
HETATM 146  C CA   . SET A 1 15  ? -11.020 3.331   3.460   1.00 30.13  ? 15  SET A CA   1 
HETATM 147  C CB   . SET A 1 15  ? -11.399 2.260   4.470   1.00 28.41  ? 15  SET A CB   1 
HETATM 148  O OG   . SET A 1 15  ? -11.246 2.752   5.786   1.00 36.70  ? 15  SET A OG   1 
HETATM 149  N NT   . SET A 1 15  ? -11.805 5.283   4.657   1.00 42.71  ? 15  SET A NT   1 
HETATM 150  C C    . SET A 1 15  ? -11.971 4.512   3.588   1.00 34.40  ? 15  SET A C    1 
HETATM 151  O O    . SET A 1 15  ? -12.841 4.721   2.739   1.00 35.60  ? 15  SET A O    1 
HETATM 152  H HG   . SET A 1 15  ? -11.280 2.011   6.396   1.00 0.00   ? 15  SET A HG   1 
HETATM 153  H HNT1 . SET A 1 15  ? -11.120 5.019   5.308   1.00 0.00   ? 15  SET A HNT1 1 
HETATM 154  H HNT2 . SET A 1 15  ? -12.366 6.078   4.753   1.00 0.00   ? 15  SET A HNT2 1 
ATOM   155  N N    . ASN B 2 1   ? -3.107  18.693  -3.076  1.00 31.03  ? 24  ASN B N    1 
ATOM   156  C CA   . ASN B 2 1   ? -2.683  17.405  -3.699  1.00 29.97  ? 24  ASN B CA   1 
ATOM   157  C C    . ASN B 2 1   ? -2.853  16.290  -2.669  1.00 26.49  ? 24  ASN B C    1 
ATOM   158  O O    . ASN B 2 1   ? -2.157  16.256  -1.651  1.00 24.49  ? 24  ASN B O    1 
ATOM   159  C CB   . ASN B 2 1   ? -1.219  17.509  -4.137  1.00 33.09  ? 24  ASN B CB   1 
ATOM   160  C CG   . ASN B 2 1   ? -0.733  16.279  -4.863  1.00 35.21  ? 24  ASN B CG   1 
ATOM   161  O OD1  . ASN B 2 1   ? -0.705  15.187  -4.303  1.00 37.77  ? 24  ASN B OD1  1 
ATOM   162  N ND2  . ASN B 2 1   ? -0.335  16.451  -6.118  1.00 35.68  ? 24  ASN B ND2  1 
ATOM   163  H H1   . ASN B 2 1   ? -2.500  18.907  -2.259  1.00 0.00   ? 24  ASN B H1   1 
ATOM   164  H H2   . ASN B 2 1   ? -4.096  18.611  -2.760  1.00 0.00   ? 24  ASN B H2   1 
ATOM   165  H H3   . ASN B 2 1   ? -3.027  19.456  -3.779  1.00 0.00   ? 24  ASN B H3   1 
ATOM   166  H HD21 . ASN B 2 1   ? -0.061  15.662  -6.632  1.00 0.00   ? 24  ASN B HD21 1 
ATOM   167  H HD22 . ASN B 2 1   ? -0.330  17.360  -6.482  1.00 0.00   ? 24  ASN B HD22 1 
ATOM   168  N N    . TYR B 2 2   ? -3.787  15.384  -2.936  1.00 22.95  ? 25  TYR B N    1 
ATOM   169  C CA   . TYR B 2 2   ? -4.068  14.277  -2.026  1.00 20.10  ? 25  TYR B CA   1 
ATOM   170  C C    . TYR B 2 2   ? -2.815  13.533  -1.545  1.00 21.75  ? 25  TYR B C    1 
ATOM   171  O O    . TYR B 2 2   ? -2.672  13.254  -0.349  1.00 22.35  ? 25  TYR B O    1 
ATOM   172  C CB   . TYR B 2 2   ? -5.043  13.303  -2.703  1.00 17.57  ? 25  TYR B CB   1 
ATOM   173  C CG   . TYR B 2 2   ? -5.213  11.966  -2.004  1.00 16.02  ? 25  TYR B CG   1 
ATOM   174  C CD1  . TYR B 2 2   ? -6.204  11.781  -1.043  1.00 16.53  ? 25  TYR B CD1  1 
ATOM   175  C CD2  . TYR B 2 2   ? -4.372  10.886  -2.301  1.00 12.61  ? 25  TYR B CD2  1 
ATOM   176  C CE1  . TYR B 2 2   ? -6.354  10.552  -0.396  1.00 21.05  ? 25  TYR B CE1  1 
ATOM   177  C CE2  . TYR B 2 2   ? -4.510  9.663   -1.664  1.00 14.32  ? 25  TYR B CE2  1 
ATOM   178  C CZ   . TYR B 2 2   ? -5.500  9.505   -0.712  1.00 18.83  ? 25  TYR B CZ   1 
ATOM   179  O OH   . TYR B 2 2   ? -5.623  8.305   -0.062  1.00 19.17  ? 25  TYR B OH   1 
ATOM   180  H H    . TYR B 2 2   ? -4.300  15.466  -3.765  1.00 0.00   ? 25  TYR B H    1 
ATOM   181  H HH   . TYR B 2 2   ? -4.956  7.695   -0.389  1.00 0.00   ? 25  TYR B HH   1 
ATOM   182  N N    . CYS B 2 3   ? -1.910  13.226  -2.474  1.00 20.83  ? 26  CYS B N    1 
ATOM   183  C CA   . CYS B 2 3   ? -0.685  12.489  -2.152  1.00 18.02  ? 26  CYS B CA   1 
ATOM   184  C C    . CYS B 2 3   ? 0.237   13.222  -1.194  1.00 17.66  ? 26  CYS B C    1 
ATOM   185  O O    . CYS B 2 3   ? 0.764   12.638  -0.254  1.00 18.07  ? 26  CYS B O    1 
ATOM   186  C CB   . CYS B 2 3   ? 0.088   12.148  -3.432  1.00 13.16  ? 26  CYS B CB   1 
ATOM   187  S SG   . CYS B 2 3   ? -0.560  10.711  -4.348  1.00 16.95  ? 26  CYS B SG   1 
ATOM   188  H H    . CYS B 2 3   ? -2.078  13.503  -3.397  1.00 0.00   ? 26  CYS B H    1 
ATOM   189  N N    . ASN B 2 4   ? 0.440   14.504  -1.432  1.00 16.53  ? 27  ASN B N    1 
ATOM   190  C CA   . ASN B 2 4   ? 1.310   15.262  -0.560  1.00 16.64  ? 27  ASN B CA   1 
ATOM   191  C C    . ASN B 2 4   ? 0.742   15.356  0.845   1.00 17.15  ? 27  ASN B C    1 
ATOM   192  O O    . ASN B 2 4   ? 1.481   15.285  1.821   1.00 17.94  ? 27  ASN B O    1 
ATOM   193  C CB   . ASN B 2 4   ? 1.516   16.666  -1.122  1.00 18.69  ? 27  ASN B CB   1 
ATOM   194  C CG   . ASN B 2 4   ? 2.263   16.660  -2.438  1.00 21.02  ? 27  ASN B CG   1 
ATOM   195  O OD1  . ASN B 2 4   ? 2.691   15.615  -2.919  1.00 29.92  ? 27  ASN B OD1  1 
ATOM   196  N ND2  . ASN B 2 4   ? 2.421   17.832  -3.030  1.00 22.94  ? 27  ASN B ND2  1 
ATOM   197  H H    . ASN B 2 4   ? 0.004   14.940  -2.197  1.00 0.00   ? 27  ASN B H    1 
ATOM   198  H HD21 . ASN B 2 4   ? 2.072   18.632  -2.583  1.00 0.00   ? 27  ASN B HD21 1 
ATOM   199  H HD22 . ASN B 2 4   ? 2.882   17.846  -3.894  1.00 0.00   ? 27  ASN B HD22 1 
ATOM   200  N N    . GLN B 2 5   ? -0.574  15.517  0.944   1.00 18.76  ? 28  GLN B N    1 
ATOM   201  C CA   . GLN B 2 5   ? -1.222  15.653  2.243   1.00 19.52  ? 28  GLN B CA   1 
ATOM   202  C C    . GLN B 2 5   ? -1.343  14.340  3.012   1.00 19.83  ? 28  GLN B C    1 
ATOM   203  O O    . GLN B 2 5   ? -1.098  14.308  4.219   1.00 18.43  ? 28  GLN B O    1 
ATOM   204  C CB   . GLN B 2 5   ? -2.602  16.304  2.084   0.57 18.84  ? 28  GLN B CB   1 
ATOM   205  C CG   . GLN B 2 5   ? -3.676  15.372  1.552   0.57 29.95  ? 28  GLN B CG   1 
ATOM   206  C CD   . GLN B 2 5   ? -4.884  15.273  2.472   0.57 32.72  ? 28  GLN B CD   1 
ATOM   207  O OE1  . GLN B 2 5   ? -4.796  15.559  3.669   0.57 35.74  ? 28  GLN B OE1  1 
ATOM   208  N NE2  . GLN B 2 5   ? -6.020  14.864  1.915   0.57 33.48  ? 28  GLN B NE2  1 
ATOM   209  H H    . GLN B 2 5   ? -1.117  15.545  0.131   1.00 0.00   ? 28  GLN B H    1 
ATOM   210  H HE21 . GLN B 2 5   ? -6.068  14.798  0.939   1.00 0.00   ? 28  GLN B HE21 1 
ATOM   211  H HE22 . GLN B 2 5   ? -6.762  14.646  2.517   1.00 0.00   ? 28  GLN B HE22 1 
ATOM   212  N N    . MET B 2 6   ? -1.708  13.263  2.321   1.00 20.30  ? 29  MET B N    1 
ATOM   213  C CA   . MET B 2 6   ? -1.857  11.956  2.964   1.00 18.64  ? 29  MET B CA   1 
ATOM   214  C C    . MET B 2 6   ? -0.516  11.358  3.394   1.00 20.65  ? 29  MET B C    1 
ATOM   215  O O    . MET B 2 6   ? -0.415  10.702  4.433   1.00 24.28  ? 29  MET B O    1 
ATOM   216  C CB   . MET B 2 6   ? -2.568  10.984  2.024   0.50 13.16  ? 29  MET B CB   1 
ATOM   217  C CG   . MET B 2 6   ? -4.066  10.953  2.198   0.50 8.08   ? 29  MET B CG   1 
ATOM   218  S SD   . MET B 2 6   ? -4.577  10.646  3.893   0.50 3.98   ? 29  MET B SD   1 
ATOM   219  C CE   . MET B 2 6   ? -4.576  8.897   3.924   0.50 4.68   ? 29  MET B CE   1 
ATOM   220  H H    . MET B 2 6   ? -1.877  13.348  1.364   1.00 0.00   ? 29  MET B H    1 
ATOM   221  N N    . MET B 2 7   ? 0.513   11.576  2.583   1.00 20.89  ? 30  MET B N    1 
ATOM   222  C CA   . MET B 2 7   ? 1.841   11.062  2.887   1.00 16.40  ? 30  MET B CA   1 
ATOM   223  C C    . MET B 2 7   ? 2.361   11.770  4.134   1.00 17.53  ? 30  MET B C    1 
ATOM   224  O O    . MET B 2 7   ? 3.062   11.187  4.957   1.00 14.89  ? 30  MET B O    1 
ATOM   225  C CB   . MET B 2 7   ? 2.787   11.321  1.712   1.00 19.00  ? 30  MET B CB   1 
ATOM   226  C CG   . MET B 2 7   ? 2.453   10.550  0.439   1.00 19.43  ? 30  MET B CG   1 
ATOM   227  S SD   . MET B 2 7   ? 3.118   8.891   0.426   1.00 26.28  ? 30  MET B SD   1 
ATOM   228  C CE   . MET B 2 7   ? 4.703   9.150   -0.313  1.00 13.72  ? 30  MET B CE   1 
ATOM   229  H H    . MET B 2 7   ? 0.378   12.089  1.764   1.00 0.00   ? 30  MET B H    1 
ATOM   230  N N    . LYS B 2 8   ? 2.009   13.042  4.259   1.00 19.68  ? 31  LYS B N    1 
ATOM   231  C CA   . LYS B 2 8   ? 2.417   13.845  5.397   1.00 23.86  ? 31  LYS B CA   1 
ATOM   232  C C    . LYS B 2 8   ? 1.611   13.424  6.620   1.00 22.89  ? 31  LYS B C    1 
ATOM   233  O O    . LYS B 2 8   ? 2.176   13.105  7.666   1.00 23.66  ? 31  LYS B O    1 
ATOM   234  C CB   . LYS B 2 8   ? 2.173   15.323  5.093   1.00 26.25  ? 31  LYS B CB   1 
ATOM   235  C CG   . LYS B 2 8   ? 2.993   16.281  5.934   1.00 34.16  ? 31  LYS B CG   1 
ATOM   236  C CD   . LYS B 2 8   ? 4.435   15.829  6.062   1.00 37.20  ? 31  LYS B CD   1 
ATOM   237  C CE   . LYS B 2 8   ? 5.319   16.973  6.540   1.00 44.27  ? 31  LYS B CE   1 
ATOM   238  N NZ   . LYS B 2 8   ? 6.722   16.883  6.022   1.00 50.37  ? 31  LYS B NZ   1 
ATOM   239  H H    . LYS B 2 8   ? 1.457   13.451  3.560   1.00 0.00   ? 31  LYS B H    1 
ATOM   240  H HZ1  . LYS B 2 8   ? 7.313   17.596  6.499   1.00 0.00   ? 31  LYS B HZ1  1 
ATOM   241  H HZ2  . LYS B 2 8   ? 6.722   17.062  4.998   1.00 0.00   ? 31  LYS B HZ2  1 
ATOM   242  H HZ3  . LYS B 2 8   ? 7.104   15.938  6.220   1.00 0.00   ? 31  LYS B HZ3  1 
ATOM   243  N N    . SER B 2 9   ? 0.288   13.414  6.463   1.00 21.48  ? 32  SER B N    1 
ATOM   244  C CA   . SER B 2 9   ? -0.639  13.035  7.528   1.00 21.08  ? 32  SER B CA   1 
ATOM   245  C C    . SER B 2 9   ? -0.365  11.668  8.143   1.00 20.27  ? 32  SER B C    1 
ATOM   246  O O    . SER B 2 9   ? -0.494  11.490  9.356   1.00 20.12  ? 32  SER B O    1 
ATOM   247  C CB   . SER B 2 9   ? -2.069  13.041  6.998   0.60 18.08  ? 32  SER B CB   1 
ATOM   248  O OG   . SER B 2 9   ? -2.516  14.362  6.775   0.60 25.16  ? 32  SER B OG   1 
ATOM   249  H H    . SER B 2 9   ? -0.065  13.672  5.591   1.00 0.00   ? 32  SER B H    1 
ATOM   250  H HG   . SER B 2 9   ? -2.330  14.622  5.869   1.00 0.00   ? 32  SER B HG   1 
ATOM   251  N N    . ARG B 2 10  ? 0.011   10.707  7.304   1.00 21.20  ? 33  ARG B N    1 
ATOM   252  C CA   . ARG B 2 10  ? 0.260   9.350   7.764   1.00 18.22  ? 33  ARG B CA   1 
ATOM   253  C C    . ARG B 2 10  ? 1.674   9.091   8.243   1.00 20.98  ? 33  ARG B C    1 
ATOM   254  O O    . ARG B 2 10  ? 2.068   7.937   8.422   1.00 22.27  ? 33  ARG B O    1 
ATOM   255  C CB   . ARG B 2 10  ? -0.118  8.356   6.668   1.00 17.74  ? 33  ARG B CB   1 
ATOM   256  C CG   . ARG B 2 10  ? -1.614  8.335   6.359   1.00 16.70  ? 33  ARG B CG   1 
ATOM   257  C CD   . ARG B 2 10  ? -2.443  7.835   7.551   1.00 15.02  ? 33  ARG B CD   1 
ATOM   258  N NE   . ARG B 2 10  ? -3.857  7.688   7.205   1.00 17.79  ? 33  ARG B NE   1 
ATOM   259  C CZ   . ARG B 2 10  ? -4.393  6.581   6.692   1.00 18.37  ? 33  ARG B CZ   1 
ATOM   260  N NH1  . ARG B 2 10  ? -5.686  6.538   6.406   1.00 20.83  ? 33  ARG B NH1  1 
ATOM   261  N NH2  . ARG B 2 10  ? -3.638  5.514   6.475   1.00 20.42  ? 33  ARG B NH2  1 
ATOM   262  H H    . ARG B 2 10  ? 0.125   10.917  6.354   1.00 0.00   ? 33  ARG B H    1 
ATOM   263  H HE   . ARG B 2 10  ? -4.450  8.454   7.360   1.00 0.00   ? 33  ARG B HE   1 
ATOM   264  H HH11 . ARG B 2 10  ? -6.074  5.692   6.042   1.00 0.00   ? 33  ARG B HH11 1 
ATOM   265  H HH12 . ARG B 2 10  ? -6.291  7.217   6.819   1.00 0.00   ? 33  ARG B HH12 1 
ATOM   266  H HH21 . ARG B 2 10  ? -4.035  4.686   6.083   1.00 0.00   ? 33  ARG B HH21 1 
ATOM   267  H HH22 . ARG B 2 10  ? -2.649  5.589   6.574   1.00 0.00   ? 33  ARG B HH22 1 
ATOM   268  N N    . ASN B 2 11  ? 2.430   10.165  8.462   1.00 22.75  ? 34  ASN B N    1 
ATOM   269  C CA   . ASN B 2 11  ? 3.803   10.056  8.951   1.00 22.72  ? 34  ASN B CA   1 
ATOM   270  C C    . ASN B 2 11  ? 4.705   9.291   7.988   1.00 22.32  ? 34  ASN B C    1 
ATOM   271  O O    . ASN B 2 11  ? 5.546   8.489   8.402   1.00 18.97  ? 34  ASN B O    1 
ATOM   272  C CB   . ASN B 2 11  ? 3.814   9.376   10.324  1.00 26.20  ? 34  ASN B CB   1 
ATOM   273  C CG   . ASN B 2 11  ? 5.188   9.391   10.978  1.00 29.38  ? 34  ASN B CG   1 
ATOM   274  O OD1  . ASN B 2 11  ? 5.470   8.591   11.880  1.00 29.41  ? 34  ASN B OD1  1 
ATOM   275  N ND2  . ASN B 2 11  ? 6.051   10.300  10.530  1.00 28.19  ? 34  ASN B ND2  1 
ATOM   276  H H    . ASN B 2 11  ? 2.054   11.053  8.287   1.00 0.00   ? 34  ASN B H    1 
ATOM   277  H HD21 . ASN B 2 11  ? 5.741   10.969  9.886   1.00 0.00   ? 34  ASN B HD21 1 
ATOM   278  H HD22 . ASN B 2 11  ? 6.974   10.268  10.861  1.00 0.00   ? 34  ASN B HD22 1 
ATOM   279  N N    . LEU B 2 12  ? 4.531   9.545   6.696   1.00 22.69  ? 35  LEU B N    1 
ATOM   280  C CA   . LEU B 2 12  ? 5.345   8.879   5.693   1.00 18.30  ? 35  LEU B CA   1 
ATOM   281  C C    . LEU B 2 12  ? 6.432   9.842   5.219   1.00 21.72  ? 35  LEU B C    1 
ATOM   282  O O    . LEU B 2 12  ? 7.575   9.444   5.012   1.00 22.09  ? 35  LEU B O    1 
ATOM   283  C CB   . LEU B 2 12  ? 4.472   8.427   4.511   0.50 12.26  ? 35  LEU B CB   1 
ATOM   284  C CG   . LEU B 2 12  ? 3.725   7.090   4.640   0.50 6.65   ? 35  LEU B CG   1 
ATOM   285  C CD1  . LEU B 2 12  ? 2.231   7.316   4.561   0.50 2.00   ? 35  LEU B CD1  1 
ATOM   286  C CD2  . LEU B 2 12  ? 4.157   6.148   3.533   0.50 5.32   ? 35  LEU B CD2  1 
ATOM   287  H H    . LEU B 2 12  ? 3.843   10.190  6.434   1.00 0.00   ? 35  LEU B H    1 
ATOM   288  N N    . THR B 2 13  ? 6.085   11.113  5.061   1.00 23.19  ? 36  THR B N    1 
ATOM   289  C CA   . THR B 2 13  ? 7.061   12.084  4.601   1.00 25.45  ? 36  THR B CA   1 
ATOM   290  C C    . THR B 2 13  ? 7.287   13.228  5.576   1.00 27.07  ? 36  THR B C    1 
ATOM   291  O O    . THR B 2 13  ? 7.507   14.367  5.163   1.00 27.28  ? 36  THR B O    1 
ATOM   292  C CB   . THR B 2 13  ? 6.649   12.687  3.256   1.00 23.70  ? 36  THR B CB   1 
ATOM   293  O OG1  . THR B 2 13  ? 5.370   13.312  3.394   1.00 27.08  ? 36  THR B OG1  1 
ATOM   294  C CG2  . THR B 2 13  ? 6.584   11.610  2.188   1.00 20.93  ? 36  THR B CG2  1 
ATOM   295  H H    . THR B 2 13  ? 5.165   11.392  5.256   1.00 0.00   ? 36  THR B H    1 
ATOM   296  H HG1  . THR B 2 13  ? 4.954   13.388  2.530   1.00 0.00   ? 36  THR B HG1  1 
ATOM   297  N N    . LYS B 2 14  ? 7.236   12.930  6.869   1.00 25.32  ? 37  LYS B N    1 
ATOM   298  C CA   . LYS B 2 14  ? 7.452   13.956  7.868   1.00 23.20  ? 37  LYS B CA   1 
ATOM   299  C C    . LYS B 2 14  ? 8.932   14.094  8.189   1.00 22.07  ? 37  LYS B C    1 
ATOM   300  O O    . LYS B 2 14  ? 9.371   15.141  8.658   1.00 23.90  ? 37  LYS B O    1 
ATOM   301  C CB   . LYS B 2 14  ? 6.668   13.627  9.136   1.00 26.28  ? 37  LYS B CB   1 
ATOM   302  C CG   . LYS B 2 14  ? 5.244   14.156  9.119   1.00 27.09  ? 37  LYS B CG   1 
ATOM   303  C CD   . LYS B 2 14  ? 4.616   14.109  10.502  1.00 27.53  ? 37  LYS B CD   1 
ATOM   304  C CE   . LYS B 2 14  ? 3.431   15.055  10.591  1.00 29.08  ? 37  LYS B CE   1 
ATOM   305  N NZ   . LYS B 2 14  ? 2.343   14.482  11.428  1.00 33.07  ? 37  LYS B NZ   1 
ATOM   306  H H    . LYS B 2 14  ? 7.052   12.010  7.150   1.00 0.00   ? 37  LYS B H    1 
ATOM   307  H HZ1  . LYS B 2 14  ? 2.718   14.237  12.369  1.00 0.00   ? 37  LYS B HZ1  1 
ATOM   308  H HZ2  . LYS B 2 14  ? 1.956   13.632  10.974  1.00 0.00   ? 37  LYS B HZ2  1 
ATOM   309  H HZ3  . LYS B 2 14  ? 1.592   15.193  11.536  1.00 0.00   ? 37  LYS B HZ3  1 
ATOM   310  N N    . ASP B 2 15  ? 9.710   13.048  7.927   1.00 22.52  ? 38  ASP B N    1 
ATOM   311  C CA   . ASP B 2 15  ? 11.145  13.095  8.212   1.00 22.20  ? 38  ASP B CA   1 
ATOM   312  C C    . ASP B 2 15  ? 11.998  12.624  7.036   1.00 21.32  ? 38  ASP B C    1 
ATOM   313  O O    . ASP B 2 15  ? 13.172  12.300  7.204   1.00 21.15  ? 38  ASP B O    1 
ATOM   314  C CB   . ASP B 2 15  ? 11.469  12.251  9.449   1.00 21.46  ? 38  ASP B CB   1 
ATOM   315  C CG   . ASP B 2 15  ? 10.981  10.808  9.328   1.00 27.18  ? 38  ASP B CG   1 
ATOM   316  O OD1  . ASP B 2 15  ? 10.484  10.403  8.245   1.00 24.59  ? 38  ASP B OD1  1 
ATOM   317  O OD2  . ASP B 2 15  ? 11.096  10.077  10.335  1.00 29.34  ? 38  ASP B OD2  1 
ATOM   318  H H    . ASP B 2 15  ? 9.323   12.240  7.536   1.00 0.00   ? 38  ASP B H    1 
ATOM   319  N N    . ARG B 2 16  ? 11.402  12.605  5.848   1.00 20.42  ? 39  ARG B N    1 
ATOM   320  C CA   . ARG B 2 16  ? 12.093  12.172  4.642   1.00 21.93  ? 39  ARG B CA   1 
ATOM   321  C C    . ARG B 2 16  ? 11.086  12.184  3.503   1.00 22.30  ? 39  ARG B C    1 
ATOM   322  O O    . ARG B 2 16  ? 9.892   12.370  3.737   1.00 23.29  ? 39  ARG B O    1 
ATOM   323  C CB   . ARG B 2 16  ? 12.609  10.743  4.817   1.00 21.36  ? 39  ARG B CB   1 
ATOM   324  C CG   . ARG B 2 16  ? 11.610  9.679   4.350   1.00 29.80  ? 39  ARG B CG   1 
ATOM   325  C CD   . ARG B 2 16  ? 11.771  8.366   5.079   1.00 37.42  ? 39  ARG B CD   1 
ATOM   326  N NE   . ARG B 2 16  ? 11.585  8.522   6.519   1.00 47.07  ? 39  ARG B NE   1 
ATOM   327  C CZ   . ARG B 2 16  ? 11.826  7.566   7.413   1.00 49.11  ? 39  ARG B CZ   1 
ATOM   328  N NH1  . ARG B 2 16  ? 11.628  7.797   8.703   1.00 51.08  ? 39  ARG B NH1  1 
ATOM   329  N NH2  . ARG B 2 16  ? 12.261  6.376   7.017   1.00 51.18  ? 39  ARG B NH2  1 
ATOM   330  H H    . ARG B 2 16  ? 10.467  12.891  5.782   1.00 0.00   ? 39  ARG B H    1 
ATOM   331  H HE   . ARG B 2 16  ? 11.264  9.385   6.845   1.00 0.00   ? 39  ARG B HE   1 
ATOM   332  H HH11 . ARG B 2 16  ? 11.460  8.722   9.024   1.00 0.00   ? 39  ARG B HH11 1 
ATOM   333  H HH12 . ARG B 2 16  ? 11.715  7.044   9.359   1.00 0.00   ? 39  ARG B HH12 1 
ATOM   334  H HH21 . ARG B 2 16  ? 12.279  5.624   7.674   1.00 0.00   ? 39  ARG B HH21 1 
ATOM   335  H HH22 . ARG B 2 16  ? 12.263  6.166   6.039   1.00 0.00   ? 39  ARG B HH22 1 
ATOM   336  N N    . CYS B 2 17  ? 11.564  11.986  2.276   1.00 18.58  ? 40  CYS B N    1 
ATOM   337  C CA   . CYS B 2 17  ? 10.675  11.922  1.122   1.00 20.07  ? 40  CYS B CA   1 
ATOM   338  C C    . CYS B 2 17  ? 10.734  10.486  0.617   1.00 19.81  ? 40  CYS B C    1 
ATOM   339  O O    . CYS B 2 17  ? 11.802  9.985   0.285   1.00 17.75  ? 40  CYS B O    1 
ATOM   340  C CB   . CYS B 2 17  ? 11.120  12.884  0.013   1.00 16.04  ? 40  CYS B CB   1 
ATOM   341  S SG   . CYS B 2 17  ? 11.029  14.663  0.417   1.00 19.31  ? 40  CYS B SG   1 
ATOM   342  H H    . CYS B 2 17  ? 12.531  11.881  2.150   1.00 0.00   ? 40  CYS B H    1 
ATOM   343  N N    . LYS B 2 18  ? 9.585   9.821   0.597   1.00 23.78  ? 41  LYS B N    1 
ATOM   344  C CA   . LYS B 2 18  ? 9.487   8.439   0.134   1.00 24.98  ? 41  LYS B CA   1 
ATOM   345  C C    . LYS B 2 18  ? 9.160   8.481   -1.363  1.00 25.68  ? 41  LYS B C    1 
ATOM   346  O O    . LYS B 2 18  ? 8.210   9.141   -1.771  1.00 32.31  ? 41  LYS B O    1 
ATOM   347  C CB   . LYS B 2 18  ? 8.376   7.727   0.904   1.00 27.28  ? 41  LYS B CB   1 
ATOM   348  C CG   . LYS B 2 18  ? 8.535   6.228   1.017   1.00 30.10  ? 41  LYS B CG   1 
ATOM   349  C CD   . LYS B 2 18  ? 7.239   5.581   1.510   1.00 38.25  ? 41  LYS B CD   1 
ATOM   350  C CE   . LYS B 2 18  ? 7.296   4.051   1.426   1.00 42.09  ? 41  LYS B CE   1 
ATOM   351  N NZ   . LYS B 2 18  ? 5.974   3.388   1.656   1.00 42.83  ? 41  LYS B NZ   1 
ATOM   352  H H    . LYS B 2 18  ? 8.774   10.276  0.906   1.00 0.00   ? 41  LYS B H    1 
ATOM   353  H HZ1  . LYS B 2 18  ? 6.103   2.359   1.716   1.00 0.00   ? 41  LYS B HZ1  1 
ATOM   354  H HZ2  . LYS B 2 18  ? 5.342   3.607   0.861   1.00 0.00   ? 41  LYS B HZ2  1 
ATOM   355  H HZ3  . LYS B 2 18  ? 5.549   3.735   2.540   1.00 0.00   ? 41  LYS B HZ3  1 
ATOM   356  N N    . PRO B 2 19  ? 9.943   7.773   -2.196  1.00 26.06  ? 42  PRO B N    1 
ATOM   357  C CA   . PRO B 2 19  ? 9.752   7.729   -3.655  1.00 25.76  ? 42  PRO B CA   1 
ATOM   358  C C    . PRO B 2 19  ? 8.357   7.367   -4.166  1.00 24.47  ? 42  PRO B C    1 
ATOM   359  O O    . PRO B 2 19  ? 7.809   8.052   -5.030  1.00 25.33  ? 42  PRO B O    1 
ATOM   360  C CB   . PRO B 2 19  ? 10.804  6.721   -4.130  1.00 27.41  ? 42  PRO B CB   1 
ATOM   361  C CG   . PRO B 2 19  ? 11.838  6.705   -3.057  1.00 26.45  ? 42  PRO B CG   1 
ATOM   362  C CD   . PRO B 2 19  ? 11.087  6.943   -1.772  1.00 24.69  ? 42  PRO B CD   1 
ATOM   363  N N    . VAL B 2 20  ? 7.789   6.284   -3.649  1.00 20.08  ? 43  VAL B N    1 
ATOM   364  C CA   . VAL B 2 20  ? 6.473   5.851   -4.087  1.00 20.26  ? 43  VAL B CA   1 
ATOM   365  C C    . VAL B 2 20  ? 5.687   5.202   -2.961  1.00 20.64  ? 43  VAL B C    1 
ATOM   366  O O    . VAL B 2 20  ? 6.256   4.631   -2.045  1.00 13.52  ? 43  VAL B O    1 
ATOM   367  C CB   . VAL B 2 20  ? 6.577   4.826   -5.239  0.50 13.41  ? 43  VAL B CB   1 
ATOM   368  C CG1  . VAL B 2 20  ? 7.121   5.484   -6.475  0.50 16.79  ? 43  VAL B CG1  1 
ATOM   369  C CG2  . VAL B 2 20  ? 7.476   3.693   -4.834  0.50 12.76  ? 43  VAL B CG2  1 
ATOM   370  H H    . VAL B 2 20  ? 8.267   5.774   -2.962  1.00 0.00   ? 43  VAL B H    1 
ATOM   371  N N    . ASN B 2 21  ? 4.368   5.293   -3.041  1.00 22.10  ? 44  ASN B N    1 
ATOM   372  C CA   . ASN B 2 21  ? 3.505   4.679   -2.049  1.00 19.89  ? 44  ASN B CA   1 
ATOM   373  C C    . ASN B 2 21  ? 2.116   4.498   -2.658  1.00 19.76  ? 44  ASN B C    1 
ATOM   374  O O    . ASN B 2 21  ? 1.721   5.270   -3.527  1.00 20.87  ? 44  ASN B O    1 
ATOM   375  C CB   . ASN B 2 21  ? 3.423   5.552   -0.795  1.00 21.06  ? 44  ASN B CB   1 
ATOM   376  C CG   . ASN B 2 21  ? 2.773   4.827   0.365   1.00 21.58  ? 44  ASN B CG   1 
ATOM   377  O OD1  . ASN B 2 21  ? 3.324   3.862   0.896   1.00 22.85  ? 44  ASN B OD1  1 
ATOM   378  N ND2  . ASN B 2 21  ? 1.594   5.285   0.763   1.00 18.19  ? 44  ASN B ND2  1 
ATOM   379  H H    . ASN B 2 21  ? 3.968   5.785   -3.787  1.00 0.00   ? 44  ASN B H    1 
ATOM   380  H HD21 . ASN B 2 21  ? 1.226   6.082   0.327   1.00 0.00   ? 44  ASN B HD21 1 
ATOM   381  H HD22 . ASN B 2 21  ? 1.140   4.797   1.482   1.00 0.00   ? 44  ASN B HD22 1 
ATOM   382  N N    . THR B 2 22  ? 1.390   3.473   -2.216  1.00 16.28  ? 45  THR B N    1 
ATOM   383  C CA   . THR B 2 22  ? 0.054   3.214   -2.728  1.00 16.83  ? 45  THR B CA   1 
ATOM   384  C C    . THR B 2 22  ? -0.991  3.132   -1.622  1.00 18.32  ? 45  THR B C    1 
ATOM   385  O O    . THR B 2 22  ? -0.797  2.443   -0.612  1.00 16.58  ? 45  THR B O    1 
ATOM   386  C CB   . THR B 2 22  ? 0.017   1.908   -3.537  1.00 16.97  ? 45  THR B CB   1 
ATOM   387  O OG1  . THR B 2 22  ? 0.906   2.023   -4.650  1.00 15.51  ? 45  THR B OG1  1 
ATOM   388  C CG2  . THR B 2 22  ? -1.383  1.629   -4.056  1.00 19.14  ? 45  THR B CG2  1 
ATOM   389  H H    . THR B 2 22  ? 1.761   2.881   -1.530  1.00 0.00   ? 45  THR B H    1 
ATOM   390  H HG1  . THR B 2 22  ? 0.598   2.722   -5.227  1.00 0.00   ? 45  THR B HG1  1 
ATOM   391  N N    . PHE B 2 23  ? -2.095  3.853   -1.831  1.00 16.77  ? 46  PHE B N    1 
ATOM   392  C CA   . PHE B 2 23  ? -3.220  3.890   -0.901  1.00 13.90  ? 46  PHE B CA   1 
ATOM   393  C C    . PHE B 2 23  ? -4.401  3.111   -1.491  1.00 13.18  ? 46  PHE B C    1 
ATOM   394  O O    . PHE B 2 23  ? -4.764  3.309   -2.645  1.00 8.69   ? 46  PHE B O    1 
ATOM   395  C CB   . PHE B 2 23  ? -3.660  5.339   -0.656  1.00 11.52  ? 46  PHE B CB   1 
ATOM   396  C CG   . PHE B 2 23  ? -2.698  6.138   0.176   1.00 10.24  ? 46  PHE B CG   1 
ATOM   397  C CD1  . PHE B 2 23  ? -2.604  5.931   1.553   1.00 8.96   ? 46  PHE B CD1  1 
ATOM   398  C CD2  . PHE B 2 23  ? -1.881  7.098   -0.415  1.00 16.10  ? 46  PHE B CD2  1 
ATOM   399  C CE1  . PHE B 2 23  ? -1.703  6.670   2.335   1.00 12.02  ? 46  PHE B CE1  1 
ATOM   400  C CE2  . PHE B 2 23  ? -0.983  7.840   0.351   1.00 14.70  ? 46  PHE B CE2  1 
ATOM   401  C CZ   . PHE B 2 23  ? -0.894  7.624   1.731   1.00 16.56  ? 46  PHE B CZ   1 
ATOM   402  H H    . PHE B 2 23  ? -2.150  4.385   -2.656  1.00 0.00   ? 46  PHE B H    1 
ATOM   403  N N    . VAL B 2 24  ? -5.000  2.229   -0.697  1.00 13.06  ? 47  VAL B N    1 
ATOM   404  C CA   . VAL B 2 24  ? -6.151  1.443   -1.154  1.00 12.61  ? 47  VAL B CA   1 
ATOM   405  C C    . VAL B 2 24  ? -7.421  2.060   -0.560  1.00 12.46  ? 47  VAL B C    1 
ATOM   406  O O    . VAL B 2 24  ? -7.510  2.279   0.649   1.00 14.13  ? 47  VAL B O    1 
ATOM   407  C CB   . VAL B 2 24  ? -6.032  -0.044  -0.713  1.00 10.38  ? 47  VAL B CB   1 
ATOM   408  C CG1  . VAL B 2 24  ? -7.021  -0.915  -1.476  1.00 11.73  ? 47  VAL B CG1  1 
ATOM   409  C CG2  . VAL B 2 24  ? -4.627  -0.535  -0.963  1.00 14.12  ? 47  VAL B CG2  1 
ATOM   410  H H    . VAL B 2 24  ? -4.668  2.107   0.206   1.00 0.00   ? 47  VAL B H    1 
ATOM   411  N N    . HIS B 2 25  ? -8.393  2.354   -1.416  1.00 14.36  ? 48  HIS B N    1 
ATOM   412  C CA   . HIS B 2 25  ? -9.641  2.959   -0.968  1.00 18.45  ? 48  HIS B CA   1 
ATOM   413  C C    . HIS B 2 25  ? -10.731 1.921   -0.834  1.00 21.69  ? 48  HIS B C    1 
ATOM   414  O O    . HIS B 2 25  ? -11.770 2.017   -1.492  1.00 23.93  ? 48  HIS B O    1 
ATOM   415  C CB   . HIS B 2 25  ? -10.106 4.041   -1.949  1.00 20.26  ? 48  HIS B CB   1 
ATOM   416  C CG   . HIS B 2 25  ? -9.056  5.059   -2.272  1.00 23.77  ? 48  HIS B CG   1 
ATOM   417  N ND1  . HIS B 2 25  ? -8.702  6.064   -1.399  1.00 22.12  ? 48  HIS B ND1  1 
ATOM   418  C CD2  . HIS B 2 25  ? -8.270  5.213   -3.363  1.00 20.66  ? 48  HIS B CD2  1 
ATOM   419  C CE1  . HIS B 2 25  ? -7.741  6.795   -1.936  1.00 20.27  ? 48  HIS B CE1  1 
ATOM   420  N NE2  . HIS B 2 25  ? -7.461  6.300   -3.128  1.00 20.15  ? 48  HIS B NE2  1 
ATOM   421  H H    . HIS B 2 25  ? -8.265  2.160   -2.368  1.00 0.00   ? 48  HIS B H    1 
ATOM   422  H HD1  . HIS B 2 25  ? -9.099  6.218   -0.516  1.00 0.00   ? 48  HIS B HD1  1 
ATOM   423  H HE2  . HIS B 2 25  ? -6.792  6.646   -3.729  1.00 0.00   ? 48  HIS B HE2  1 
ATOM   424  N N    . GLU B 2 26  ? -10.493 0.920   0.008   1.00 21.40  ? 49  GLU B N    1 
ATOM   425  C CA   . GLU B 2 26  ? -11.479 -0.127  0.240   1.00 20.42  ? 49  GLU B CA   1 
ATOM   426  C C    . GLU B 2 26  ? -11.559 -0.335  1.746   1.00 17.89  ? 49  GLU B C    1 
ATOM   427  O O    . GLU B 2 26  ? -10.744 0.208   2.488   1.00 15.97  ? 49  GLU B O    1 
ATOM   428  C CB   . GLU B 2 26  ? -11.066 -1.429  -0.464  1.00 18.59  ? 49  GLU B CB   1 
ATOM   429  C CG   . GLU B 2 26  ? -10.913 -1.300  -1.969  1.00 20.50  ? 49  GLU B CG   1 
ATOM   430  C CD   . GLU B 2 26  ? -12.246 -1.258  -2.695  1.00 21.46  ? 49  GLU B CD   1 
ATOM   431  O OE1  . GLU B 2 26  ? -12.290 -0.728  -3.829  1.00 26.08  ? 49  GLU B OE1  1 
ATOM   432  O OE2  . GLU B 2 26  ? -13.253 -1.755  -2.139  1.00 20.73  ? 49  GLU B OE2  1 
ATOM   433  H H    . GLU B 2 26  ? -9.634  0.891   0.481   1.00 0.00   ? 49  GLU B H    1 
ATOM   434  N N    . SER B 2 27  ? -12.533 -1.114  2.199   1.00 18.00  ? 50  SER B N    1 
ATOM   435  C CA   . SER B 2 27  ? -12.673 -1.354  3.628   1.00 18.02  ? 50  SER B CA   1 
ATOM   436  C C    . SER B 2 27  ? -11.572 -2.279  4.156   1.00 16.66  ? 50  SER B C    1 
ATOM   437  O O    . SER B 2 27  ? -11.069 -3.144  3.441   1.00 20.54  ? 50  SER B O    1 
ATOM   438  C CB   . SER B 2 27  ? -14.072 -1.923  3.935   1.00 20.15  ? 50  SER B CB   1 
ATOM   439  O OG   . SER B 2 27  ? -14.190 -3.284  3.565   1.00 24.82  ? 50  SER B OG   1 
ATOM   440  H H    . SER B 2 27  ? -13.161 -1.531  1.572   1.00 0.00   ? 50  SER B H    1 
ATOM   441  H HG   . SER B 2 27  ? -15.051 -3.618  3.837   1.00 0.00   ? 50  SER B HG   1 
ATOM   442  N N    . LEU B 2 28  ? -11.189 -2.077  5.413   1.00 15.93  ? 51  LEU B N    1 
ATOM   443  C CA   . LEU B 2 28  ? -10.145 -2.882  6.036   1.00 15.43  ? 51  LEU B CA   1 
ATOM   444  C C    . LEU B 2 28  ? -10.409 -4.370  5.900   1.00 14.68  ? 51  LEU B C    1 
ATOM   445  O O    . LEU B 2 28  ? -9.522  -5.124  5.514   1.00 17.68  ? 51  LEU B O    1 
ATOM   446  C CB   . LEU B 2 28  ? -10.012 -2.530  7.522   1.00 19.73  ? 51  LEU B CB   1 
ATOM   447  C CG   . LEU B 2 28  ? -8.639  -2.608  8.218   1.00 26.57  ? 51  LEU B CG   1 
ATOM   448  C CD1  . LEU B 2 28  ? -8.845  -3.048  9.647   1.00 28.97  ? 51  LEU B CD1  1 
ATOM   449  C CD2  . LEU B 2 28  ? -7.698  -3.577  7.510   1.00 29.02  ? 51  LEU B CD2  1 
ATOM   450  H H    . LEU B 2 28  ? -11.620 -1.367  5.933   1.00 0.00   ? 51  LEU B H    1 
ATOM   451  N N    . ALA B 2 29  ? -11.627 -4.789  6.221   1.00 14.93  ? 52  ALA B N    1 
ATOM   452  C CA   . ALA B 2 29  ? -11.988 -6.199  6.154   1.00 14.19  ? 52  ALA B CA   1 
ATOM   453  C C    . ALA B 2 29  ? -11.944 -6.762  4.740   1.00 11.83  ? 52  ALA B C    1 
ATOM   454  O O    . ALA B 2 29  ? -11.618 -7.928  4.546   1.00 14.61  ? 52  ALA B O    1 
ATOM   455  C CB   . ALA B 2 29  ? -13.369 -6.407  6.756   1.00 15.71  ? 52  ALA B CB   1 
ATOM   456  H H    . ALA B 2 29  ? -12.293 -4.133  6.510   1.00 0.00   ? 52  ALA B H    1 
ATOM   457  N N    . ASP B 2 30  ? -12.264 -5.932  3.755   1.00 10.40  ? 53  ASP B N    1 
ATOM   458  C CA   . ASP B 2 30  ? -12.258 -6.371  2.367   1.00 10.90  ? 53  ASP B CA   1 
ATOM   459  C C    . ASP B 2 30  ? -10.848 -6.599  1.852   1.00 11.03  ? 53  ASP B C    1 
ATOM   460  O O    . ASP B 2 30  ? -10.636 -7.401  0.948   1.00 13.89  ? 53  ASP B O    1 
ATOM   461  C CB   . ASP B 2 30  ? -12.949 -5.341  1.485   1.00 16.87  ? 53  ASP B CB   1 
ATOM   462  C CG   . ASP B 2 30  ? -14.452 -5.400  1.597   1.00 20.76  ? 53  ASP B CG   1 
ATOM   463  O OD1  . ASP B 2 30  ? -14.967 -6.269  2.337   1.00 27.31  ? 53  ASP B OD1  1 
ATOM   464  O OD2  . ASP B 2 30  ? -15.118 -4.573  0.942   1.00 22.23  ? 53  ASP B OD2  1 
ATOM   465  H H    . ASP B 2 30  ? -12.509 -5.006  3.953   1.00 0.00   ? 53  ASP B H    1 
ATOM   466  N N    . VAL B 2 31  ? -9.890  -5.874  2.413   1.00 14.46  ? 54  VAL B N    1 
ATOM   467  C CA   . VAL B 2 31  ? -8.493  -6.006  2.023   1.00 14.67  ? 54  VAL B CA   1 
ATOM   468  C C    . VAL B 2 31  ? -7.866  -7.195  2.750   1.00 14.13  ? 54  VAL B C    1 
ATOM   469  O O    . VAL B 2 31  ? -7.088  -7.946  2.160   1.00 17.55  ? 54  VAL B O    1 
ATOM   470  C CB   . VAL B 2 31  ? -7.709  -4.722  2.356   1.00 18.97  ? 54  VAL B CB   1 
ATOM   471  C CG1  . VAL B 2 31  ? -6.226  -4.919  2.090   1.00 19.82  ? 54  VAL B CG1  1 
ATOM   472  C CG2  . VAL B 2 31  ? -8.254  -3.565  1.532   1.00 17.30  ? 54  VAL B CG2  1 
ATOM   473  H H    . VAL B 2 31  ? -10.132 -5.227  3.108   1.00 0.00   ? 54  VAL B H    1 
ATOM   474  N N    . GLN B 2 32  ? -8.210  -7.365  4.027   1.00 13.35  ? 55  GLN B N    1 
ATOM   475  C CA   . GLN B 2 32  ? -7.696  -8.480  4.823   1.00 15.77  ? 55  GLN B CA   1 
ATOM   476  C C    . GLN B 2 32  ? -8.183  -9.789  4.210   1.00 15.21  ? 55  GLN B C    1 
ATOM   477  O O    . GLN B 2 32  ? -7.484  -10.802 4.238   1.00 19.93  ? 55  GLN B O    1 
ATOM   478  C CB   . GLN B 2 32  ? -8.176  -8.365  6.276   1.00 18.51  ? 55  GLN B CB   1 
ATOM   479  C CG   . GLN B 2 32  ? -7.379  -7.362  7.098   1.00 23.95  ? 55  GLN B CG   1 
ATOM   480  C CD   . GLN B 2 32  ? -8.000  -7.052  8.453   1.00 29.47  ? 55  GLN B CD   1 
ATOM   481  O OE1  . GLN B 2 32  ? -9.185  -7.291  8.686   1.00 31.80  ? 55  GLN B OE1  1 
ATOM   482  N NE2  . GLN B 2 32  ? -7.191  -6.508  9.358   1.00 30.36  ? 55  GLN B NE2  1 
ATOM   483  H H    . GLN B 2 32  ? -8.826  -6.729  4.443   1.00 0.00   ? 55  GLN B H    1 
ATOM   484  H HE21 . GLN B 2 32  ? -6.253  -6.383  9.104   1.00 0.00   ? 55  GLN B HE21 1 
ATOM   485  H HE22 . GLN B 2 32  ? -7.556  -6.255  10.230  1.00 0.00   ? 55  GLN B HE22 1 
ATOM   486  N N    . ALA B 2 33  ? -9.385  -9.753  3.642   1.00 14.69  ? 56  ALA B N    1 
ATOM   487  C CA   . ALA B 2 33  ? -9.971  -10.924 2.996   1.00 13.64  ? 56  ALA B CA   1 
ATOM   488  C C    . ALA B 2 33  ? -9.117  -11.446 1.836   1.00 14.03  ? 56  ALA B C    1 
ATOM   489  O O    . ALA B 2 33  ? -9.258  -12.602 1.432   1.00 16.41  ? 56  ALA B O    1 
ATOM   490  C CB   . ALA B 2 33  ? -11.372 -10.591 2.494   1.00 10.80  ? 56  ALA B CB   1 
ATOM   491  H H    . ALA B 2 33  ? -9.887  -8.912  3.661   1.00 0.00   ? 56  ALA B H    1 
ATOM   492  N N    . VAL B 2 34  ? -8.233  -10.607 1.296   1.00 16.29  ? 57  VAL B N    1 
ATOM   493  C CA   . VAL B 2 34  ? -7.392  -11.034 0.178   1.00 13.61  ? 57  VAL B CA   1 
ATOM   494  C C    . VAL B 2 34  ? -6.428  -12.157 0.567   1.00 13.13  ? 57  VAL B C    1 
ATOM   495  O O    . VAL B 2 34  ? -5.980  -12.915 -0.284  1.00 16.95  ? 57  VAL B O    1 
ATOM   496  C CB   . VAL B 2 34  ? -6.583  -9.840  -0.430  1.00 12.99  ? 57  VAL B CB   1 
ATOM   497  C CG1  . VAL B 2 34  ? -5.776  -10.312 -1.635  1.00 6.33   ? 57  VAL B CG1  1 
ATOM   498  C CG2  . VAL B 2 34  ? -7.526  -8.738  -0.877  1.00 10.29  ? 57  VAL B CG2  1 
ATOM   499  H H    . VAL B 2 34  ? -8.144  -9.701  1.649   1.00 0.00   ? 57  VAL B H    1 
ATOM   500  N N    . CYS B 2 35  ? -6.136  -12.288 1.858   1.00 14.60  ? 58  CYS B N    1 
ATOM   501  C CA   . CYS B 2 35  ? -5.211  -13.323 2.326   1.00 15.58  ? 58  CYS B CA   1 
ATOM   502  C C    . CYS B 2 35  ? -5.701  -14.753 2.158   1.00 17.39  ? 58  CYS B C    1 
ATOM   503  O O    . CYS B 2 35  ? -4.987  -15.702 2.499   1.00 18.16  ? 58  CYS B O    1 
ATOM   504  C CB   . CYS B 2 35  ? -4.850  -13.088 3.788   1.00 15.26  ? 58  CYS B CB   1 
ATOM   505  S SG   . CYS B 2 35  ? -3.779  -11.646 3.994   1.00 15.60  ? 58  CYS B SG   1 
ATOM   506  H H    . CYS B 2 35  ? -6.550  -11.676 2.503   1.00 0.00   ? 58  CYS B H    1 
ATOM   507  N N    . SER B 2 36  ? -6.917  -14.910 1.651   1.00 15.48  ? 59  SER B N    1 
ATOM   508  C CA   . SER B 2 36  ? -7.451  -16.241 1.416   1.00 15.59  ? 59  SER B CA   1 
ATOM   509  C C    . SER B 2 36  ? -7.966  -16.344 -0.023  1.00 15.40  ? 59  SER B C    1 
ATOM   510  O O    . SER B 2 36  ? -8.784  -17.201 -0.350  1.00 16.34  ? 59  SER B O    1 
ATOM   511  C CB   . SER B 2 36  ? -8.559  -16.575 2.431   1.00 16.04  ? 59  SER B CB   1 
ATOM   512  O OG   . SER B 2 36  ? -9.505  -15.531 2.554   1.00 18.26  ? 59  SER B OG   1 
ATOM   513  H H    . SER B 2 36  ? -7.461  -14.125 1.438   1.00 0.00   ? 59  SER B H    1 
ATOM   514  H HG   . SER B 2 36  ? -10.195 -15.792 3.166   1.00 0.00   ? 59  SER B HG   1 
ATOM   515  N N    . GLN B 2 37  ? -7.475  -15.469 -0.891  1.00 16.62  ? 60  GLN B N    1 
ATOM   516  C CA   . GLN B 2 37  ? -7.903  -15.508 -2.271  1.00 18.57  ? 60  GLN B CA   1 
ATOM   517  C C    . GLN B 2 37  ? -6.871  -16.211 -3.162  1.00 22.92  ? 60  GLN B C    1 
ATOM   518  O O    . GLN B 2 37  ? -6.419  -17.305 -2.813  1.00 27.03  ? 60  GLN B O    1 
ATOM   519  C CB   . GLN B 2 37  ? -8.249  -14.089 -2.725  1.00 13.68  ? 60  GLN B CB   1 
ATOM   520  C CG   . GLN B 2 37  ? -9.482  -13.602 -1.965  1.00 13.91  ? 60  GLN B CG   1 
ATOM   521  C CD   . GLN B 2 37  ? -9.947  -12.211 -2.319  1.00 16.53  ? 60  GLN B CD   1 
ATOM   522  O OE1  . GLN B 2 37  ? -9.594  -11.664 -3.360  1.00 14.38  ? 60  GLN B OE1  1 
ATOM   523  N NE2  . GLN B 2 37  ? -10.760 -11.628 -1.444  1.00 18.42  ? 60  GLN B NE2  1 
ATOM   524  H H    . GLN B 2 37  ? -6.827  -14.793 -0.605  1.00 0.00   ? 60  GLN B H    1 
ATOM   525  H HE21 . GLN B 2 37  ? -11.112 -10.744 -1.668  1.00 0.00   ? 60  GLN B HE21 1 
ATOM   526  H HE22 . GLN B 2 37  ? -10.974 -12.102 -0.612  1.00 0.00   ? 60  GLN B HE22 1 
ATOM   527  N N    . LYS B 2 38  ? -6.480  -15.617 -4.285  1.00 23.73  ? 61  LYS B N    1 
ATOM   528  C CA   . LYS B 2 38  ? -5.523  -16.287 -5.169  1.00 23.43  ? 61  LYS B CA   1 
ATOM   529  C C    . LYS B 2 38  ? -4.051  -16.259 -4.742  1.00 25.76  ? 61  LYS B C    1 
ATOM   530  O O    . LYS B 2 38  ? -3.393  -15.226 -4.797  1.00 23.92  ? 61  LYS B O    1 
ATOM   531  C CB   . LYS B 2 38  ? -5.647  -15.738 -6.589  1.00 25.17  ? 61  LYS B CB   1 
ATOM   532  C CG   . LYS B 2 38  ? -4.962  -16.600 -7.641  1.00 31.60  ? 61  LYS B CG   1 
ATOM   533  C CD   . LYS B 2 38  ? -5.153  -18.085 -7.348  1.00 35.83  ? 61  LYS B CD   1 
ATOM   534  C CE   . LYS B 2 38  ? -4.691  -18.957 -8.508  1.00 43.67  ? 61  LYS B CE   1 
ATOM   535  N NZ   . LYS B 2 38  ? -3.428  -18.454 -9.131  1.00 51.82  ? 61  LYS B NZ   1 
ATOM   536  H H    . LYS B 2 38  ? -6.827  -14.732 -4.523  1.00 0.00   ? 61  LYS B H    1 
ATOM   537  H HZ1  . LYS B 2 38  ? -2.667  -18.508 -8.423  1.00 0.00   ? 61  LYS B HZ1  1 
ATOM   538  H HZ2  . LYS B 2 38  ? -3.538  -17.468 -9.437  1.00 0.00   ? 61  LYS B HZ2  1 
ATOM   539  H HZ3  . LYS B 2 38  ? -3.170  -19.047 -9.944  1.00 0.00   ? 61  LYS B HZ3  1 
ATOM   540  N N    . ASN B 2 39  ? -3.539  -17.414 -4.329  1.00 27.20  ? 62  ASN B N    1 
ATOM   541  C CA   . ASN B 2 39  ? -2.147  -17.527 -3.917  1.00 27.92  ? 62  ASN B CA   1 
ATOM   542  C C    . ASN B 2 39  ? -1.227  -17.414 -5.124  1.00 26.56  ? 62  ASN B C    1 
ATOM   543  O O    . ASN B 2 39  ? -1.426  -18.062 -6.145  1.00 29.21  ? 62  ASN B O    1 
ATOM   544  C CB   . ASN B 2 39  ? -1.891  -18.867 -3.217  1.00 27.01  ? 62  ASN B CB   1 
ATOM   545  C CG   . ASN B 2 39  ? -0.475  -18.972 -2.658  1.00 32.46  ? 62  ASN B CG   1 
ATOM   546  O OD1  . ASN B 2 39  ? 0.125   -20.049 -2.644  1.00 33.17  ? 62  ASN B OD1  1 
ATOM   547  N ND2  . ASN B 2 39  ? 0.061   -17.848 -2.198  1.00 31.63  ? 62  ASN B ND2  1 
ATOM   548  H H    . ASN B 2 39  ? -4.113  -18.208 -4.300  1.00 0.00   ? 62  ASN B H    1 
ATOM   549  H HD21 . ASN B 2 39  ? 1.037   -17.776 -2.153  1.00 0.00   ? 62  ASN B HD21 1 
ATOM   550  H HD22 . ASN B 2 39  ? -0.553  -17.137 -1.920  1.00 0.00   ? 62  ASN B HD22 1 
ATOM   551  N N    . VAL B 2 40  ? -0.206  -16.588 -4.995  1.00 26.90  ? 63  VAL B N    1 
ATOM   552  C CA   . VAL B 2 40  ? 0.739   -16.398 -6.072  1.00 26.59  ? 63  VAL B CA   1 
ATOM   553  C C    . VAL B 2 40  ? 2.093   -16.165 -5.422  1.00 28.53  ? 63  VAL B C    1 
ATOM   554  O O    . VAL B 2 40  ? 2.167   -15.940 -4.210  1.00 29.18  ? 63  VAL B O    1 
ATOM   555  C CB   . VAL B 2 40  ? 0.340   -15.176 -6.948  1.00 25.63  ? 63  VAL B CB   1 
ATOM   556  C CG1  . VAL B 2 40  ? -0.994  -15.446 -7.650  1.00 15.80  ? 63  VAL B CG1  1 
ATOM   557  C CG2  . VAL B 2 40  ? 0.246   -13.921 -6.089  1.00 20.77  ? 63  VAL B CG2  1 
ATOM   558  H H    . VAL B 2 40  ? -0.087  -16.102 -4.162  1.00 0.00   ? 63  VAL B H    1 
ATOM   559  N N    . ALA B 2 41  ? 3.162   -16.236 -6.209  1.00 28.18  ? 64  ALA B N    1 
ATOM   560  C CA   . ALA B 2 41  ? 4.506   -16.020 -5.676  1.00 27.82  ? 64  ALA B CA   1 
ATOM   561  C C    . ALA B 2 41  ? 4.803   -14.529 -5.573  1.00 27.66  ? 64  ALA B C    1 
ATOM   562  O O    . ALA B 2 41  ? 4.330   -13.737 -6.383  1.00 31.21  ? 64  ALA B O    1 
ATOM   563  C CB   . ALA B 2 41  ? 5.539   -16.691 -6.571  1.00 28.93  ? 64  ALA B CB   1 
ATOM   564  H H    . ALA B 2 41  ? 3.048   -16.435 -7.162  1.00 0.00   ? 64  ALA B H    1 
ATOM   565  N N    . CYS B 2 42  ? 5.587   -14.148 -4.571  1.00 27.12  ? 65  CYS B N    1 
ATOM   566  C CA   . CYS B 2 42  ? 5.972   -12.755 -4.376  1.00 25.19  ? 65  CYS B CA   1 
ATOM   567  C C    . CYS B 2 42  ? 7.184   -12.495 -5.276  1.00 28.30  ? 65  CYS B C    1 
ATOM   568  O O    . CYS B 2 42  ? 7.803   -13.440 -5.762  1.00 28.58  ? 65  CYS B O    1 
ATOM   569  C CB   . CYS B 2 42  ? 6.354   -12.516 -2.915  1.00 21.61  ? 65  CYS B CB   1 
ATOM   570  S SG   . CYS B 2 42  ? 5.150   -13.126 -1.682  1.00 25.21  ? 65  CYS B SG   1 
ATOM   571  H H    . CYS B 2 42  ? 5.907   -14.815 -3.963  1.00 0.00   ? 65  CYS B H    1 
ATOM   572  N N    . LYS B 2 43  ? 7.515   -11.225 -5.497  1.00 29.89  ? 66  LYS B N    1 
ATOM   573  C CA   . LYS B 2 43  ? 8.658   -10.853 -6.333  1.00 32.60  ? 66  LYS B CA   1 
ATOM   574  C C    . LYS B 2 43  ? 9.942   -11.561 -5.899  1.00 35.52  ? 66  LYS B C    1 
ATOM   575  O O    . LYS B 2 43  ? 10.794  -11.897 -6.724  1.00 39.12  ? 66  LYS B O    1 
ATOM   576  C CB   . LYS B 2 43  ? 8.887   -9.346  -6.272  1.00 33.01  ? 66  LYS B CB   1 
ATOM   577  C CG   . LYS B 2 43  ? 7.810   -8.516  -6.918  1.00 40.09  ? 66  LYS B CG   1 
ATOM   578  C CD   . LYS B 2 43  ? 8.366   -7.175  -7.383  1.00 50.12  ? 66  LYS B CD   1 
ATOM   579  C CE   . LYS B 2 43  ? 8.601   -6.212  -6.220  1.00 53.82  ? 66  LYS B CE   1 
ATOM   580  N NZ   . LYS B 2 43  ? 9.276   -4.946  -6.653  1.00 56.00  ? 66  LYS B NZ   1 
ATOM   581  H H    . LYS B 2 43  ? 6.975   -10.518 -5.088  1.00 0.00   ? 66  LYS B H    1 
ATOM   582  H HZ1  . LYS B 2 43  ? 8.595   -4.346  -7.163  1.00 0.00   ? 66  LYS B HZ1  1 
ATOM   583  H HZ2  . LYS B 2 43  ? 10.065  -5.181  -7.289  1.00 0.00   ? 66  LYS B HZ2  1 
ATOM   584  H HZ3  . LYS B 2 43  ? 9.640   -4.432  -5.826  1.00 0.00   ? 66  LYS B HZ3  1 
ATOM   585  N N    . ASN B 2 44  ? 10.077  -11.778 -4.598  1.00 37.50  ? 67  ASN B N    1 
ATOM   586  C CA   . ASN B 2 44  ? 11.253  -12.433 -4.050  1.00 41.89  ? 67  ASN B CA   1 
ATOM   587  C C    . ASN B 2 44  ? 11.139  -13.952 -4.121  1.00 45.05  ? 67  ASN B C    1 
ATOM   588  O O    . ASN B 2 44  ? 11.938  -14.670 -3.515  1.00 47.17  ? 67  ASN B O    1 
ATOM   589  C CB   . ASN B 2 44  ? 11.449  -12.006 -2.596  1.00 45.03  ? 67  ASN B CB   1 
ATOM   590  C CG   . ASN B 2 44  ? 10.277  -12.399 -1.707  1.00 46.67  ? 67  ASN B CG   1 
ATOM   591  O OD1  . ASN B 2 44  ? 9.409   -13.173 -2.106  1.00 50.80  ? 67  ASN B OD1  1 
ATOM   592  N ND2  . ASN B 2 44  ? 10.253  -11.864 -0.493  1.00 42.83  ? 67  ASN B ND2  1 
ATOM   593  H H    . ASN B 2 44  ? 9.364   -11.490 -3.991  1.00 0.00   ? 67  ASN B H    1 
ATOM   594  H HD21 . ASN B 2 44  ? 9.546   -12.147 0.122   1.00 0.00   ? 67  ASN B HD21 1 
ATOM   595  H HD22 . ASN B 2 44  ? 10.942  -11.208 -0.266  1.00 0.00   ? 67  ASN B HD22 1 
ATOM   596  N N    . GLY B 2 45  ? 10.141  -14.438 -4.850  1.00 47.13  ? 68  GLY B N    1 
ATOM   597  C CA   . GLY B 2 45  ? 9.952   -15.871 -4.972  1.00 45.25  ? 68  GLY B CA   1 
ATOM   598  C C    . GLY B 2 45  ? 9.074   -16.471 -3.891  1.00 45.62  ? 68  GLY B C    1 
ATOM   599  O O    . GLY B 2 45  ? 8.377   -17.452 -4.149  1.00 48.17  ? 68  GLY B O    1 
ATOM   600  H H    . GLY B 2 45  ? 9.541   -13.816 -5.302  1.00 0.00   ? 68  GLY B H    1 
ATOM   601  N N    . GLN B 2 46  ? 9.107   -15.896 -2.686  1.00 46.22  ? 69  GLN B N    1 
ATOM   602  C CA   . GLN B 2 46  ? 8.298   -16.385 -1.560  1.00 43.09  ? 69  GLN B CA   1 
ATOM   603  C C    . GLN B 2 46  ? 6.858   -16.621 -2.010  1.00 41.60  ? 69  GLN B C    1 
ATOM   604  O O    . GLN B 2 46  ? 6.346   -15.890 -2.853  1.00 40.61  ? 69  GLN B O    1 
ATOM   605  C CB   . GLN B 2 46  ? 8.325   -15.376 -0.409  0.40 44.14  ? 69  GLN B CB   1 
ATOM   606  C CG   . GLN B 2 46  ? 8.129   -15.997 0.965   0.40 44.60  ? 69  GLN B CG   1 
ATOM   607  C CD   . GLN B 2 46  ? 9.351   -16.760 1.442   0.40 45.01  ? 69  GLN B CD   1 
ATOM   608  O OE1  . GLN B 2 46  ? 10.412  -16.174 1.664   0.40 46.06  ? 69  GLN B OE1  1 
ATOM   609  N NE2  . GLN B 2 46  ? 9.208   -18.073 1.602   0.40 40.81  ? 69  GLN B NE2  1 
ATOM   610  H H    . GLN B 2 46  ? 9.692   -15.124 -2.551  1.00 0.00   ? 69  GLN B H    1 
ATOM   611  H HE21 . GLN B 2 46  ? 8.349   -18.471 1.341   1.00 0.00   ? 69  GLN B HE21 1 
ATOM   612  H HE22 . GLN B 2 46  ? 9.953   -18.594 1.967   1.00 0.00   ? 69  GLN B HE22 1 
ATOM   613  N N    . THR B 2 47  ? 6.195   -17.627 -1.451  1.00 39.47  ? 70  THR B N    1 
ATOM   614  C CA   . THR B 2 47  ? 4.834   -17.914 -1.876  1.00 41.69  ? 70  THR B CA   1 
ATOM   615  C C    . THR B 2 47  ? 3.706   -17.577 -0.908  1.00 38.16  ? 70  THR B C    1 
ATOM   616  O O    . THR B 2 47  ? 2.633   -18.179 -0.966  1.00 39.50  ? 70  THR B O    1 
ATOM   617  C CB   . THR B 2 47  ? 4.689   -19.388 -2.305  1.00 45.24  ? 70  THR B CB   1 
ATOM   618  O OG1  . THR B 2 47  ? 5.375   -20.236 -1.376  1.00 45.18  ? 70  THR B OG1  1 
ATOM   619  C CG2  . THR B 2 47  ? 5.275   -19.584 -3.699  1.00 49.19  ? 70  THR B CG2  1 
ATOM   620  H H    . THR B 2 47  ? 6.621   -18.171 -0.755  1.00 0.00   ? 70  THR B H    1 
ATOM   621  H HG1  . THR B 2 47  ? 5.493   -21.107 -1.761  1.00 0.00   ? 70  THR B HG1  1 
ATOM   622  N N    . ASN B 2 48  ? 3.931   -16.617 -0.022  1.00 33.65  ? 71  ASN B N    1 
ATOM   623  C CA   . ASN B 2 48  ? 2.873   -16.230 0.895   1.00 27.87  ? 71  ASN B CA   1 
ATOM   624  C C    . ASN B 2 48  ? 2.177   -14.980 0.359   1.00 26.51  ? 71  ASN B C    1 
ATOM   625  O O    . ASN B 2 48  ? 1.735   -14.127 1.127   1.00 24.55  ? 71  ASN B O    1 
ATOM   626  C CB   . ASN B 2 48  ? 3.422   -15.989 2.312   1.00 28.04  ? 71  ASN B CB   1 
ATOM   627  C CG   . ASN B 2 48  ? 4.486   -14.897 2.372   1.00 31.82  ? 71  ASN B CG   1 
ATOM   628  O OD1  . ASN B 2 48  ? 5.356   -14.804 1.498   1.00 38.05  ? 71  ASN B OD1  1 
ATOM   629  N ND2  . ASN B 2 48  ? 4.423   -14.071 3.417   1.00 27.48  ? 71  ASN B ND2  1 
ATOM   630  H H    . ASN B 2 48  ? 4.802   -16.171 0.014   1.00 0.00   ? 71  ASN B H    1 
ATOM   631  H HD21 . ASN B 2 48  ? 3.716   -14.228 4.075   1.00 0.00   ? 71  ASN B HD21 1 
ATOM   632  H HD22 . ASN B 2 48  ? 5.082   -13.348 3.483   1.00 0.00   ? 71  ASN B HD22 1 
ATOM   633  N N    . CYS B 2 49  ? 2.079   -14.879 -0.966  1.00 26.04  ? 72  CYS B N    1 
ATOM   634  C CA   . CYS B 2 49  ? 1.422   -13.734 -1.596  1.00 23.08  ? 72  CYS B CA   1 
ATOM   635  C C    . CYS B 2 49  ? 0.073   -14.125 -2.177  1.00 21.62  ? 72  CYS B C    1 
ATOM   636  O O    . CYS B 2 49  ? -0.131  -15.271 -2.583  1.00 20.69  ? 72  CYS B O    1 
ATOM   637  C CB   . CYS B 2 49  ? 2.304   -13.131 -2.686  1.00 25.55  ? 72  CYS B CB   1 
ATOM   638  S SG   . CYS B 2 49  ? 3.531   -11.957 -2.027  1.00 29.25  ? 72  CYS B SG   1 
ATOM   639  H H    . CYS B 2 49  ? 2.455   -15.587 -1.530  1.00 0.00   ? 72  CYS B H    1 
ATOM   640  N N    . TYR B 2 50  ? -0.847  -13.163 -2.206  1.00 19.18  ? 73  TYR B N    1 
ATOM   641  C CA   . TYR B 2 50  ? -2.191  -13.399 -2.704  1.00 18.92  ? 73  TYR B CA   1 
ATOM   642  C C    . TYR B 2 50  ? -2.710  -12.250 -3.550  1.00 17.02  ? 73  TYR B C    1 
ATOM   643  O O    . TYR B 2 50  ? -2.550  -11.074 -3.205  1.00 15.88  ? 73  TYR B O    1 
ATOM   644  C CB   . TYR B 2 50  ? -3.143  -13.642 -1.525  1.00 23.08  ? 73  TYR B CB   1 
ATOM   645  C CG   . TYR B 2 50  ? -2.772  -14.842 -0.692  1.00 27.84  ? 73  TYR B CG   1 
ATOM   646  C CD1  . TYR B 2 50  ? -3.366  -16.080 -0.920  1.00 28.49  ? 73  TYR B CD1  1 
ATOM   647  C CD2  . TYR B 2 50  ? -1.788  -14.754 0.290   1.00 28.41  ? 73  TYR B CD2  1 
ATOM   648  C CE1  . TYR B 2 50  ? -2.988  -17.204 -0.198  1.00 28.60  ? 73  TYR B CE1  1 
ATOM   649  C CE2  . TYR B 2 50  ? -1.403  -15.870 1.016   1.00 30.13  ? 73  TYR B CE2  1 
ATOM   650  C CZ   . TYR B 2 50  ? -2.005  -17.091 0.766   1.00 29.88  ? 73  TYR B CZ   1 
ATOM   651  O OH   . TYR B 2 50  ? -1.621  -18.204 1.477   1.00 27.88  ? 73  TYR B OH   1 
ATOM   652  H H    . TYR B 2 50  ? -0.611  -12.270 -1.883  1.00 0.00   ? 73  TYR B H    1 
ATOM   653  H HH   . TYR B 2 50  ? -1.918  -18.997 1.026   1.00 0.00   ? 73  TYR B HH   1 
ATOM   654  N N    . GLN B 2 51  ? -3.359  -12.609 -4.650  1.00 17.78  ? 74  GLN B N    1 
ATOM   655  C CA   . GLN B 2 51  ? -3.923  -11.647 -5.583  1.00 18.96  ? 74  GLN B CA   1 
ATOM   656  C C    . GLN B 2 51  ? -5.441  -11.533 -5.431  1.00 19.98  ? 74  GLN B C    1 
ATOM   657  O O    . GLN B 2 51  ? -6.136  -12.538 -5.315  1.00 21.37  ? 74  GLN B O    1 
ATOM   658  C CB   . GLN B 2 51  ? -3.584  -12.085 -7.002  1.00 19.39  ? 74  GLN B CB   1 
ATOM   659  C CG   . GLN B 2 51  ? -3.910  -11.083 -8.065  1.00 22.68  ? 74  GLN B CG   1 
ATOM   660  C CD   . GLN B 2 51  ? -3.396  -11.527 -9.409  1.00 25.88  ? 74  GLN B CD   1 
ATOM   661  O OE1  . GLN B 2 51  ? -4.172  -11.844 -10.307 1.00 33.07  ? 74  GLN B OE1  1 
ATOM   662  N NE2  . GLN B 2 51  ? -2.080  -11.566 -9.554  1.00 22.40  ? 74  GLN B NE2  1 
ATOM   663  H H    . GLN B 2 51  ? -3.475  -13.542 -4.862  1.00 0.00   ? 74  GLN B H    1 
ATOM   664  H HE21 . GLN B 2 51  ? -1.523  -11.300 -8.795  1.00 0.00   ? 74  GLN B HE21 1 
ATOM   665  H HE22 . GLN B 2 51  ? -1.726  -11.862 -10.420 1.00 0.00   ? 74  GLN B HE22 1 
ATOM   666  N N    . SER B 2 52  ? -5.955  -10.308 -5.444  1.00 18.78  ? 75  SER B N    1 
ATOM   667  C CA   . SER B 2 52  ? -7.392  -10.103 -5.316  1.00 17.20  ? 75  SER B CA   1 
ATOM   668  C C    . SER B 2 52  ? -8.123  -10.608 -6.560  1.00 18.58  ? 75  SER B C    1 
ATOM   669  O O    . SER B 2 52  ? -7.661  -10.418 -7.688  1.00 18.17  ? 75  SER B O    1 
ATOM   670  C CB   . SER B 2 52  ? -7.701  -8.618  -5.092  1.00 18.87  ? 75  SER B CB   1 
ATOM   671  O OG   . SER B 2 52  ? -7.209  -7.817  -6.152  1.00 19.17  ? 75  SER B OG   1 
ATOM   672  H H    . SER B 2 52  ? -5.365  -9.530  -5.542  1.00 0.00   ? 75  SER B H    1 
ATOM   673  H HG   . SER B 2 52  ? -7.856  -7.767  -6.853  1.00 0.00   ? 75  SER B HG   1 
ATOM   674  N N    . TYR B 2 53  ? -9.264  -11.259 -6.353  1.00 18.08  ? 76  TYR B N    1 
ATOM   675  C CA   . TYR B 2 53  ? -10.045 -11.780 -7.467  1.00 17.51  ? 76  TYR B CA   1 
ATOM   676  C C    . TYR B 2 53  ? -10.460 -10.644 -8.388  1.00 16.47  ? 76  TYR B C    1 
ATOM   677  O O    . TYR B 2 53  ? -10.427 -10.786 -9.613  1.00 18.48  ? 76  TYR B O    1 
ATOM   678  C CB   . TYR B 2 53  ? -11.297 -12.496 -6.957  1.00 21.43  ? 76  TYR B CB   1 
ATOM   679  C CG   . TYR B 2 53  ? -11.027 -13.810 -6.264  1.00 17.61  ? 76  TYR B CG   1 
ATOM   680  C CD1  . TYR B 2 53  ? -10.140 -14.738 -6.803  1.00 19.43  ? 76  TYR B CD1  1 
ATOM   681  C CD2  . TYR B 2 53  ? -11.672 -14.132 -5.073  1.00 16.67  ? 76  TYR B CD2  1 
ATOM   682  C CE1  . TYR B 2 53  ? -9.902  -15.959 -6.172  1.00 18.57  ? 76  TYR B CE1  1 
ATOM   683  C CE2  . TYR B 2 53  ? -11.443 -15.346 -4.437  1.00 19.28  ? 76  TYR B CE2  1 
ATOM   684  C CZ   . TYR B 2 53  ? -10.560 -16.256 -4.993  1.00 19.66  ? 76  TYR B CZ   1 
ATOM   685  O OH   . TYR B 2 53  ? -10.354 -17.467 -4.373  1.00 16.69  ? 76  TYR B OH   1 
ATOM   686  H H    . TYR B 2 53  ? -9.586  -11.390 -5.438  1.00 0.00   ? 76  TYR B H    1 
ATOM   687  H HH   . TYR B 2 53  ? -11.038 -17.602 -3.710  1.00 0.00   ? 76  TYR B HH   1 
ATOM   688  N N    . SER B 2 54  ? -10.862 -9.523  -7.788  1.00 17.80  ? 77  SER B N    1 
ATOM   689  C CA   . SER B 2 54  ? -11.281 -8.348  -8.549  1.00 17.32  ? 77  SER B CA   1 
ATOM   690  C C    . SER B 2 54  ? -10.389 -7.126  -8.302  1.00 15.83  ? 77  SER B C    1 
ATOM   691  O O    . SER B 2 54  ? -9.495  -7.139  -7.458  1.00 12.32  ? 77  SER B O    1 
ATOM   692  C CB   . SER B 2 54  ? -12.742 -7.996  -8.240  0.65 19.32  ? 77  SER B CB   1 
ATOM   693  O OG   . SER B 2 54  ? -12.991 -7.974  -6.846  0.65 25.96  ? 77  SER B OG   1 
ATOM   694  H H    . SER B 2 54  ? -10.876 -9.488  -6.810  1.00 0.00   ? 77  SER B H    1 
ATOM   695  H HG   . SER B 2 54  ? -12.690 -7.138  -6.475  1.00 0.00   ? 77  SER B HG   1 
ATOM   696  N N    . THR B 2 55  ? -10.645 -6.069  -9.062  1.00 17.51  ? 78  THR B N    1 
ATOM   697  C CA   . THR B 2 55  ? -9.875  -4.839  -8.967  1.00 18.06  ? 78  THR B CA   1 
ATOM   698  C C    . THR B 2 55  ? -10.370 -3.988  -7.809  1.00 18.87  ? 78  THR B C    1 
ATOM   699  O O    . THR B 2 55  ? -11.508 -4.133  -7.362  1.00 22.38  ? 78  THR B O    1 
ATOM   700  C CB   . THR B 2 55  ? -9.984  -4.024  -10.274 1.00 18.45  ? 78  THR B CB   1 
ATOM   701  O OG1  . THR B 2 55  ? -11.347 -3.651  -10.497 1.00 20.94  ? 78  THR B OG1  1 
ATOM   702  C CG2  . THR B 2 55  ? -9.527  -4.855  -11.453 1.00 16.69  ? 78  THR B CG2  1 
ATOM   703  H H    . THR B 2 55  ? -11.377 -6.124  -9.707  1.00 0.00   ? 78  THR B H    1 
ATOM   704  H HG1  . THR B 2 55  ? -11.649 -3.094  -9.773  1.00 0.00   ? 78  THR B HG1  1 
ATOM   705  N N    . MET B 2 56  ? -9.505  -3.105  -7.321  1.00 17.19  ? 79  MET B N    1 
ATOM   706  C CA   . MET B 2 56  ? -9.856  -2.234  -6.215  1.00 17.73  ? 79  MET B CA   1 
ATOM   707  C C    . MET B 2 56  ? -9.460  -0.820  -6.576  1.00 15.31  ? 79  MET B C    1 
ATOM   708  O O    . MET B 2 56  ? -8.588  -0.613  -7.413  1.00 16.80  ? 79  MET B O    1 
ATOM   709  C CB   . MET B 2 56  ? -9.125  -2.676  -4.946  1.00 17.89  ? 79  MET B CB   1 
ATOM   710  C CG   . MET B 2 56  ? -9.681  -3.954  -4.334  1.00 18.53  ? 79  MET B CG   1 
ATOM   711  S SD   . MET B 2 56  ? -8.809  -4.431  -2.845  1.00 23.70  ? 79  MET B SD   1 
ATOM   712  C CE   . MET B 2 56  ? -9.666  -5.908  -2.431  1.00 23.23  ? 79  MET B CE   1 
ATOM   713  H H    . MET B 2 56  ? -8.617  -3.044  -7.721  1.00 0.00   ? 79  MET B H    1 
ATOM   714  N N    . SER B 2 57  ? -10.108 0.154   -5.956  1.00 15.17  ? 80  SER B N    1 
ATOM   715  C CA   . SER B 2 57  ? -9.809  1.555   -6.218  1.00 17.56  ? 80  SER B CA   1 
ATOM   716  C C    . SER B 2 57  ? -8.510  1.954   -5.516  1.00 17.87  ? 80  SER B C    1 
ATOM   717  O O    . SER B 2 57  ? -8.371  1.786   -4.304  1.00 16.59  ? 80  SER B O    1 
ATOM   718  C CB   . SER B 2 57  ? -10.962 2.432   -5.720  1.00 15.56  ? 80  SER B CB   1 
ATOM   719  O OG   . SER B 2 57  ? -10.653 3.803   -5.865  1.00 19.15  ? 80  SER B OG   1 
ATOM   720  H H    . SER B 2 57  ? -10.807 -0.073  -5.305  1.00 0.00   ? 80  SER B H    1 
ATOM   721  H HG   . SER B 2 57  ? -10.737 4.045   -6.791  1.00 0.00   ? 80  SER B HG   1 
ATOM   722  N N    . ILE B 2 58  ? -7.548  2.472   -6.265  1.00 16.38  ? 81  ILE B N    1 
ATOM   723  C CA   . ILE B 2 58  ? -6.301  2.859   -5.628  1.00 17.16  ? 81  ILE B CA   1 
ATOM   724  C C    . ILE B 2 58  ? -5.740  4.173   -6.133  1.00 16.20  ? 81  ILE B C    1 
ATOM   725  O O    . ILE B 2 58  ? -6.124  4.660   -7.185  1.00 17.00  ? 81  ILE B O    1 
ATOM   726  C CB   . ILE B 2 58  ? -5.207  1.750   -5.766  1.00 22.86  ? 81  ILE B CB   1 
ATOM   727  C CG1  . ILE B 2 58  ? -4.249  2.073   -6.914  1.00 24.60  ? 81  ILE B CG1  1 
ATOM   728  C CG2  . ILE B 2 58  ? -5.854  0.387   -5.969  1.00 27.24  ? 81  ILE B CG2  1 
ATOM   729  C CD1  . ILE B 2 58  ? -4.817  1.788   -8.278  1.00 31.26  ? 81  ILE B CD1  1 
ATOM   730  H H    . ILE B 2 58  ? -7.678  2.592   -7.218  1.00 0.00   ? 81  ILE B H    1 
ATOM   731  N N    . THR B 2 59  ? -4.840  4.752   -5.350  1.00 14.74  ? 82  THR B N    1 
ATOM   732  C CA   . THR B 2 59  ? -4.183  5.996   -5.714  1.00 16.18  ? 82  THR B CA   1 
ATOM   733  C C    . THR B 2 59  ? -2.677  5.782   -5.585  1.00 17.26  ? 82  THR B C    1 
ATOM   734  O O    . THR B 2 59  ? -2.161  5.526   -4.493  1.00 18.42  ? 82  THR B O    1 
ATOM   735  C CB   . THR B 2 59  ? -4.595  7.162   -4.793  1.00 11.71  ? 82  THR B CB   1 
ATOM   736  O OG1  . THR B 2 59  ? -5.991  7.429   -4.953  1.00 15.08  ? 82  THR B OG1  1 
ATOM   737  C CG2  . THR B 2 59  ? -3.809  8.412   -5.141  1.00 11.12  ? 82  THR B CG2  1 
ATOM   738  H H    . THR B 2 59  ? -4.613  4.332   -4.496  1.00 0.00   ? 82  THR B H    1 
ATOM   739  H HG1  . THR B 2 59  ? -6.099  8.057   -5.671  1.00 0.00   ? 82  THR B HG1  1 
ATOM   740  N N    . ASP B 2 60  ? -1.981  5.868   -6.712  1.00 19.13  ? 83  ASP B N    1 
ATOM   741  C CA   . ASP B 2 60  ? -0.540  5.697   -6.736  1.00 15.70  ? 83  ASP B CA   1 
ATOM   742  C C    . ASP B 2 60  ? 0.133   7.050   -6.520  1.00 16.84  ? 83  ASP B C    1 
ATOM   743  O O    . ASP B 2 60  ? -0.190  8.019   -7.200  1.00 18.52  ? 83  ASP B O    1 
ATOM   744  C CB   . ASP B 2 60  ? -0.117  5.104   -8.082  0.45 14.78  ? 83  ASP B CB   1 
ATOM   745  C CG   . ASP B 2 60  ? 1.374   5.112   -8.270  0.45 15.21  ? 83  ASP B CG   1 
ATOM   746  O OD1  . ASP B 2 60  ? 1.880   6.025   -8.953  0.45 21.39  ? 83  ASP B OD1  1 
ATOM   747  O OD2  . ASP B 2 60  ? 2.044   4.205   -7.733  0.45 14.68  ? 83  ASP B OD2  1 
ATOM   748  H H    . ASP B 2 60  ? -2.446  6.047   -7.550  1.00 0.00   ? 83  ASP B H    1 
ATOM   749  N N    . CYS B 2 61  ? 1.057   7.118   -5.562  1.00 18.76  ? 84  CYS B N    1 
ATOM   750  C CA   . CYS B 2 61  ? 1.773   8.357   -5.266  1.00 18.53  ? 84  CYS B CA   1 
ATOM   751  C C    . CYS B 2 61  ? 3.237   8.201   -5.649  1.00 18.21  ? 84  CYS B C    1 
ATOM   752  O O    . CYS B 2 61  ? 3.946   7.372   -5.075  1.00 19.53  ? 84  CYS B O    1 
ATOM   753  C CB   . CYS B 2 61  ? 1.659   8.696   -3.779  1.00 16.80  ? 84  CYS B CB   1 
ATOM   754  S SG   . CYS B 2 61  ? -0.033  9.094   -3.243  1.00 14.36  ? 84  CYS B SG   1 
ATOM   755  H H    . CYS B 2 61  ? 1.255   6.312   -5.047  1.00 0.00   ? 84  CYS B H    1 
ATOM   756  N N    . ARG B 2 62  ? 3.681   9.011   -6.613  1.00 20.05  ? 85  ARG B N    1 
ATOM   757  C CA   . ARG B 2 62  ? 5.054   8.965   -7.118  1.00 16.16  ? 85  ARG B CA   1 
ATOM   758  C C    . ARG B 2 62  ? 5.727   10.340  -7.095  1.00 17.66  ? 85  ARG B C    1 
ATOM   759  O O    . ARG B 2 62  ? 5.159   11.334  -7.556  1.00 16.77  ? 85  ARG B O    1 
ATOM   760  C CB   . ARG B 2 62  ? 5.050   8.398   -8.543  0.25 13.11  ? 85  ARG B CB   1 
ATOM   761  C CG   . ARG B 2 62  ? 6.346   8.583   -9.307  0.25 9.30   ? 85  ARG B CG   1 
ATOM   762  C CD   . ARG B 2 62  ? 7.253   7.367   -9.197  0.25 6.25   ? 85  ARG B CD   1 
ATOM   763  N NE   . ARG B 2 62  ? 6.558   6.105   -9.445  0.25 5.08   ? 85  ARG B NE   1 
ATOM   764  C CZ   . ARG B 2 62  ? 7.172   4.951   -9.694  0.25 2.00   ? 85  ARG B CZ   1 
ATOM   765  N NH1  . ARG B 2 62  ? 6.465   3.853   -9.909  0.25 2.23   ? 85  ARG B NH1  1 
ATOM   766  N NH2  . ARG B 2 62  ? 8.497   4.896   -9.732  0.25 2.00   ? 85  ARG B NH2  1 
ATOM   767  H H    . ARG B 2 62  ? 3.065   9.667   -7.003  1.00 0.00   ? 85  ARG B H    1 
ATOM   768  H HE   . ARG B 2 62  ? 5.578   6.106   -9.430  1.00 0.00   ? 85  ARG B HE   1 
ATOM   769  H HH11 . ARG B 2 62  ? 5.465   3.896   -9.903  1.00 0.00   ? 85  ARG B HH11 1 
ATOM   770  H HH12 . ARG B 2 62  ? 6.923   3.033   -10.260 1.00 0.00   ? 85  ARG B HH12 1 
ATOM   771  H HH21 . ARG B 2 62  ? 8.925   4.064   -10.089 1.00 0.00   ? 85  ARG B HH21 1 
ATOM   772  H HH22 . ARG B 2 62  ? 9.011   5.750   -9.777  1.00 0.00   ? 85  ARG B HH22 1 
ATOM   773  N N    . GLU B 2 63  ? 6.942   10.378  -6.552  1.00 18.56  ? 86  GLU B N    1 
ATOM   774  C CA   . GLU B 2 63  ? 7.726   11.608  -6.438  1.00 23.56  ? 86  GLU B CA   1 
ATOM   775  C C    . GLU B 2 63  ? 8.104   12.197  -7.791  1.00 23.90  ? 86  GLU B C    1 
ATOM   776  O O    . GLU B 2 63  ? 8.519   11.477  -8.690  1.00 29.05  ? 86  GLU B O    1 
ATOM   777  C CB   . GLU B 2 63  ? 9.017   11.331  -5.665  1.00 20.68  ? 86  GLU B CB   1 
ATOM   778  C CG   . GLU B 2 63  ? 9.135   12.035  -4.335  1.00 19.93  ? 86  GLU B CG   1 
ATOM   779  C CD   . GLU B 2 63  ? 10.531  11.949  -3.768  1.00 21.88  ? 86  GLU B CD   1 
ATOM   780  O OE1  . GLU B 2 63  ? 11.031  12.983  -3.291  1.00 20.71  ? 86  GLU B OE1  1 
ATOM   781  O OE2  . GLU B 2 63  ? 11.132  10.853  -3.802  1.00 14.01  ? 86  GLU B OE2  1 
ATOM   782  H H    . GLU B 2 63  ? 7.328   9.546   -6.213  1.00 0.00   ? 86  GLU B H    1 
ATOM   783  N N    . THR B 2 64  ? 7.983   13.507  -7.938  1.00 23.85  ? 87  THR B N    1 
ATOM   784  C CA   . THR B 2 64  ? 8.366   14.123  -9.194  1.00 27.72  ? 87  THR B CA   1 
ATOM   785  C C    . THR B 2 64  ? 9.894   14.214  -9.239  1.00 29.39  ? 87  THR B C    1 
ATOM   786  O O    . THR B 2 64  ? 10.582  13.739  -8.335  1.00 26.88  ? 87  THR B O    1 
ATOM   787  C CB   . THR B 2 64  ? 7.755   15.529  -9.340  1.00 30.06  ? 87  THR B CB   1 
ATOM   788  O OG1  . THR B 2 64  ? 8.162   16.360  -8.245  1.00 27.07  ? 87  THR B OG1  1 
ATOM   789  C CG2  . THR B 2 64  ? 6.240   15.435  -9.366  1.00 34.05  ? 87  THR B CG2  1 
ATOM   790  H H    . THR B 2 64  ? 7.639   14.057  -7.207  1.00 0.00   ? 87  THR B H    1 
ATOM   791  H HG1  . THR B 2 64  ? 7.907   17.270  -8.422  1.00 0.00   ? 87  THR B HG1  1 
ATOM   792  N N    . GLY B 2 65  ? 10.427  14.810  -10.298 1.00 35.02  ? 88  GLY B N    1 
ATOM   793  C CA   . GLY B 2 65  ? 11.867  14.936  -10.408 1.00 36.94  ? 88  GLY B CA   1 
ATOM   794  C C    . GLY B 2 65  ? 12.378  16.135  -9.634  1.00 39.92  ? 88  GLY B C    1 
ATOM   795  O O    . GLY B 2 65  ? 13.559  16.223  -9.314  1.00 37.29  ? 88  GLY B O    1 
ATOM   796  H H    . GLY B 2 65  ? 9.851   15.165  -11.005 1.00 0.00   ? 88  GLY B H    1 
ATOM   797  N N    . SER B 2 66  ? 11.472  17.057  -9.328  1.00 44.75  ? 89  SER B N    1 
ATOM   798  C CA   . SER B 2 66  ? 11.804  18.271  -8.591  1.00 49.60  ? 89  SER B CA   1 
ATOM   799  C C    . SER B 2 66  ? 11.633  18.090  -7.082  1.00 51.19  ? 89  SER B C    1 
ATOM   800  O O    . SER B 2 66  ? 11.830  19.027  -6.307  1.00 54.99  ? 89  SER B O    1 
ATOM   801  C CB   . SER B 2 66  ? 10.910  19.421  -9.068  1.00 55.16  ? 89  SER B CB   1 
ATOM   802  O OG   . SER B 2 66  ? 9.571   18.985  -9.264  1.00 63.67  ? 89  SER B OG   1 
ATOM   803  H H    . SER B 2 66  ? 10.543  16.912  -9.609  1.00 0.00   ? 89  SER B H    1 
ATOM   804  H HG   . SER B 2 66  ? 8.967   19.715  -9.102  1.00 0.00   ? 89  SER B HG   1 
ATOM   805  N N    . SER B 2 67  ? 11.261  16.888  -6.664  1.00 46.90  ? 90  SER B N    1 
ATOM   806  C CA   . SER B 2 67  ? 11.067  16.620  -5.250  1.00 40.93  ? 90  SER B CA   1 
ATOM   807  C C    . SER B 2 67  ? 12.403  16.502  -4.521  1.00 37.77  ? 90  SER B C    1 
ATOM   808  O O    . SER B 2 67  ? 13.310  15.780  -4.960  1.00 32.20  ? 90  SER B O    1 
ATOM   809  C CB   . SER B 2 67  ? 10.255  15.333  -5.065  1.00 42.30  ? 90  SER B CB   1 
ATOM   810  O OG   . SER B 2 67  ? 9.909   15.123  -3.707  1.00 35.80  ? 90  SER B OG   1 
ATOM   811  H H    . SER B 2 67  ? 11.117  16.177  -7.322  1.00 0.00   ? 90  SER B H    1 
ATOM   812  H HG   . SER B 2 67  ? 10.695  15.102  -3.154  1.00 0.00   ? 90  SER B HG   1 
ATOM   813  N N    . LYS B 2 68  ? 12.503  17.228  -3.408  1.00 35.54  ? 91  LYS B N    1 
ATOM   814  C CA   . LYS B 2 68  ? 13.687  17.231  -2.556  1.00 33.61  ? 91  LYS B CA   1 
ATOM   815  C C    . LYS B 2 68  ? 13.300  17.596  -1.125  1.00 29.82  ? 91  LYS B C    1 
ATOM   816  O O    . LYS B 2 68  ? 12.617  18.590  -0.897  1.00 30.18  ? 91  LYS B O    1 
ATOM   817  C CB   . LYS B 2 68  ? 14.718  18.235  -3.068  1.00 35.64  ? 91  LYS B CB   1 
ATOM   818  C CG   . LYS B 2 68  ? 15.990  18.275  -2.235  1.00 41.98  ? 91  LYS B CG   1 
ATOM   819  C CD   . LYS B 2 68  ? 17.175  18.794  -3.046  1.00 48.61  ? 91  LYS B CD   1 
ATOM   820  C CE   . LYS B 2 68  ? 18.504  18.512  -2.345  1.00 51.09  ? 91  LYS B CE   1 
ATOM   821  N NZ   . LYS B 2 68  ? 18.817  19.527  -1.297  1.00 48.71  ? 91  LYS B NZ   1 
ATOM   822  H H    . LYS B 2 68  ? 11.743  17.791  -3.146  1.00 0.00   ? 91  LYS B H    1 
ATOM   823  H HZ1  . LYS B 2 68  ? 18.994  20.445  -1.753  1.00 0.00   ? 91  LYS B HZ1  1 
ATOM   824  H HZ2  . LYS B 2 68  ? 19.662  19.237  -0.767  1.00 0.00   ? 91  LYS B HZ2  1 
ATOM   825  H HZ3  . LYS B 2 68  ? 18.011  19.619  -0.648  1.00 0.00   ? 91  LYS B HZ3  1 
ATOM   826  N N    . TYR B 2 69  ? 13.730  16.786  -0.163  1.00 27.07  ? 92  TYR B N    1 
ATOM   827  C CA   . TYR B 2 69  ? 13.431  17.054  1.237   1.00 26.47  ? 92  TYR B CA   1 
ATOM   828  C C    . TYR B 2 69  ? 13.991  18.430  1.586   1.00 26.47  ? 92  TYR B C    1 
ATOM   829  O O    . TYR B 2 69  ? 15.064  18.803  1.119   1.00 28.10  ? 92  TYR B O    1 
ATOM   830  C CB   . TYR B 2 69  ? 14.078  15.988  2.131   1.00 27.19  ? 92  TYR B CB   1 
ATOM   831  C CG   . TYR B 2 69  ? 13.805  16.188  3.606   1.00 27.80  ? 92  TYR B CG   1 
ATOM   832  C CD1  . TYR B 2 69  ? 12.711  15.587  4.221   1.00 30.59  ? 92  TYR B CD1  1 
ATOM   833  C CD2  . TYR B 2 69  ? 14.620  17.016  4.381   1.00 30.45  ? 92  TYR B CD2  1 
ATOM   834  C CE1  . TYR B 2 69  ? 12.427  15.810  5.566   1.00 33.12  ? 92  TYR B CE1  1 
ATOM   835  C CE2  . TYR B 2 69  ? 14.345  17.245  5.733   1.00 31.32  ? 92  TYR B CE2  1 
ATOM   836  C CZ   . TYR B 2 69  ? 13.248  16.640  6.312   1.00 32.32  ? 92  TYR B CZ   1 
ATOM   837  O OH   . TYR B 2 69  ? 12.956  16.872  7.635   1.00 34.27  ? 92  TYR B OH   1 
ATOM   838  H H    . TYR B 2 69  ? 14.253  15.995  -0.406  1.00 0.00   ? 92  TYR B H    1 
ATOM   839  H HH   . TYR B 2 69  ? 12.086  16.522  7.835   1.00 0.00   ? 92  TYR B HH   1 
ATOM   840  N N    . PRO B 2 70  ? 13.293  19.195  2.441   1.00 26.07  ? 93  PRO B N    1 
ATOM   841  C CA   . PRO B 2 70  ? 12.030  18.911  3.129   1.00 23.95  ? 93  PRO B CA   1 
ATOM   842  C C    . PRO B 2 70  ? 10.733  19.151  2.347   1.00 25.09  ? 93  PRO B C    1 
ATOM   843  O O    . PRO B 2 70  ? 9.640   18.994  2.896   1.00 26.46  ? 93  PRO B O    1 
ATOM   844  C CB   . PRO B 2 70  ? 12.109  19.797  4.363   1.00 23.73  ? 93  PRO B CB   1 
ATOM   845  C CG   . PRO B 2 70  ? 12.850  21.008  3.870   1.00 22.19  ? 93  PRO B CG   1 
ATOM   846  C CD   . PRO B 2 70  ? 13.821  20.519  2.817   1.00 22.70  ? 93  PRO B CD   1 
ATOM   847  N N    . ASN B 2 71  ? 10.843  19.517  1.074   1.00 26.28  ? 94  ASN B N    1 
ATOM   848  C CA   . ASN B 2 71  ? 9.655   19.777  0.268   1.00 27.00  ? 94  ASN B CA   1 
ATOM   849  C C    . ASN B 2 71  ? 9.363   18.689  -0.746  1.00 24.27  ? 94  ASN B C    1 
ATOM   850  O O    . ASN B 2 71  ? 9.589   18.880  -1.936  1.00 26.63  ? 94  ASN B O    1 
ATOM   851  C CB   . ASN B 2 71  ? 9.800   21.101  -0.477  1.00 33.44  ? 94  ASN B CB   1 
ATOM   852  C CG   . ASN B 2 71  ? 10.082  22.265  0.447   1.00 36.47  ? 94  ASN B CG   1 
ATOM   853  O OD1  . ASN B 2 71  ? 9.228   22.658  1.250   1.00 39.23  ? 94  ASN B OD1  1 
ATOM   854  N ND2  . ASN B 2 71  ? 11.284  22.828  0.337   1.00 36.69  ? 94  ASN B ND2  1 
ATOM   855  H H    . ASN B 2 71  ? 11.733  19.613  0.677   1.00 0.00   ? 94  ASN B H    1 
ATOM   856  H HD21 . ASN B 2 71  ? 11.883  22.496  -0.367  1.00 0.00   ? 94  ASN B HD21 1 
ATOM   857  H HD22 . ASN B 2 71  ? 11.526  23.548  0.954   1.00 0.00   ? 94  ASN B HD22 1 
ATOM   858  N N    . CYS B 2 72  ? 8.858   17.549  -0.291  1.00 23.08  ? 95  CYS B N    1 
ATOM   859  C CA   . CYS B 2 72  ? 8.546   16.469  -1.217  1.00 23.41  ? 95  CYS B CA   1 
ATOM   860  C C    . CYS B 2 72  ? 7.391   16.881  -2.122  1.00 23.93  ? 95  CYS B C    1 
ATOM   861  O O    . CYS B 2 72  ? 6.546   17.686  -1.737  1.00 23.79  ? 95  CYS B O    1 
ATOM   862  C CB   . CYS B 2 72  ? 8.179   15.202  -0.451  1.00 23.85  ? 95  CYS B CB   1 
ATOM   863  S SG   . CYS B 2 72  ? 9.139   14.967  1.071   1.00 23.52  ? 95  CYS B SG   1 
ATOM   864  H H    . CYS B 2 72  ? 8.693   17.430  0.667   1.00 0.00   ? 95  CYS B H    1 
ATOM   865  N N    . ALA B 2 73  ? 7.365   16.336  -3.333  1.00 22.88  ? 96  ALA B N    1 
ATOM   866  C CA   . ALA B 2 73  ? 6.313   16.651  -4.291  1.00 22.73  ? 96  ALA B CA   1 
ATOM   867  C C    . ALA B 2 73  ? 5.944   15.357  -4.996  1.00 22.16  ? 96  ALA B C    1 
ATOM   868  O O    . ALA B 2 73  ? 6.817   14.651  -5.490  1.00 23.41  ? 96  ALA B O    1 
ATOM   869  C CB   . ALA B 2 73  ? 6.811   17.675  -5.290  1.00 22.72  ? 96  ALA B CB   1 
ATOM   870  H H    . ALA B 2 73  ? 8.069   15.705  -3.594  1.00 0.00   ? 96  ALA B H    1 
ATOM   871  N N    . TYR B 2 74  ? 4.648   15.062  -5.044  1.00 20.83  ? 97  TYR B N    1 
ATOM   872  C CA   . TYR B 2 74  ? 4.142   13.830  -5.643  1.00 17.92  ? 97  TYR B CA   1 
ATOM   873  C C    . TYR B 2 74  ? 3.201   14.025  -6.817  1.00 16.09  ? 97  TYR B C    1 
ATOM   874  O O    . TYR B 2 74  ? 2.569   15.068  -6.959  1.00 20.77  ? 97  TYR B O    1 
ATOM   875  C CB   . TYR B 2 74  ? 3.398   13.003  -4.573  1.00 14.55  ? 97  TYR B CB   1 
ATOM   876  C CG   . TYR B 2 74  ? 4.307   12.493  -3.500  1.00 12.42  ? 97  TYR B CG   1 
ATOM   877  C CD1  . TYR B 2 74  ? 4.988   11.297  -3.668  1.00 13.34  ? 97  TYR B CD1  1 
ATOM   878  C CD2  . TYR B 2 74  ? 4.601   13.267  -2.383  1.00 15.86  ? 97  TYR B CD2  1 
ATOM   879  C CE1  . TYR B 2 74  ? 5.950   10.888  -2.774  1.00 10.64  ? 97  TYR B CE1  1 
ATOM   880  C CE2  . TYR B 2 74  ? 5.568   12.865  -1.475  1.00 12.78  ? 97  TYR B CE2  1 
ATOM   881  C CZ   . TYR B 2 74  ? 6.242   11.675  -1.688  1.00 12.48  ? 97  TYR B CZ   1 
ATOM   882  O OH   . TYR B 2 74  ? 7.247   11.286  -0.849  1.00 11.54  ? 97  TYR B OH   1 
ATOM   883  H H    . TYR B 2 74  ? 4.005   15.695  -4.665  1.00 0.00   ? 97  TYR B H    1 
ATOM   884  H HH   . TYR B 2 74  ? 8.031   11.104  -1.374  1.00 0.00   ? 97  TYR B HH   1 
ATOM   885  N N    . LYS B 2 75  ? 3.106   12.992  -7.645  1.00 16.61  ? 98  LYS B N    1 
ATOM   886  C CA   . LYS B 2 75  ? 2.199   12.996  -8.774  1.00 18.48  ? 98  LYS B CA   1 
ATOM   887  C C    . LYS B 2 75  ? 1.116   11.997  -8.376  1.00 16.92  ? 98  LYS B C    1 
ATOM   888  O O    . LYS B 2 75  ? 1.427   10.875  -7.967  1.00 17.74  ? 98  LYS B O    1 
ATOM   889  C CB   . LYS B 2 75  ? 2.905   12.528  -10.041 1.00 21.70  ? 98  LYS B CB   1 
ATOM   890  C CG   . LYS B 2 75  ? 2.052   12.654  -11.285 1.00 23.48  ? 98  LYS B CG   1 
ATOM   891  C CD   . LYS B 2 75  ? 2.531   11.737  -12.390 1.00 26.75  ? 98  LYS B CD   1 
ATOM   892  C CE   . LYS B 2 75  ? 1.681   11.908  -13.629 1.00 35.03  ? 98  LYS B CE   1 
ATOM   893  N NZ   . LYS B 2 75  ? 1.124   13.293  -13.719 1.00 38.29  ? 98  LYS B NZ   1 
ATOM   894  H H    . LYS B 2 75  ? 3.653   12.208  -7.487  1.00 0.00   ? 98  LYS B H    1 
ATOM   895  H HZ1  . LYS B 2 75  ? 0.595   13.529  -12.858 1.00 0.00   ? 98  LYS B HZ1  1 
ATOM   896  H HZ2  . LYS B 2 75  ? 0.480   13.341  -14.533 1.00 0.00   ? 98  LYS B HZ2  1 
ATOM   897  H HZ3  . LYS B 2 75  ? 1.895   13.978  -13.851 1.00 0.00   ? 98  LYS B HZ3  1 
ATOM   898  N N    . THR B 2 76  ? -0.145  12.409  -8.483  1.00 17.44  ? 99  THR B N    1 
ATOM   899  C CA   . THR B 2 76  ? -1.274  11.556  -8.116  1.00 14.53  ? 99  THR B CA   1 
ATOM   900  C C    . THR B 2 76  ? -1.954  10.873  -9.308  1.00 14.91  ? 99  THR B C    1 
ATOM   901  O O    . THR B 2 76  ? -2.372  11.533  -10.251 1.00 15.90  ? 99  THR B O    1 
ATOM   902  C CB   . THR B 2 76  ? -2.329  12.375  -7.346  1.00 15.62  ? 99  THR B CB   1 
ATOM   903  O OG1  . THR B 2 76  ? -1.690  13.063  -6.261  1.00 10.47  ? 99  THR B OG1  1 
ATOM   904  C CG2  . THR B 2 76  ? -3.436  11.465  -6.803  1.00 12.36  ? 99  THR B CG2  1 
ATOM   905  H H    . THR B 2 76  ? -0.324  13.314  -8.815  1.00 0.00   ? 99  THR B H    1 
ATOM   906  H HG1  . THR B 2 76  ? -1.276  12.432  -5.675  1.00 0.00   ? 99  THR B HG1  1 
ATOM   907  N N    . THR B 2 77  ? -2.071  9.547   -9.241  1.00 16.82  ? 100 THR B N    1 
ATOM   908  C CA   . THR B 2 77  ? -2.698  8.742   -10.296 1.00 17.48  ? 100 THR B CA   1 
ATOM   909  C C    . THR B 2 77  ? -3.725  7.756   -9.720  1.00 18.62  ? 100 THR B C    1 
ATOM   910  O O    . THR B 2 77  ? -3.372  6.862   -8.944  1.00 15.40  ? 100 THR B O    1 
ATOM   911  C CB   . THR B 2 77  ? -1.635  7.933   -11.068 1.00 15.32  ? 100 THR B CB   1 
ATOM   912  O OG1  . THR B 2 77  ? -0.511  8.778   -11.342 1.00 19.88  ? 100 THR B OG1  1 
ATOM   913  C CG2  . THR B 2 77  ? -2.188  7.414   -12.369 1.00 13.44  ? 100 THR B CG2  1 
ATOM   914  H H    . THR B 2 77  ? -1.719  9.096   -8.445  1.00 0.00   ? 100 THR B H    1 
ATOM   915  H HG1  . THR B 2 77  ? -0.174  9.137   -10.515 1.00 0.00   ? 100 THR B HG1  1 
ATOM   916  N N    . GLN B 2 78  ? -4.994  7.917   -10.103 1.00 21.17  ? 101 GLN B N    1 
ATOM   917  C CA   . GLN B 2 78  ? -6.058  7.028   -9.618  1.00 25.00  ? 101 GLN B CA   1 
ATOM   918  C C    . GLN B 2 78  ? -6.269  5.897   -10.608 1.00 24.73  ? 101 GLN B C    1 
ATOM   919  O O    . GLN B 2 78  ? -6.025  6.059   -11.796 1.00 26.45  ? 101 GLN B O    1 
ATOM   920  C CB   . GLN B 2 78  ? -7.379  7.789   -9.422  1.00 24.41  ? 101 GLN B CB   1 
ATOM   921  C CG   . GLN B 2 78  ? -7.992  7.647   -8.025  1.00 35.05  ? 101 GLN B CG   1 
ATOM   922  C CD   . GLN B 2 78  ? -8.650  6.282   -7.768  1.00 37.36  ? 101 GLN B CD   1 
ATOM   923  O OE1  . GLN B 2 78  ? -9.430  5.780   -8.581  1.00 43.62  ? 101 GLN B OE1  1 
ATOM   924  N NE2  . GLN B 2 78  ? -8.338  5.688   -6.624  1.00 39.15  ? 101 GLN B NE2  1 
ATOM   925  H H    . GLN B 2 78  ? -5.215  8.645   -10.723 1.00 0.00   ? 101 GLN B H    1 
ATOM   926  H HE21 . GLN B 2 78  ? -7.646  6.105   -6.067  1.00 0.00   ? 101 GLN B HE21 1 
ATOM   927  H HE22 . GLN B 2 78  ? -8.804  4.863   -6.381  1.00 0.00   ? 101 GLN B HE22 1 
ATOM   928  N N    . ALA B 2 79  ? -6.725  4.752   -10.110 1.00 25.11  ? 102 ALA B N    1 
ATOM   929  C CA   . ALA B 2 79  ? -6.954  3.589   -10.954 1.00 23.69  ? 102 ALA B CA   1 
ATOM   930  C C    . ALA B 2 79  ? -7.599  2.447   -10.175 1.00 23.38  ? 102 ALA B C    1 
ATOM   931  O O    . ALA B 2 79  ? -7.770  2.516   -8.957  1.00 23.09  ? 102 ALA B O    1 
ATOM   932  C CB   . ALA B 2 79  ? -5.627  3.122   -11.558 1.00 23.93  ? 102 ALA B CB   1 
ATOM   933  H H    . ALA B 2 79  ? -6.911  4.690   -9.150  1.00 0.00   ? 102 ALA B H    1 
ATOM   934  N N    . ASN B 2 80  ? -7.959  1.394   -10.896 1.00 23.87  ? 103 ASN B N    1 
ATOM   935  C CA   . ASN B 2 80  ? -8.567  0.220   -10.297 1.00 23.04  ? 103 ASN B CA   1 
ATOM   936  C C    . ASN B 2 80  ? -7.786  -0.997  -10.744 1.00 22.80  ? 103 ASN B C    1 
ATOM   937  O O    . ASN B 2 80  ? -7.738  -1.310  -11.923 1.00 25.26  ? 103 ASN B O    1 
ATOM   938  C CB   . ASN B 2 80  ? -10.019 0.088   -10.744 1.00 23.28  ? 103 ASN B CB   1 
ATOM   939  C CG   . ASN B 2 80  ? -10.850 1.283   -10.344 1.00 29.67  ? 103 ASN B CG   1 
ATOM   940  O OD1  . ASN B 2 80  ? -11.551 1.255   -9.337  1.00 33.34  ? 103 ASN B OD1  1 
ATOM   941  N ND2  . ASN B 2 80  ? -10.769 2.350   -11.130 1.00 36.76  ? 103 ASN B ND2  1 
ATOM   942  H H    . ASN B 2 80  ? -7.812  1.406   -11.866 1.00 0.00   ? 103 ASN B H    1 
ATOM   943  H HD21 . ASN B 2 80  ? -10.223 2.285   -11.940 1.00 0.00   ? 103 ASN B HD21 1 
ATOM   944  H HD22 . ASN B 2 80  ? -11.260 3.158   -10.863 1.00 0.00   ? 103 ASN B HD22 1 
ATOM   945  N N    . LYS B 2 81  ? -7.149  -1.674  -9.805  1.00 22.68  ? 104 LYS B N    1 
ATOM   946  C CA   . LYS B 2 81  ? -6.400  -2.862  -10.157 1.00 21.50  ? 104 LYS B CA   1 
ATOM   947  C C    . LYS B 2 81  ? -6.410  -3.888  -9.043  1.00 20.27  ? 104 LYS B C    1 
ATOM   948  O O    . LYS B 2 81  ? -6.862  -3.620  -7.932  1.00 18.42  ? 104 LYS B O    1 
ATOM   949  C CB   . LYS B 2 81  ? -4.950  -2.518  -10.505 1.00 26.01  ? 104 LYS B CB   1 
ATOM   950  C CG   . LYS B 2 81  ? -4.450  -1.186  -10.006 1.00 28.69  ? 104 LYS B CG   1 
ATOM   951  C CD   . LYS B 2 81  ? -3.406  -0.620  -10.970 1.00 36.99  ? 104 LYS B CD   1 
ATOM   952  C CE   . LYS B 2 81  ? -2.088  -0.326  -10.263 1.00 38.53  ? 104 LYS B CE   1 
ATOM   953  N NZ   . LYS B 2 81  ? -0.899  -0.639  -11.108 1.00 41.64  ? 104 LYS B NZ   1 
ATOM   954  H H    . LYS B 2 81  ? -7.184  -1.372  -8.874  1.00 0.00   ? 104 LYS B H    1 
ATOM   955  H HZ1  . LYS B 2 81  ? -0.167  0.069   -10.891 1.00 0.00   ? 104 LYS B HZ1  1 
ATOM   956  H HZ2  . LYS B 2 81  ? -1.134  -0.582  -12.117 1.00 0.00   ? 104 LYS B HZ2  1 
ATOM   957  H HZ3  . LYS B 2 81  ? -0.528  -1.579  -10.879 1.00 0.00   ? 104 LYS B HZ3  1 
ATOM   958  N N    . HIS B 2 82  ? -5.924  -5.079  -9.373  1.00 17.48  ? 105 HIS B N    1 
ATOM   959  C CA   . HIS B 2 82  ? -5.833  -6.161  -8.420  1.00 16.30  ? 105 HIS B CA   1 
ATOM   960  C C    . HIS B 2 82  ? -4.651  -5.835  -7.542  1.00 18.76  ? 105 HIS B C    1 
ATOM   961  O O    . HIS B 2 82  ? -3.651  -5.304  -8.020  1.00 20.92  ? 105 HIS B O    1 
ATOM   962  C CB   . HIS B 2 82  ? -5.567  -7.473  -9.143  1.00 17.41  ? 105 HIS B CB   1 
ATOM   963  C CG   . HIS B 2 82  ? -6.622  -7.832  -10.138 1.00 18.04  ? 105 HIS B CG   1 
ATOM   964  N ND1  . HIS B 2 82  ? -6.633  -7.336  -11.422 1.00 17.25  ? 105 HIS B ND1  1 
ATOM   965  C CD2  . HIS B 2 82  ? -7.701  -8.643  -10.040 1.00 18.66  ? 105 HIS B CD2  1 
ATOM   966  C CE1  . HIS B 2 82  ? -7.671  -7.826  -12.075 1.00 22.62  ? 105 HIS B CE1  1 
ATOM   967  N NE2  . HIS B 2 82  ? -8.336  -8.623  -11.257 1.00 20.97  ? 105 HIS B NE2  1 
ATOM   968  H H    . HIS B 2 82  ? -5.621  -5.223  -10.297 1.00 0.00   ? 105 HIS B H    1 
ATOM   969  H HD1  . HIS B 2 82  ? -5.973  -6.715  -11.795 1.00 0.00   ? 105 HIS B HD1  1 
ATOM   970  H HE2  . HIS B 2 82  ? -9.149  -9.121  -11.482 1.00 0.00   ? 105 HIS B HE2  1 
ATOM   971  N N    . ILE B 2 83  ? -4.758  -6.137  -6.256  1.00 17.08  ? 106 ILE B N    1 
ATOM   972  C CA   . ILE B 2 83  ? -3.649  -5.881  -5.356  1.00 16.01  ? 106 ILE B CA   1 
ATOM   973  C C    . ILE B 2 83  ? -3.057  -7.224  -4.953  1.00 17.26  ? 106 ILE B C    1 
ATOM   974  O O    . ILE B 2 83  ? -3.757  -8.240  -4.921  1.00 19.65  ? 106 ILE B O    1 
ATOM   975  C CB   . ILE B 2 83  ? -4.100  -5.120  -4.094  1.00 16.66  ? 106 ILE B CB   1 
ATOM   976  C CG1  . ILE B 2 83  ? -5.081  -5.975  -3.291  1.00 20.00  ? 106 ILE B CG1  1 
ATOM   977  C CG2  . ILE B 2 83  ? -4.713  -3.786  -4.494  1.00 16.84  ? 106 ILE B CG2  1 
ATOM   978  C CD1  . ILE B 2 83  ? -5.256  -5.546  -1.855  1.00 19.36  ? 106 ILE B CD1  1 
ATOM   979  H H    . ILE B 2 83  ? -5.583  -6.534  -5.913  1.00 0.00   ? 106 ILE B H    1 
ATOM   980  N N    . ILE B 2 84  ? -1.759  -7.233  -4.685  1.00 16.75  ? 107 ILE B N    1 
ATOM   981  C CA   . ILE B 2 84  ? -1.071  -8.444  -4.281  1.00 15.57  ? 107 ILE B CA   1 
ATOM   982  C C    . ILE B 2 84  ? -0.461  -8.094  -2.942  1.00 16.44  ? 107 ILE B C    1 
ATOM   983  O O    . ILE B 2 84  ? 0.292   -7.127  -2.833  1.00 15.40  ? 107 ILE B O    1 
ATOM   984  C CB   . ILE B 2 84  ? 0.064   -8.826  -5.274  1.00 19.31  ? 107 ILE B CB   1 
ATOM   985  C CG1  . ILE B 2 84  ? -0.527  -9.371  -6.572  1.00 18.07  ? 107 ILE B CG1  1 
ATOM   986  C CG2  . ILE B 2 84  ? 0.967   -9.891  -4.656  1.00 15.97  ? 107 ILE B CG2  1 
ATOM   987  C CD1  . ILE B 2 84  ? -0.512  -8.393  -7.703  1.00 23.59  ? 107 ILE B CD1  1 
ATOM   988  H H    . ILE B 2 84  ? -1.253  -6.400  -4.762  1.00 0.00   ? 107 ILE B H    1 
ATOM   989  N N    . VAL B 2 85  ? -0.801  -8.869  -1.920  1.00 18.29  ? 108 VAL B N    1 
ATOM   990  C CA   . VAL B 2 85  ? -0.281  -8.628  -0.584  1.00 18.22  ? 108 VAL B CA   1 
ATOM   991  C C    . VAL B 2 85  ? 0.357   -9.894  -0.030  1.00 15.21  ? 108 VAL B C    1 
ATOM   992  O O    . VAL B 2 85  ? -0.016  -10.996 -0.424  1.00 17.66  ? 108 VAL B O    1 
ATOM   993  C CB   . VAL B 2 85  ? -1.411  -8.197  0.376   1.00 19.17  ? 108 VAL B CB   1 
ATOM   994  C CG1  . VAL B 2 85  ? -1.981  -6.870  -0.061  1.00 24.40  ? 108 VAL B CG1  1 
ATOM   995  C CG2  . VAL B 2 85  ? -2.507  -9.246  0.399   1.00 22.79  ? 108 VAL B CG2  1 
ATOM   996  H H    . VAL B 2 85  ? -1.414  -9.619  -2.071  1.00 0.00   ? 108 VAL B H    1 
ATOM   997  N N    . ALA B 2 86  ? 1.329   -9.736  0.864   1.00 11.71  ? 109 ALA B N    1 
ATOM   998  C CA   . ALA B 2 86  ? 1.968   -10.879 1.502   1.00 12.12  ? 109 ALA B CA   1 
ATOM   999  C C    . ALA B 2 86  ? 1.303   -10.974 2.861   1.00 16.18  ? 109 ALA B C    1 
ATOM   1000 O O    . ALA B 2 86  ? 1.144   -9.967  3.538   1.00 16.79  ? 109 ALA B O    1 
ATOM   1001 C CB   . ALA B 2 86  ? 3.452   -10.637 1.679   1.00 14.46  ? 109 ALA B CB   1 
ATOM   1002 H H    . ALA B 2 86  ? 1.629   -8.833  1.104   1.00 0.00   ? 109 ALA B H    1 
ATOM   1003 N N    . CYS B 2 87  ? 0.915   -12.172 3.265   1.00 17.65  ? 110 CYS B N    1 
ATOM   1004 C CA   . CYS B 2 87  ? 0.265   -12.342 4.551   1.00 19.18  ? 110 CYS B CA   1 
ATOM   1005 C C    . CYS B 2 87  ? 1.081   -13.152 5.540   1.00 22.79  ? 110 CYS B C    1 
ATOM   1006 O O    . CYS B 2 87  ? 1.842   -14.042 5.172   1.00 25.80  ? 110 CYS B O    1 
ATOM   1007 C CB   . CYS B 2 87  ? -1.096  -12.987 4.351   1.00 17.07  ? 110 CYS B CB   1 
ATOM   1008 S SG   . CYS B 2 87  ? -2.060  -12.161 3.051   1.00 21.98  ? 110 CYS B SG   1 
ATOM   1009 H H    . CYS B 2 87  ? 1.064   -12.954 2.695   1.00 0.00   ? 110 CYS B H    1 
ATOM   1010 N N    . GLU B 2 88  ? 0.910   -12.827 6.811   1.00 27.89  ? 111 GLU B N    1 
ATOM   1011 C CA   . GLU B 2 88  ? 1.626   -13.505 7.872   1.00 32.42  ? 111 GLU B CA   1 
ATOM   1012 C C    . GLU B 2 88  ? 0.849   -13.333 9.164   1.00 34.52  ? 111 GLU B C    1 
ATOM   1013 O O    . GLU B 2 88  ? -0.024  -12.471 9.267   1.00 33.37  ? 111 GLU B O    1 
ATOM   1014 C CB   . GLU B 2 88  ? 3.019   -12.895 8.051   1.00 37.28  ? 111 GLU B CB   1 
ATOM   1015 C CG   . GLU B 2 88  ? 4.029   -13.277 6.974   1.00 44.14  ? 111 GLU B CG   1 
ATOM   1016 C CD   . GLU B 2 88  ? 5.371   -12.567 7.138   1.00 47.99  ? 111 GLU B CD   1 
ATOM   1017 O OE1  . GLU B 2 88  ? 6.053   -12.336 6.110   1.00 52.07  ? 111 GLU B OE1  1 
ATOM   1018 O OE2  . GLU B 2 88  ? 5.743   -12.240 8.291   1.00 47.84  ? 111 GLU B OE2  1 
ATOM   1019 H H    . GLU B 2 88  ? 0.284   -12.108 7.037   1.00 0.00   ? 111 GLU B H    1 
ATOM   1020 N N    . GLY B 2 89  ? 1.169   -14.170 10.145  1.00 37.47  ? 112 GLY B N    1 
ATOM   1021 C CA   . GLY B 2 89  ? 0.525   -14.082 11.438  1.00 35.07  ? 112 GLY B CA   1 
ATOM   1022 C C    . GLY B 2 89  ? -0.763  -14.854 11.593  1.00 36.03  ? 112 GLY B C    1 
ATOM   1023 O O    . GLY B 2 89  ? -1.157  -15.642 10.728  1.00 36.23  ? 112 GLY B O    1 
ATOM   1024 H H    . GLY B 2 89  ? 1.850   -14.857 9.993   1.00 0.00   ? 112 GLY B H    1 
ATOM   1025 N N    . ASN B 2 90  ? -1.408  -14.606 12.728  1.00 37.21  ? 113 ASN B N    1 
ATOM   1026 C CA   . ASN B 2 90  ? -2.672  -15.227 13.096  1.00 40.52  ? 113 ASN B CA   1 
ATOM   1027 C C    . ASN B 2 90  ? -3.405  -14.182 13.931  1.00 40.13  ? 113 ASN B C    1 
ATOM   1028 O O    . ASN B 2 90  ? -2.999  -13.873 15.051  1.00 42.95  ? 113 ASN B O    1 
ATOM   1029 C CB   . ASN B 2 90  ? -2.424  -16.486 13.926  0.38 38.68  ? 113 ASN B CB   1 
ATOM   1030 C CG   . ASN B 2 90  ? -3.703  -17.094 14.448  0.38 38.44  ? 113 ASN B CG   1 
ATOM   1031 O OD1  . ASN B 2 90  ? -4.477  -17.682 13.694  0.38 38.48  ? 113 ASN B OD1  1 
ATOM   1032 N ND2  . ASN B 2 90  ? -3.938  -16.953 15.747  0.38 38.53  ? 113 ASN B ND2  1 
ATOM   1033 H H    . ASN B 2 90  ? -1.008  -13.967 13.353  1.00 0.00   ? 113 ASN B H    1 
ATOM   1034 H HD21 . ASN B 2 90  ? -3.302  -16.422 16.272  1.00 0.00   ? 113 ASN B HD21 1 
ATOM   1035 H HD22 . ASN B 2 90  ? -4.733  -17.384 16.124  1.00 0.00   ? 113 ASN B HD22 1 
ATOM   1036 N N    . PRO B 2 91  ? -4.502  -13.627 13.396  1.00 39.07  ? 114 PRO B N    1 
ATOM   1037 C CA   . PRO B 2 91  ? -5.030  -13.970 12.072  1.00 36.60  ? 114 PRO B CA   1 
ATOM   1038 C C    . PRO B 2 91  ? -4.067  -13.684 10.930  1.00 33.05  ? 114 PRO B C    1 
ATOM   1039 O O    . PRO B 2 91  ? -3.184  -12.832 11.036  1.00 32.46  ? 114 PRO B O    1 
ATOM   1040 C CB   . PRO B 2 91  ? -6.305  -13.133 11.961  1.00 38.81  ? 114 PRO B CB   1 
ATOM   1041 C CG   . PRO B 2 91  ? -6.065  -11.973 12.882  1.00 38.10  ? 114 PRO B CG   1 
ATOM   1042 C CD   . PRO B 2 91  ? -5.284  -12.552 14.034  1.00 37.77  ? 114 PRO B CD   1 
ATOM   1043 N N    . TYR B 2 92  ? -4.252  -14.424 9.843   1.00 28.46  ? 115 TYR B N    1 
ATOM   1044 C CA   . TYR B 2 92  ? -3.451  -14.273 8.641   1.00 26.18  ? 115 TYR B CA   1 
ATOM   1045 C C    . TYR B 2 92  ? -3.869  -12.942 8.031   1.00 23.04  ? 115 TYR B C    1 
ATOM   1046 O O    . TYR B 2 92  ? -4.893  -12.860 7.359   1.00 25.81  ? 115 TYR B O    1 
ATOM   1047 C CB   . TYR B 2 92  ? -3.768  -15.415 7.673   1.00 22.76  ? 115 TYR B CB   1 
ATOM   1048 C CG   . TYR B 2 92  ? -2.648  -15.792 6.730   1.00 22.64  ? 115 TYR B CG   1 
ATOM   1049 C CD1  . TYR B 2 92  ? -1.370  -16.087 7.206   1.00 20.53  ? 115 TYR B CD1  1 
ATOM   1050 C CD2  . TYR B 2 92  ? -2.882  -15.908 5.362   1.00 20.85  ? 115 TYR B CD2  1 
ATOM   1051 C CE1  . TYR B 2 92  ? -0.358  -16.490 6.335   1.00 22.49  ? 115 TYR B CE1  1 
ATOM   1052 C CE2  . TYR B 2 92  ? -1.882  -16.309 4.492   1.00 21.20  ? 115 TYR B CE2  1 
ATOM   1053 C CZ   . TYR B 2 92  ? -0.628  -16.600 4.980   1.00 23.38  ? 115 TYR B CZ   1 
ATOM   1054 O OH   . TYR B 2 92  ? 0.353   -17.020 4.114   1.00 27.01  ? 115 TYR B OH   1 
ATOM   1055 H H    . TYR B 2 92  ? -4.959  -15.101 9.848   1.00 0.00   ? 115 TYR B H    1 
ATOM   1056 H HH   . TYR B 2 92  ? -0.026  -17.181 3.248   1.00 0.00   ? 115 TYR B HH   1 
ATOM   1057 N N    . VAL B 2 93  ? -3.084  -11.902 8.274   1.00 21.45  ? 116 VAL B N    1 
ATOM   1058 C CA   . VAL B 2 93  ? -3.395  -10.573 7.761   1.00 19.84  ? 116 VAL B CA   1 
ATOM   1059 C C    . VAL B 2 93  ? -2.267  -10.041 6.894   1.00 19.92  ? 116 VAL B C    1 
ATOM   1060 O O    . VAL B 2 93  ? -1.134  -10.524 6.969   1.00 18.07  ? 116 VAL B O    1 
ATOM   1061 C CB   . VAL B 2 93  ? -3.625  -9.567  8.922   1.00 21.76  ? 116 VAL B CB   1 
ATOM   1062 C CG1  . VAL B 2 93  ? -5.011  -9.763  9.529   1.00 12.74  ? 116 VAL B CG1  1 
ATOM   1063 C CG2  . VAL B 2 93  ? -2.550  -9.753  9.989   1.00 20.75  ? 116 VAL B CG2  1 
ATOM   1064 H H    . VAL B 2 93  ? -2.274  -12.021 8.809   1.00 0.00   ? 116 VAL B H    1 
ATOM   1065 N N    . PRO B 2 94  ? -2.569  -9.039  6.049   1.00 20.87  ? 117 PRO B N    1 
ATOM   1066 C CA   . PRO B 2 94  ? -1.557  -8.444  5.169   1.00 23.01  ? 117 PRO B CA   1 
ATOM   1067 C C    . PRO B 2 94  ? -0.501  -7.683  5.986   1.00 25.91  ? 117 PRO B C    1 
ATOM   1068 O O    . PRO B 2 94  ? -0.850  -6.916  6.892   1.00 24.77  ? 117 PRO B O    1 
ATOM   1069 C CB   . PRO B 2 94  ? -2.366  -7.509  4.251   1.00 21.40  ? 117 PRO B CB   1 
ATOM   1070 C CG   . PRO B 2 94  ? -3.818  -7.855  4.480   1.00 16.71  ? 117 PRO B CG   1 
ATOM   1071 C CD   . PRO B 2 94  ? -3.894  -8.418  5.865   1.00 18.18  ? 117 PRO B CD   1 
ATOM   1072 N N    . VAL B 2 95  ? 0.776   -7.904  5.671   1.00 26.82  ? 118 VAL B N    1 
ATOM   1073 C CA   . VAL B 2 95  ? 1.874   -7.232  6.368   1.00 25.10  ? 118 VAL B CA   1 
ATOM   1074 C C    . VAL B 2 95  ? 2.734   -6.431  5.397   1.00 24.99  ? 118 VAL B C    1 
ATOM   1075 O O    . VAL B 2 95  ? 3.497   -5.563  5.808   1.00 26.32  ? 118 VAL B O    1 
ATOM   1076 C CB   . VAL B 2 95  ? 2.792   -8.243  7.087   1.00 25.61  ? 118 VAL B CB   1 
ATOM   1077 C CG1  . VAL B 2 95  ? 2.070   -8.842  8.285   1.00 20.55  ? 118 VAL B CG1  1 
ATOM   1078 C CG2  . VAL B 2 95  ? 3.230   -9.336  6.113   1.00 24.96  ? 118 VAL B CG2  1 
ATOM   1079 H H    . VAL B 2 95  ? 0.982   -8.534  4.954   1.00 0.00   ? 118 VAL B H    1 
ATOM   1080 N N    . HIS B 2 96  ? 2.601   -6.738  4.109   1.00 26.73  ? 119 HIS B N    1 
ATOM   1081 C CA   . HIS B 2 96  ? 3.361   -6.068  3.062   1.00 29.69  ? 119 HIS B CA   1 
ATOM   1082 C C    . HIS B 2 96  ? 2.547   -5.874  1.785   1.00 29.47  ? 119 HIS B C    1 
ATOM   1083 O O    . HIS B 2 96  ? 1.709   -6.708  1.443   1.00 30.03  ? 119 HIS B O    1 
ATOM   1084 C CB   . HIS B 2 96  ? 4.598   -6.892  2.703   1.00 37.12  ? 119 HIS B CB   1 
ATOM   1085 C CG   . HIS B 2 96  ? 5.772   -6.646  3.593   1.00 46.79  ? 119 HIS B CG   1 
ATOM   1086 N ND1  . HIS B 2 96  ? 6.486   -5.464  3.572   1.00 51.27  ? 119 HIS B ND1  1 
ATOM   1087 C CD2  . HIS B 2 96  ? 6.368   -7.428  4.523   1.00 48.48  ? 119 HIS B CD2  1 
ATOM   1088 C CE1  . HIS B 2 96  ? 7.469   -5.531  4.451   1.00 53.67  ? 119 HIS B CE1  1 
ATOM   1089 N NE2  . HIS B 2 96  ? 7.418   -6.714  5.044   1.00 53.93  ? 119 HIS B NE2  1 
ATOM   1090 H H    . HIS B 2 96  ? 1.966   -7.443  3.861   1.00 0.00   ? 119 HIS B H    1 
ATOM   1091 H HD1  . HIS B 2 96  ? 6.289   -4.696  2.995   1.00 0.00   ? 119 HIS B HD1  1 
ATOM   1092 H HE2  . HIS B 2 96  ? 8.031   -7.023  5.740   1.00 0.00   ? 119 HIS B HE2  1 
ATOM   1093 N N    . PHE B 2 97  ? 2.808   -4.778  1.080   1.00 26.99  ? 120 PHE B N    1 
ATOM   1094 C CA   . PHE B 2 97  ? 2.137   -4.501  -0.183  1.00 27.39  ? 120 PHE B CA   1 
ATOM   1095 C C    . PHE B 2 97  ? 3.144   -4.900  -1.253  1.00 27.79  ? 120 PHE B C    1 
ATOM   1096 O O    . PHE B 2 97  ? 4.213   -4.307  -1.343  1.00 28.06  ? 120 PHE B O    1 
ATOM   1097 C CB   . PHE B 2 97  ? 1.809   -3.016  -0.307  1.00 27.32  ? 120 PHE B CB   1 
ATOM   1098 C CG   . PHE B 2 97  ? 0.795   -2.714  -1.365  1.00 31.88  ? 120 PHE B CG   1 
ATOM   1099 C CD1  . PHE B 2 97  ? 1.190   -2.259  -2.616  1.00 35.32  ? 120 PHE B CD1  1 
ATOM   1100 C CD2  . PHE B 2 97  ? -0.558  -2.899  -1.118  1.00 32.73  ? 120 PHE B CD2  1 
ATOM   1101 C CE1  . PHE B 2 97  ? 0.251   -1.991  -3.610  1.00 37.74  ? 120 PHE B CE1  1 
ATOM   1102 C CE2  . PHE B 2 97  ? -1.507  -2.637  -2.102  1.00 33.79  ? 120 PHE B CE2  1 
ATOM   1103 C CZ   . PHE B 2 97  ? -1.101  -2.183  -3.353  1.00 36.27  ? 120 PHE B CZ   1 
ATOM   1104 H H    . PHE B 2 97  ? 3.468   -4.143  1.423   1.00 0.00   ? 120 PHE B H    1 
ATOM   1105 N N    . ASP B 2 98  ? 2.811   -5.905  -2.056  1.00 29.91  ? 121 ASP B N    1 
ATOM   1106 C CA   . ASP B 2 98  ? 3.726   -6.386  -3.087  1.00 33.40  ? 121 ASP B CA   1 
ATOM   1107 C C    . ASP B 2 98  ? 3.575   -5.718  -4.446  1.00 34.68  ? 121 ASP B C    1 
ATOM   1108 O O    . ASP B 2 98  ? 4.572   -5.489  -5.136  1.00 34.28  ? 121 ASP B O    1 
ATOM   1109 C CB   . ASP B 2 98  ? 3.593   -7.906  -3.247  1.00 34.79  ? 121 ASP B CB   1 
ATOM   1110 C CG   . ASP B 2 98  ? 4.803   -8.532  -3.932  1.00 35.08  ? 121 ASP B CG   1 
ATOM   1111 O OD1  . ASP B 2 98  ? 5.876   -8.643  -3.294  1.00 28.20  ? 121 ASP B OD1  1 
ATOM   1112 O OD2  . ASP B 2 98  ? 4.677   -8.914  -5.114  1.00 38.96  ? 121 ASP B OD2  1 
ATOM   1113 H H    . ASP B 2 98  ? 1.935   -6.329  -1.952  1.00 0.00   ? 121 ASP B H    1 
ATOM   1114 N N    . ALA B 2 99  ? 2.338   -5.417  -4.833  1.00 36.62  ? 122 ALA B N    1 
ATOM   1115 C CA   . ALA B 2 99  ? 2.082   -4.770  -6.120  1.00 35.51  ? 122 ALA B CA   1 
ATOM   1116 C C    . ALA B 2 99  ? 0.605   -4.707  -6.458  1.00 34.16  ? 122 ALA B C    1 
ATOM   1117 O O    . ALA B 2 99  ? -0.241  -5.160  -5.692  1.00 32.38  ? 122 ALA B O    1 
ATOM   1118 C CB   . ALA B 2 99  ? 2.821   -5.507  -7.234  1.00 37.16  ? 122 ALA B CB   1 
ATOM   1119 H H    . ALA B 2 99  ? 1.588   -5.636  -4.243  1.00 0.00   ? 122 ALA B H    1 
ATOM   1120 N N    . SER B 2 100 ? 0.313   -4.134  -7.620  1.00 38.30  ? 123 SER B N    1 
ATOM   1121 C CA   . SER B 2 100 ? -1.049  -4.017  -8.118  1.00 43.29  ? 123 SER B CA   1 
ATOM   1122 C C    . SER B 2 100 ? -1.017  -4.190  -9.635  1.00 45.02  ? 123 SER B C    1 
ATOM   1123 O O    . SER B 2 100 ? -0.317  -3.453  -10.329 1.00 49.71  ? 123 SER B O    1 
ATOM   1124 C CB   . SER B 2 100 ? -1.638  -2.651  -7.760  1.00 44.10  ? 123 SER B CB   1 
ATOM   1125 O OG   . SER B 2 100 ? -0.698  -1.615  -7.970  1.00 48.14  ? 123 SER B OG   1 
ATOM   1126 H H    . SER B 2 100 ? 1.050   -3.775  -8.159  1.00 0.00   ? 123 SER B H    1 
ATOM   1127 H HG   . SER B 2 100 ? -0.500  -1.563  -8.908  1.00 0.00   ? 123 SER B HG   1 
ATOM   1128 N N    . VAL B 2 101 ? -1.758  -5.171  -10.146 1.00 45.04  ? 124 VAL B N    1 
ATOM   1129 C CA   . VAL B 2 101 ? -1.806  -5.431  -11.582 1.00 45.44  ? 124 VAL B CA   1 
ATOM   1130 C C    . VAL B 2 101 ? -3.043  -4.798  -12.232 1.00 46.35  ? 124 VAL B C    1 
ATOM   1131 O O    . VAL B 2 101 ? -4.146  -5.380  -12.163 1.00 49.30  ? 124 VAL B O    1 
ATOM   1132 C CB   . VAL B 2 101 ? -1.765  -6.969  -11.882 1.00 46.04  ? 124 VAL B CB   1 
ATOM   1133 C CG1  . VAL B 2 101 ? -2.570  -7.731  -10.848 1.00 45.21  ? 124 VAL B CG1  1 
ATOM   1134 C CG2  . VAL B 2 101 ? -2.292  -7.259  -13.284 1.00 47.68  ? 124 VAL B CG2  1 
ATOM   1135 O OXT  . VAL B 2 101 ? -2.889  -3.701  -12.807 1.00 47.58  ? 124 VAL B OXT  1 
ATOM   1136 H H    . VAL B 2 101 ? -2.284  -5.731  -9.539  1.00 0.00   ? 124 VAL B H    1 
HETATM 1137 S S    . SO4 C 3 .   ? 5.361   -2.253  2.505   1.00 73.37  ? 125 SO4 B S    1 
HETATM 1138 O O1   . SO4 C 3 .   ? 5.814   -0.964  2.027   1.00 79.96  ? 125 SO4 B O1   1 
HETATM 1139 O O2   . SO4 C 3 .   ? 6.246   -2.731  3.544   1.00 77.65  ? 125 SO4 B O2   1 
HETATM 1140 O O3   . SO4 C 3 .   ? 5.368   -3.191  1.412   1.00 76.68  ? 125 SO4 B O3   1 
HETATM 1141 O O4   . SO4 C 3 .   ? 4.018   -2.157  3.009   1.00 74.55  ? 125 SO4 B O4   1 
HETATM 1142 O O    . HOH D 4 .   ? 0.329   3.114   14.124  1.00 100.00 ? 202 HOH A O    1 
HETATM 1143 H H1   . HOH D 4 .   ? 1.282   3.179   14.198  1.00 0.00   ? 202 HOH A H1   1 
HETATM 1144 H H2   . HOH D 4 .   ? 0.162   3.111   13.183  1.00 0.00   ? 202 HOH A H2   1 
HETATM 1145 O O    . HOH D 4 .   ? -6.813  -3.856  12.053  1.00 34.51  ? 218 HOH A O    1 
HETATM 1146 H H1   . HOH D 4 .   ? -6.402  -4.651  11.713  1.00 0.00   ? 218 HOH A H1   1 
HETATM 1147 H H2   . HOH D 4 .   ? -7.602  -3.746  11.526  1.00 0.00   ? 218 HOH A H2   1 
HETATM 1148 O O    . HOH D 4 .   ? -4.545  -6.421  11.697  1.00 47.54  ? 222 HOH A O    1 
HETATM 1149 H H1   . HOH D 4 .   ? -4.214  -7.278  11.434  1.00 0.00   ? 222 HOH A H1   1 
HETATM 1150 H H2   . HOH D 4 .   ? -5.046  -6.588  12.494  1.00 0.00   ? 222 HOH A H2   1 
HETATM 1151 O O    . HOH D 4 .   ? 2.665   -7.968  13.239  1.00 45.35  ? 223 HOH A O    1 
HETATM 1152 H H1   . HOH D 4 .   ? 3.230   -8.050  12.473  1.00 0.00   ? 223 HOH A H1   1 
HETATM 1153 H H2   . HOH D 4 .   ? 2.557   -8.864  13.558  1.00 0.00   ? 223 HOH A H2   1 
HETATM 1154 O O    . HOH D 4 .   ? 0.429   -1.172  16.976  1.00 52.70  ? 227 HOH A O    1 
HETATM 1155 H H1   . HOH D 4 .   ? 0.949   -1.920  17.265  1.00 0.00   ? 227 HOH A H1   1 
HETATM 1156 H H2   . HOH D 4 .   ? 1.076   -0.524  16.696  1.00 0.00   ? 227 HOH A H2   1 
HETATM 1157 O O    . HOH D 4 .   ? -10.065 9.655   1.518   1.00 27.29  ? 230 HOH A O    1 
HETATM 1158 H H1   . HOH D 4 .   ? -9.236  9.875   1.097   1.00 0.00   ? 230 HOH A H1   1 
HETATM 1159 H H2   . HOH D 4 .   ? -9.991  10.010  2.405   1.00 0.00   ? 230 HOH A H2   1 
HETATM 1160 O O    . HOH D 4 .   ? 10.326  0.732   3.722   1.00 67.25  ? 236 HOH A O    1 
HETATM 1161 H H1   . HOH D 4 .   ? 11.214  0.392   3.830   1.00 0.00   ? 236 HOH A H1   1 
HETATM 1162 H H2   . HOH D 4 .   ? 10.385  1.645   4.005   1.00 0.00   ? 236 HOH A H2   1 
HETATM 1163 O O    . HOH D 4 .   ? 4.951   -7.940  14.484  1.00 37.22  ? 247 HOH A O    1 
HETATM 1164 H H1   . HOH D 4 .   ? 4.220   -7.651  15.032  1.00 0.00   ? 247 HOH A H1   1 
HETATM 1165 H H2   . HOH D 4 .   ? 4.796   -7.522  13.638  1.00 0.00   ? 247 HOH A H2   1 
HETATM 1166 O O    . HOH D 4 .   ? 5.874   4.396   13.383  1.00 48.69  ? 259 HOH A O    1 
HETATM 1167 H H1   . HOH D 4 .   ? 5.531   4.136   14.237  1.00 0.00   ? 259 HOH A H1   1 
HETATM 1168 H H2   . HOH D 4 .   ? 5.169   4.195   12.768  1.00 0.00   ? 259 HOH A H2   1 
HETATM 1169 O O    . HOH E 4 .   ? 0.453   -9.927  11.206  1.00 54.31  ? 201 HOH B O    1 
HETATM 1170 H H1   . HOH E 4 .   ? 0.686   -9.517  10.374  1.00 0.00   ? 201 HOH B H1   1 
HETATM 1171 H H2   . HOH E 4 .   ? -0.484  -9.758  11.305  1.00 0.00   ? 201 HOH B H2   1 
HETATM 1172 O O    . HOH E 4 .   ? -3.658  -4.951  7.302   1.00 56.40  ? 203 HOH B O    1 
HETATM 1173 H H1   . HOH E 4 .   ? -4.391  -4.343  7.440   1.00 0.00   ? 203 HOH B H1   1 
HETATM 1174 H H2   . HOH E 4 .   ? -3.608  -5.009  6.345   1.00 0.00   ? 203 HOH B H2   1 
HETATM 1175 O O    . HOH E 4 .   ? 1.660   8.719   -9.728  1.00 8.73   ? 205 HOH B O    1 
HETATM 1176 H H1   . HOH E 4 .   ? 2.421   8.192   -9.484  1.00 0.00   ? 205 HOH B H1   1 
HETATM 1177 H H2   . HOH E 4 .   ? 2.031   9.572   -9.968  1.00 0.00   ? 205 HOH B H2   1 
HETATM 1178 O O    . HOH E 4 .   ? 14.945  12.088  2.590   1.00 45.58  ? 206 HOH B O    1 
HETATM 1179 H H1   . HOH E 4 .   ? 14.736  11.763  1.713   1.00 0.00   ? 206 HOH B H1   1 
HETATM 1180 H H2   . HOH E 4 .   ? 14.096  12.253  2.997   1.00 0.00   ? 206 HOH B H2   1 
HETATM 1181 O O    . HOH E 4 .   ? 2.009   11.741  11.427  1.00 17.76  ? 207 HOH B O    1 
HETATM 1182 H H1   . HOH E 4 .   ? 1.762   11.847  12.347  1.00 0.00   ? 207 HOH B H1   1 
HETATM 1183 H H2   . HOH E 4 .   ? 1.708   10.860  11.203  1.00 0.00   ? 207 HOH B H2   1 
HETATM 1184 O O    . HOH E 4 .   ? -11.684 1.146   11.132  1.00 45.25  ? 209 HOH B O    1 
HETATM 1185 H H1   . HOH E 4 .   ? -11.198 1.727   10.545  1.00 0.00   ? 209 HOH B H1   1 
HETATM 1186 H H2   . HOH E 4 .   ? -12.476 0.924   10.645  1.00 0.00   ? 209 HOH B H2   1 
HETATM 1187 O O    . HOH E 4 .   ? -11.293 -9.230  -4.578  1.00 22.09  ? 210 HOH B O    1 
HETATM 1188 H H1   . HOH E 4 .   ? -11.957 -9.828  -4.234  1.00 0.00   ? 210 HOH B H1   1 
HETATM 1189 H H2   . HOH E 4 .   ? -11.362 -8.452  -4.023  1.00 0.00   ? 210 HOH B H2   1 
HETATM 1190 O O    . HOH E 4 .   ? -0.208  16.123  11.070  1.00 37.26  ? 211 HOH B O    1 
HETATM 1191 H H1   . HOH E 4 .   ? -0.663  16.022  10.233  1.00 0.00   ? 211 HOH B H1   1 
HETATM 1192 H H2   . HOH E 4 .   ? -0.251  15.254  11.472  1.00 0.00   ? 211 HOH B H2   1 
HETATM 1193 O O    . HOH E 4 .   ? 4.633   -3.668  7.232   1.00 24.26  ? 212 HOH B O    1 
HETATM 1194 H H1   . HOH E 4 .   ? 4.093   -3.488  6.464   1.00 0.00   ? 212 HOH B H1   1 
HETATM 1195 H H2   . HOH E 4 .   ? 4.978   -2.812  7.487   1.00 0.00   ? 212 HOH B H2   1 
HETATM 1196 O O    . HOH E 4 .   ? -14.268 -0.068  7.385   1.00 25.85  ? 213 HOH B O    1 
HETATM 1197 H H1   . HOH E 4 .   ? -14.117 -0.176  6.445   1.00 0.00   ? 213 HOH B H1   1 
HETATM 1198 H H2   . HOH E 4 .   ? -15.101 -0.507  7.547   1.00 0.00   ? 213 HOH B H2   1 
HETATM 1199 O O    . HOH E 4 .   ? -14.811 -2.061  0.118   1.00 26.94  ? 214 HOH B O    1 
HETATM 1200 H H1   . HOH E 4 .   ? -15.681 -2.449  0.200   1.00 0.00   ? 214 HOH B H1   1 
HETATM 1201 H H2   . HOH E 4 .   ? -14.498 -1.979  1.019   1.00 0.00   ? 214 HOH B H2   1 
HETATM 1202 O O    . HOH E 4 .   ? 4.116   -1.709  5.417   1.00 30.31  ? 215 HOH B O    1 
HETATM 1203 H H1   . HOH E 4 .   ? 3.729   -0.908  5.770   1.00 0.00   ? 215 HOH B H1   1 
HETATM 1204 H H2   . HOH E 4 .   ? 4.667   -1.405  4.695   1.00 0.00   ? 215 HOH B H2   1 
HETATM 1205 O O    . HOH E 4 .   ? -11.744 -8.888  -1.156  1.00 14.80  ? 216 HOH B O    1 
HETATM 1206 H H1   . HOH E 4 .   ? -12.087 -9.603  -0.623  1.00 0.00   ? 216 HOH B H1   1 
HETATM 1207 H H2   . HOH E 4 .   ? -12.513 -8.362  -1.378  1.00 0.00   ? 216 HOH B H2   1 
HETATM 1208 O O    . HOH E 4 .   ? 3.551   1.196   -2.299  1.00 18.55  ? 217 HOH B O    1 
HETATM 1209 H H1   . HOH E 4 .   ? 3.411   0.775   -3.146  1.00 0.00   ? 217 HOH B H1   1 
HETATM 1210 H H2   . HOH E 4 .   ? 4.019   2.007   -2.507  1.00 0.00   ? 217 HOH B H2   1 
HETATM 1211 O O    . HOH E 4 .   ? -13.576 -8.804  -3.711  1.00 51.61  ? 220 HOH B O    1 
HETATM 1212 H H1   . HOH E 4 .   ? -13.819 -7.892  -3.864  1.00 0.00   ? 220 HOH B H1   1 
HETATM 1213 H H2   . HOH E 4 .   ? -12.783 -8.748  -3.176  1.00 0.00   ? 220 HOH B H2   1 
HETATM 1214 O O    . HOH E 4 .   ? -16.664 -4.371  5.645   1.00 34.96  ? 221 HOH B O    1 
HETATM 1215 H H1   . HOH E 4 .   ? -16.098 -5.136  5.730   1.00 0.00   ? 221 HOH B H1   1 
HETATM 1216 H H2   . HOH E 4 .   ? -16.121 -3.637  5.931   1.00 0.00   ? 221 HOH B H2   1 
HETATM 1217 O O    . HOH E 4 .   ? -0.878  15.208  -9.037  1.00 48.69  ? 225 HOH B O    1 
HETATM 1218 H H1   . HOH E 4 .   ? -0.767  15.370  -9.974  1.00 0.00   ? 225 HOH B H1   1 
HETATM 1219 H H2   . HOH E 4 .   ? -1.491  15.882  -8.746  1.00 0.00   ? 225 HOH B H2   1 
HETATM 1220 O O    . HOH E 4 .   ? -1.482  -11.012 12.872  1.00 36.64  ? 226 HOH B O    1 
HETATM 1221 H H1   . HOH E 4 .   ? -0.553  -11.152 13.055  1.00 0.00   ? 226 HOH B H1   1 
HETATM 1222 H H2   . HOH E 4 .   ? -1.887  -11.868 13.016  1.00 0.00   ? 226 HOH B H2   1 
HETATM 1223 O O    . HOH E 4 .   ? 15.081  14.149  -0.310  1.00 28.39  ? 228 HOH B O    1 
HETATM 1224 H H1   . HOH E 4 .   ? 14.216  14.309  0.065   1.00 0.00   ? 228 HOH B H1   1 
HETATM 1225 H H2   . HOH E 4 .   ? 15.399  13.369  0.144   1.00 0.00   ? 228 HOH B H2   1 
HETATM 1226 O O    . HOH E 4 .   ? 17.525  14.368  0.191   1.00 64.79  ? 231 HOH B O    1 
HETATM 1227 H H1   . HOH E 4 .   ? 17.451  14.706  -0.701  1.00 0.00   ? 231 HOH B H1   1 
HETATM 1228 H H2   . HOH E 4 .   ? 16.789  14.762  0.660   1.00 0.00   ? 231 HOH B H2   1 
HETATM 1229 O O    . HOH E 4 .   ? 13.276  13.089  -7.126  1.00 23.89  ? 232 HOH B O    1 
HETATM 1230 H H1   . HOH E 4 .   ? 12.585  12.689  -7.658  1.00 0.00   ? 232 HOH B H1   1 
HETATM 1231 H H2   . HOH E 4 .   ? 12.916  13.938  -6.871  1.00 0.00   ? 232 HOH B H2   1 
HETATM 1232 O O    . HOH E 4 .   ? 13.887  13.389  -2.643  1.00 31.01  ? 233 HOH B O    1 
HETATM 1233 H H1   . HOH E 4 .   ? 13.512  14.150  -3.086  1.00 0.00   ? 233 HOH B H1   1 
HETATM 1234 H H2   . HOH E 4 .   ? 14.495  13.015  -3.283  1.00 0.00   ? 233 HOH B H2   1 
HETATM 1235 O O    . HOH E 4 .   ? 4.500   15.046  1.586   1.00 27.88  ? 235 HOH B O    1 
HETATM 1236 H H1   . HOH E 4 .   ? 4.355   15.834  2.110   1.00 0.00   ? 235 HOH B H1   1 
HETATM 1237 H H2   . HOH E 4 .   ? 3.647   14.872  1.185   1.00 0.00   ? 235 HOH B H2   1 
HETATM 1238 O O    . HOH E 4 .   ? -5.084  -18.461 3.296   1.00 39.15  ? 237 HOH B O    1 
HETATM 1239 H H1   . HOH E 4 .   ? -5.608  -18.775 2.558   1.00 0.00   ? 237 HOH B H1   1 
HETATM 1240 H H2   . HOH E 4 .   ? -5.665  -18.547 4.054   1.00 0.00   ? 237 HOH B H2   1 
HETATM 1241 O O    . HOH E 4 .   ? -13.198 -5.656  -4.524  1.00 53.42  ? 239 HOH B O    1 
HETATM 1242 H H1   . HOH E 4 .   ? -13.608 -5.779  -3.671  1.00 0.00   ? 239 HOH B H1   1 
HETATM 1243 H H2   . HOH E 4 .   ? -12.847 -4.766  -4.498  1.00 0.00   ? 239 HOH B H2   1 
HETATM 1244 O O    . HOH E 4 .   ? 0.945   0.583   -8.280  1.00 76.92  ? 240 HOH B O    1 
HETATM 1245 H H1   . HOH E 4 .   ? 1.765   0.603   -8.770  1.00 0.00   ? 240 HOH B H1   1 
HETATM 1246 H H2   . HOH E 4 .   ? 1.181   0.898   -7.406  1.00 0.00   ? 240 HOH B H2   1 
HETATM 1247 O O    . HOH E 4 .   ? 9.617   3.632   -2.010  1.00 49.09  ? 241 HOH B O    1 
HETATM 1248 H H1   . HOH E 4 .   ? 9.150   4.403   -2.327  1.00 0.00   ? 241 HOH B H1   1 
HETATM 1249 H H2   . HOH E 4 .   ? 9.809   3.826   -1.092  1.00 0.00   ? 241 HOH B H2   1 
HETATM 1250 O O    . HOH E 4 .   ? -5.530  10.107  -12.308 1.00 39.97  ? 243 HOH B O    1 
HETATM 1251 H H1   . HOH E 4 .   ? -5.381  10.254  -13.243 1.00 0.00   ? 243 HOH B H1   1 
HETATM 1252 H H2   . HOH E 4 .   ? -6.414  9.743   -12.264 1.00 0.00   ? 243 HOH B H2   1 
HETATM 1253 O O    . HOH E 4 .   ? -3.449  -9.514  13.888  1.00 73.60  ? 245 HOH B O    1 
HETATM 1254 H H1   . HOH E 4 .   ? -4.191  -10.117 13.898  1.00 0.00   ? 245 HOH B H1   1 
HETATM 1255 H H2   . HOH E 4 .   ? -3.039  -9.648  13.035  1.00 0.00   ? 245 HOH B H2   1 
HETATM 1256 O O    . HOH E 4 .   ? 14.225  10.822  -5.081  1.00 46.91  ? 250 HOH B O    1 
HETATM 1257 H H1   . HOH E 4 .   ? 15.119  10.986  -4.780  1.00 0.00   ? 250 HOH B H1   1 
HETATM 1258 H H2   . HOH E 4 .   ? 13.689  10.917  -4.291  1.00 0.00   ? 250 HOH B H2   1 
HETATM 1259 O O    . HOH E 4 .   ? 19.710  15.136  -5.700  1.00 59.45  ? 252 HOH B O    1 
HETATM 1260 H H1   . HOH E 4 .   ? 19.909  14.201  -5.638  1.00 0.00   ? 252 HOH B H1   1 
HETATM 1261 H H2   . HOH E 4 .   ? 18.851  15.164  -6.122  1.00 0.00   ? 252 HOH B H2   1 
HETATM 1262 O O    . HOH E 4 .   ? -5.235  -20.856 -4.826  1.00 39.67  ? 255 HOH B O    1 
HETATM 1263 H H1   . HOH E 4 .   ? -5.796  -21.465 -5.306  1.00 0.00   ? 255 HOH B H1   1 
HETATM 1264 H H2   . HOH E 4 .   ? -5.541  -20.907 -3.922  1.00 0.00   ? 255 HOH B H2   1 
HETATM 1265 O O    . HOH E 4 .   ? 8.277   11.417  12.079  1.00 26.23  ? 257 HOH B O    1 
HETATM 1266 H H1   . HOH E 4 .   ? 8.043   10.837  12.804  1.00 0.00   ? 257 HOH B H1   1 
HETATM 1267 H H2   . HOH E 4 .   ? 9.196   11.631  12.220  1.00 0.00   ? 257 HOH B H2   1 
HETATM 1268 O O    . HOH E 4 .   ? -1.526  14.100  -11.564 1.00 44.91  ? 260 HOH B O    1 
HETATM 1269 H H1   . HOH E 4 .   ? -1.623  15.034  -11.753 1.00 0.00   ? 260 HOH B H1   1 
HETATM 1270 H H2   . HOH E 4 .   ? -2.014  13.968  -10.752 1.00 0.00   ? 260 HOH B H2   1 
HETATM 1271 O O    . HOH E 4 .   ? 13.480  9.951   -2.297  1.00 41.39  ? 262 HOH B O    1 
HETATM 1272 H H1   . HOH E 4 .   ? 14.356  9.806   -1.937  1.00 0.00   ? 262 HOH B H1   1 
HETATM 1273 H H2   . HOH E 4 .   ? 13.404  10.902  -2.364  1.00 0.00   ? 262 HOH B H2   1 
HETATM 1274 O O    . HOH E 4 .   ? 7.188   -12.125 0.945   1.00 62.19  ? 263 HOH B O    1 
HETATM 1275 H H1   . HOH E 4 .   ? 7.560   -11.598 0.237   1.00 0.00   ? 263 HOH B H1   1 
HETATM 1276 H H2   . HOH E 4 .   ? 7.919   -12.670 1.241   1.00 0.00   ? 263 HOH B H2   1 
HETATM 1277 O O    . HOH E 4 .   ? 3.294   18.613  -6.460  1.00 84.46  ? 304 HOH B O    1 
HETATM 1278 H H1   . HOH E 4 .   ? 2.535   19.115  -6.758  1.00 0.00   ? 304 HOH B H1   1 
HETATM 1279 H H2   . HOH E 4 .   ? 3.625   19.108  -5.709  1.00 0.00   ? 304 HOH B H2   1 
# 
